data_7YLK
# 
_entry.id   7YLK 
# 
_audit_conform.dict_name       mmcif_pdbx.dic 
_audit_conform.dict_version    5.380 
_audit_conform.dict_location   http://mmcif.pdb.org/dictionaries/ascii/mmcif_pdbx.dic 
# 
loop_
_database_2.database_id 
_database_2.database_code 
_database_2.pdbx_database_accession 
_database_2.pdbx_DOI 
PDB   7YLK         pdb_00007ylk 10.2210/pdb7ylk/pdb 
WWPDB D_1300031163 ?            ?                   
# 
_pdbx_database_status.status_code                     REL 
_pdbx_database_status.status_code_sf                  REL 
_pdbx_database_status.status_code_mr                  ? 
_pdbx_database_status.entry_id                        7YLK 
_pdbx_database_status.recvd_initial_deposition_date   2022-07-26 
_pdbx_database_status.SG_entry                        N 
_pdbx_database_status.deposit_site                    PDBJ 
_pdbx_database_status.process_site                    PDBJ 
_pdbx_database_status.status_code_cs                  ? 
_pdbx_database_status.status_code_nmr_data            ? 
_pdbx_database_status.methods_development_category    ? 
_pdbx_database_status.pdb_format_compatible           Y 
# 
loop_
_audit_author.name 
_audit_author.pdbx_ordinal 
_audit_author.identifier_ORCID 
'Lee, J.H.'  1 0000-0002-1249-9369 
'Song, W.J.' 2 0000-0003-0434-2684 
# 
_citation.abstract                  ? 
_citation.abstract_id_CAS           ? 
_citation.book_id_ISBN              ? 
_citation.book_publisher            ? 
_citation.book_publisher_city       ? 
_citation.book_title                ? 
_citation.coordinate_linkage        ? 
_citation.country                   US 
_citation.database_id_Medline       ? 
_citation.details                   ? 
_citation.id                        primary 
_citation.journal_abbrev            J.Am.Chem.Soc. 
_citation.journal_id_ASTM           JACSAT 
_citation.journal_id_CSD            ? 
_citation.journal_id_ISSN           1520-5126 
_citation.journal_full              ? 
_citation.journal_issue             ? 
_citation.journal_volume            145 
_citation.language                  ? 
_citation.page_first                5211 
_citation.page_last                 5221 
_citation.title                     'Photocatalytic C-O Coupling Enzymes That Operate via Intramolecular Electron Transfer.' 
_citation.year                      2023 
_citation.database_id_CSD           ? 
_citation.pdbx_database_id_DOI      10.1021/jacs.2c12226 
_citation.pdbx_database_id_PubMed   36825656 
_citation.pdbx_database_id_patent   ? 
_citation.unpublished_flag          ? 
# 
loop_
_citation_author.citation_id 
_citation_author.name 
_citation_author.ordinal 
_citation_author.identifier_ORCID 
primary 'Lee, J.'    1 ? 
primary 'Song, W.J.' 2 ? 
# 
_cell.volume             147110.471 
_cell.length_a           33.402 
_cell.length_b           57.882 
_cell.length_c           76.090 
_cell.angle_beta         90.000 
_cell.angle_gamma        90.000 
_cell.angle_alpha        90.000 
_cell.entry_id           7YLK 
_cell.Z_PDB              4 
_cell.pdbx_unique_axis   ? 
# 
_symmetry.Int_Tables_number                19 
_symmetry.space_group_name_H-M             'P 21 21 21' 
_symmetry.space_group_name_Hall            'P 2ac 2ab' 
_symmetry.entry_id                         7YLK 
_symmetry.pdbx_full_space_group_name_H-M   ? 
_symmetry.cell_setting                     ? 
# 
loop_
_entity.id 
_entity.type 
_entity.src_method 
_entity.pdbx_description 
_entity.formula_weight 
_entity.pdbx_number_of_molecules 
_entity.pdbx_ec 
_entity.pdbx_mutation 
_entity.pdbx_fragment 
_entity.details 
1 polymer     man Myoglobin                                                                                                       
17105.807 1   ? 'H64A, H93A, H97A, V68A, R45C' ? ? 
2 non-polymer syn "delta-{1-([2,2'-bipyridin]-5-ylmethyl)pyrrolidine-2,5-dione}bis[2-(2,4-difluorophenyl)pyridine)]iridium(III)"  
839.837   1   ? ?                              ? ? 
3 non-polymer syn "lambda-{1-([2,2'-bipyridin]-5-ylmethyl)pyrrolidine-2,5-dione}bis[2-(2,4-difluorophenyl)pyridine)]iridium(III)" 
839.837   1   ? ?                              ? ? 
4 non-polymer nat 'SULFATE ION'                                                                                                   
96.063    1   ? ?                              ? ? 
5 water       nat water                                                                                                           
18.015    137 ? ?                              ? ? 
# 
_entity_poly.entity_id                      1 
_entity_poly.type                           'polypeptide(L)' 
_entity_poly.nstd_linkage                   no 
_entity_poly.nstd_monomer                   yes 
_entity_poly.pdbx_seq_one_letter_code       
;VLSEGEWQLVLHVWAKVEADVAGHGQDILIRLFKSHPETLEKFDCFKHLKTEAEMKASEDLKKAGVT(BP5)LTALGAIL
KKKGHHEAELKPLAQSAATKAKIPIKYLEFISEAIIHVLHSRHPGDFGADAQGAMNKALELFRKDIAAKYKELGYQG
;
_entity_poly.pdbx_seq_one_letter_code_can   
;VLSEGEWQLVLHVWAKVEADVAGHGQDILIRLFKSHPETLEKFDCFKHLKTEAEMKASEDLKKAGVTXLTALGAILKKKG
HHEAELKPLAQSAATKAKIPIKYLEFISEAIIHVLHSRHPGDFGADAQGAMNKALELFRKDIAAKYKELGYQG
;
_entity_poly.pdbx_strand_id                 A 
_entity_poly.pdbx_target_identifier         ? 
# 
loop_
_entity_poly_seq.entity_id 
_entity_poly_seq.num 
_entity_poly_seq.mon_id 
_entity_poly_seq.hetero 
1 1   VAL n 
1 2   LEU n 
1 3   SER n 
1 4   GLU n 
1 5   GLY n 
1 6   GLU n 
1 7   TRP n 
1 8   GLN n 
1 9   LEU n 
1 10  VAL n 
1 11  LEU n 
1 12  HIS n 
1 13  VAL n 
1 14  TRP n 
1 15  ALA n 
1 16  LYS n 
1 17  VAL n 
1 18  GLU n 
1 19  ALA n 
1 20  ASP n 
1 21  VAL n 
1 22  ALA n 
1 23  GLY n 
1 24  HIS n 
1 25  GLY n 
1 26  GLN n 
1 27  ASP n 
1 28  ILE n 
1 29  LEU n 
1 30  ILE n 
1 31  ARG n 
1 32  LEU n 
1 33  PHE n 
1 34  LYS n 
1 35  SER n 
1 36  HIS n 
1 37  PRO n 
1 38  GLU n 
1 39  THR n 
1 40  LEU n 
1 41  GLU n 
1 42  LYS n 
1 43  PHE n 
1 44  ASP n 
1 45  CYS n 
1 46  PHE n 
1 47  LYS n 
1 48  HIS n 
1 49  LEU n 
1 50  LYS n 
1 51  THR n 
1 52  GLU n 
1 53  ALA n 
1 54  GLU n 
1 55  MET n 
1 56  LYS n 
1 57  ALA n 
1 58  SER n 
1 59  GLU n 
1 60  ASP n 
1 61  LEU n 
1 62  LYS n 
1 63  LYS n 
1 64  ALA n 
1 65  GLY n 
1 66  VAL n 
1 67  THR n 
1 68  BP5 n 
1 69  LEU n 
1 70  THR n 
1 71  ALA n 
1 72  LEU n 
1 73  GLY n 
1 74  ALA n 
1 75  ILE n 
1 76  LEU n 
1 77  LYS n 
1 78  LYS n 
1 79  LYS n 
1 80  GLY n 
1 81  HIS n 
1 82  HIS n 
1 83  GLU n 
1 84  ALA n 
1 85  GLU n 
1 86  LEU n 
1 87  LYS n 
1 88  PRO n 
1 89  LEU n 
1 90  ALA n 
1 91  GLN n 
1 92  SER n 
1 93  ALA n 
1 94  ALA n 
1 95  THR n 
1 96  LYS n 
1 97  ALA n 
1 98  LYS n 
1 99  ILE n 
1 100 PRO n 
1 101 ILE n 
1 102 LYS n 
1 103 TYR n 
1 104 LEU n 
1 105 GLU n 
1 106 PHE n 
1 107 ILE n 
1 108 SER n 
1 109 GLU n 
1 110 ALA n 
1 111 ILE n 
1 112 ILE n 
1 113 HIS n 
1 114 VAL n 
1 115 LEU n 
1 116 HIS n 
1 117 SER n 
1 118 ARG n 
1 119 HIS n 
1 120 PRO n 
1 121 GLY n 
1 122 ASP n 
1 123 PHE n 
1 124 GLY n 
1 125 ALA n 
1 126 ASP n 
1 127 ALA n 
1 128 GLN n 
1 129 GLY n 
1 130 ALA n 
1 131 MET n 
1 132 ASN n 
1 133 LYS n 
1 134 ALA n 
1 135 LEU n 
1 136 GLU n 
1 137 LEU n 
1 138 PHE n 
1 139 ARG n 
1 140 LYS n 
1 141 ASP n 
1 142 ILE n 
1 143 ALA n 
1 144 ALA n 
1 145 LYS n 
1 146 TYR n 
1 147 LYS n 
1 148 GLU n 
1 149 LEU n 
1 150 GLY n 
1 151 TYR n 
1 152 GLN n 
1 153 GLY n 
# 
_entity_src_gen.entity_id                          1 
_entity_src_gen.pdbx_src_id                        1 
_entity_src_gen.pdbx_alt_source_flag               sample 
_entity_src_gen.pdbx_seq_type                      'Biological sequence' 
_entity_src_gen.pdbx_beg_seq_num                   1 
_entity_src_gen.pdbx_end_seq_num                   153 
_entity_src_gen.gene_src_common_name               'sperm whale' 
_entity_src_gen.gene_src_genus                     ? 
_entity_src_gen.pdbx_gene_src_gene                 MB 
_entity_src_gen.gene_src_species                   ? 
_entity_src_gen.gene_src_strain                    ? 
_entity_src_gen.gene_src_tissue                    ? 
_entity_src_gen.gene_src_tissue_fraction           ? 
_entity_src_gen.gene_src_details                   ? 
_entity_src_gen.pdbx_gene_src_fragment             ? 
_entity_src_gen.pdbx_gene_src_scientific_name      'Physeter catodon' 
_entity_src_gen.pdbx_gene_src_ncbi_taxonomy_id     9755 
_entity_src_gen.pdbx_gene_src_variant              ? 
_entity_src_gen.pdbx_gene_src_cell_line            ? 
_entity_src_gen.pdbx_gene_src_atcc                 ? 
_entity_src_gen.pdbx_gene_src_organ                ? 
_entity_src_gen.pdbx_gene_src_organelle            ? 
_entity_src_gen.pdbx_gene_src_cell                 ? 
_entity_src_gen.pdbx_gene_src_cellular_location    ? 
_entity_src_gen.host_org_common_name               ? 
_entity_src_gen.pdbx_host_org_scientific_name      'Escherichia coli' 
_entity_src_gen.pdbx_host_org_ncbi_taxonomy_id     562 
_entity_src_gen.host_org_genus                     ? 
_entity_src_gen.pdbx_host_org_gene                 ? 
_entity_src_gen.pdbx_host_org_organ                ? 
_entity_src_gen.host_org_species                   ? 
_entity_src_gen.pdbx_host_org_tissue               ? 
_entity_src_gen.pdbx_host_org_tissue_fraction      ? 
_entity_src_gen.pdbx_host_org_strain               ? 
_entity_src_gen.pdbx_host_org_variant              ? 
_entity_src_gen.pdbx_host_org_cell_line            ? 
_entity_src_gen.pdbx_host_org_atcc                 ? 
_entity_src_gen.pdbx_host_org_culture_collection   ? 
_entity_src_gen.pdbx_host_org_cell                 ? 
_entity_src_gen.pdbx_host_org_organelle            ? 
_entity_src_gen.pdbx_host_org_cellular_location    ? 
_entity_src_gen.pdbx_host_org_vector_type          ? 
_entity_src_gen.pdbx_host_org_vector               ? 
_entity_src_gen.host_org_details                   ? 
_entity_src_gen.expression_system_id               ? 
_entity_src_gen.plasmid_name                       ? 
_entity_src_gen.plasmid_details                    ? 
_entity_src_gen.pdbx_description                   ? 
# 
_struct_ref.id                         1 
_struct_ref.db_name                    UNP 
_struct_ref.db_code                    MYG_PHYMC 
_struct_ref.pdbx_db_accession          P02185 
_struct_ref.pdbx_db_isoform            ? 
_struct_ref.entity_id                  1 
_struct_ref.pdbx_seq_one_letter_code   
;VLSEGEWQLVLHVWAKVEADVAGHGQDILIRLFKSHPETLEKFDRFKHLKTEAEMKASEDLKKHGVTVLTALGAILKKKG
HHEAELKPLAQSHATKHKIPIKYLEFISEAIIHVLHSRHPGDFGADAQGAMNKALELFRKDIAAKYKELGYQG
;
_struct_ref.pdbx_align_begin           2 
# 
_struct_ref_seq.align_id                      1 
_struct_ref_seq.ref_id                        1 
_struct_ref_seq.pdbx_PDB_id_code              7YLK 
_struct_ref_seq.pdbx_strand_id                A 
_struct_ref_seq.seq_align_beg                 1 
_struct_ref_seq.pdbx_seq_align_beg_ins_code   ? 
_struct_ref_seq.seq_align_end                 153 
_struct_ref_seq.pdbx_seq_align_end_ins_code   ? 
_struct_ref_seq.pdbx_db_accession             P02185 
_struct_ref_seq.db_align_beg                  2 
_struct_ref_seq.pdbx_db_align_beg_ins_code    ? 
_struct_ref_seq.db_align_end                  154 
_struct_ref_seq.pdbx_db_align_end_ins_code    ? 
_struct_ref_seq.pdbx_auth_seq_align_beg       1 
_struct_ref_seq.pdbx_auth_seq_align_end       153 
# 
loop_
_struct_ref_seq_dif.align_id 
_struct_ref_seq_dif.pdbx_pdb_id_code 
_struct_ref_seq_dif.mon_id 
_struct_ref_seq_dif.pdbx_pdb_strand_id 
_struct_ref_seq_dif.seq_num 
_struct_ref_seq_dif.pdbx_pdb_ins_code 
_struct_ref_seq_dif.pdbx_seq_db_name 
_struct_ref_seq_dif.pdbx_seq_db_accession_code 
_struct_ref_seq_dif.db_mon_id 
_struct_ref_seq_dif.pdbx_seq_db_seq_num 
_struct_ref_seq_dif.details 
_struct_ref_seq_dif.pdbx_auth_seq_num 
_struct_ref_seq_dif.pdbx_ordinal 
1 7YLK CYS A 45 ? UNP P02185 ARG 46 'engineered mutation' 45 1 
1 7YLK ALA A 64 ? UNP P02185 HIS 65 'engineered mutation' 64 2 
1 7YLK BP5 A 68 ? UNP P02185 VAL 69 'engineered mutation' 68 3 
1 7YLK ALA A 93 ? UNP P02185 HIS 94 'engineered mutation' 93 4 
1 7YLK ALA A 97 ? UNP P02185 HIS 98 'engineered mutation' 97 5 
# 
loop_
_chem_comp.id 
_chem_comp.type 
_chem_comp.mon_nstd_flag 
_chem_comp.name 
_chem_comp.pdbx_synonyms 
_chem_comp.formula 
_chem_comp.formula_weight 
ALA 'L-peptide linking' y ALANINE ? 'C3 H7 N O2'            89.093  
ARG 'L-peptide linking' y ARGININE ? 'C6 H15 N4 O2 1'        175.209 
ASN 'L-peptide linking' y ASPARAGINE ? 'C4 H8 N2 O3'           132.118 
ASP 'L-peptide linking' y 'ASPARTIC ACID' ? 'C4 H7 N O4'            133.103 
BP5 'L-peptide linking' n "3-(2,2'-BIPYRIDIN-5-YL)-L-ALANINE" ? 'C13 H13 N3 O2'         243.261 
CYS 'L-peptide linking' y CYSTEINE ? 'C3 H7 N O2 S'          121.158 
GLN 'L-peptide linking' y GLUTAMINE ? 'C5 H10 N2 O3'          146.144 
GLU 'L-peptide linking' y 'GLUTAMIC ACID' ? 'C5 H9 N O4'            147.129 
GLY 'peptide linking'   y GLYCINE ? 'C2 H5 N O2'            75.067  
HIS 'L-peptide linking' y HISTIDINE ? 'C6 H10 N3 O2 1'        156.162 
HOH non-polymer         . WATER ? 'H2 O'                  18.015  
ILE 'L-peptide linking' y ISOLEUCINE ? 'C6 H13 N O2'           131.173 
IRQ non-polymer         . 
"lambda-{1-([2,2'-bipyridin]-5-ylmethyl)pyrrolidine-2,5-dione}bis[2-(2,4-difluorophenyl)pyridine)]iridium(III)" ? 
'C37 H25 F4 Ir N5 O2 3' 839.837 
KKC non-polymer         . 
"delta-{1-([2,2'-bipyridin]-5-ylmethyl)pyrrolidine-2,5-dione}bis[2-(2,4-difluorophenyl)pyridine)]iridium(III)"  ? 
'C37 H25 F4 Ir N5 O2 3' 839.837 
LEU 'L-peptide linking' y LEUCINE ? 'C6 H13 N O2'           131.173 
LYS 'L-peptide linking' y LYSINE ? 'C6 H15 N2 O2 1'        147.195 
MET 'L-peptide linking' y METHIONINE ? 'C5 H11 N O2 S'         149.211 
PHE 'L-peptide linking' y PHENYLALANINE ? 'C9 H11 N O2'           165.189 
PRO 'L-peptide linking' y PROLINE ? 'C5 H9 N O2'            115.130 
SER 'L-peptide linking' y SERINE ? 'C3 H7 N O3'            105.093 
SO4 non-polymer         . 'SULFATE ION' ? 'O4 S -2'               96.063  
THR 'L-peptide linking' y THREONINE ? 'C4 H9 N O3'            119.119 
TRP 'L-peptide linking' y TRYPTOPHAN ? 'C11 H12 N2 O2'         204.225 
TYR 'L-peptide linking' y TYROSINE ? 'C9 H11 N O3'           181.189 
VAL 'L-peptide linking' y VALINE ? 'C5 H11 N O2'           117.146 
# 
_exptl.absorpt_coefficient_mu     ? 
_exptl.absorpt_correction_T_max   ? 
_exptl.absorpt_correction_T_min   ? 
_exptl.absorpt_correction_type    ? 
_exptl.absorpt_process_details    ? 
_exptl.entry_id                   7YLK 
_exptl.crystals_number            1 
_exptl.details                    ? 
_exptl.method                     'X-RAY DIFFRACTION' 
_exptl.method_details             ? 
# 
_exptl_crystal.colour                       ? 
_exptl_crystal.density_diffrn               ? 
_exptl_crystal.density_Matthews             2.18 
_exptl_crystal.density_method               ? 
_exptl_crystal.density_percent_sol          43.54 
_exptl_crystal.description                  ? 
_exptl_crystal.F_000                        ? 
_exptl_crystal.id                           1 
_exptl_crystal.preparation                  ? 
_exptl_crystal.size_max                     ? 
_exptl_crystal.size_mid                     ? 
_exptl_crystal.size_min                     ? 
_exptl_crystal.size_rad                     ? 
_exptl_crystal.colour_lustre                ? 
_exptl_crystal.colour_modifier              ? 
_exptl_crystal.colour_primary               ? 
_exptl_crystal.density_meas                 ? 
_exptl_crystal.density_meas_esd             ? 
_exptl_crystal.density_meas_gt              ? 
_exptl_crystal.density_meas_lt              ? 
_exptl_crystal.density_meas_temp            ? 
_exptl_crystal.density_meas_temp_esd        ? 
_exptl_crystal.density_meas_temp_gt         ? 
_exptl_crystal.density_meas_temp_lt         ? 
_exptl_crystal.pdbx_crystal_image_url       ? 
_exptl_crystal.pdbx_crystal_image_format    ? 
_exptl_crystal.pdbx_mosaicity               ? 
_exptl_crystal.pdbx_mosaicity_esd           ? 
_exptl_crystal.pdbx_mosaic_method           ? 
_exptl_crystal.pdbx_mosaic_block_size       ? 
_exptl_crystal.pdbx_mosaic_block_size_esd   ? 
# 
_exptl_crystal_grow.apparatus       ? 
_exptl_crystal_grow.atmosphere      ? 
_exptl_crystal_grow.crystal_id      1 
_exptl_crystal_grow.details         ? 
_exptl_crystal_grow.method          'VAPOR DIFFUSION, SITTING DROP' 
_exptl_crystal_grow.method_ref      ? 
_exptl_crystal_grow.pH              7.5 
_exptl_crystal_grow.pressure        ? 
_exptl_crystal_grow.pressure_esd    ? 
_exptl_crystal_grow.seeding         ? 
_exptl_crystal_grow.seeding_ref     ? 
_exptl_crystal_grow.temp            295 
_exptl_crystal_grow.temp_details    ? 
_exptl_crystal_grow.temp_esd        ? 
_exptl_crystal_grow.time            ? 
_exptl_crystal_grow.pdbx_details    '3.15 M (NH4)2SO4, 100 mM Tris-HCl (pH 7.5)' 
_exptl_crystal_grow.pdbx_pH_range   ? 
# 
_diffrn.ambient_environment              ? 
_diffrn.ambient_temp                     100 
_diffrn.ambient_temp_details             ? 
_diffrn.ambient_temp_esd                 ? 
_diffrn.crystal_id                       1 
_diffrn.crystal_support                  ? 
_diffrn.crystal_treatment                ? 
_diffrn.details                          ? 
_diffrn.id                               1 
_diffrn.ambient_pressure                 ? 
_diffrn.ambient_pressure_esd             ? 
_diffrn.ambient_pressure_gt              ? 
_diffrn.ambient_pressure_lt              ? 
_diffrn.ambient_temp_gt                  ? 
_diffrn.ambient_temp_lt                  ? 
_diffrn.pdbx_serial_crystal_experiment   N 
# 
_diffrn_detector.details                      ? 
_diffrn_detector.detector                     PIXEL 
_diffrn_detector.diffrn_id                    1 
_diffrn_detector.type                         'DECTRIS EIGER X 9M' 
_diffrn_detector.area_resol_mean              ? 
_diffrn_detector.dtime                        ? 
_diffrn_detector.pdbx_frames_total            ? 
_diffrn_detector.pdbx_collection_time_total   ? 
_diffrn_detector.pdbx_collection_date         2021-11-17 
_diffrn_detector.pdbx_frequency               ? 
# 
_diffrn_radiation.collimation                      ? 
_diffrn_radiation.diffrn_id                        1 
_diffrn_radiation.filter_edge                      ? 
_diffrn_radiation.inhomogeneity                    ? 
_diffrn_radiation.monochromator                    ? 
_diffrn_radiation.polarisn_norm                    ? 
_diffrn_radiation.polarisn_ratio                   ? 
_diffrn_radiation.probe                            ? 
_diffrn_radiation.type                             ? 
_diffrn_radiation.xray_symbol                      ? 
_diffrn_radiation.wavelength_id                    1 
_diffrn_radiation.pdbx_monochromatic_or_laue_m_l   M 
_diffrn_radiation.pdbx_wavelength_list             ? 
_diffrn_radiation.pdbx_wavelength                  ? 
_diffrn_radiation.pdbx_diffrn_protocol             'SINGLE WAVELENGTH' 
_diffrn_radiation.pdbx_analyzer                    ? 
_diffrn_radiation.pdbx_scattering_type             x-ray 
# 
_diffrn_radiation_wavelength.id           1 
_diffrn_radiation_wavelength.wavelength   0.97935 
_diffrn_radiation_wavelength.wt           1.0 
# 
_diffrn_source.current                     ? 
_diffrn_source.details                     ? 
_diffrn_source.diffrn_id                   1 
_diffrn_source.power                       ? 
_diffrn_source.size                        ? 
_diffrn_source.source                      SYNCHROTRON 
_diffrn_source.target                      ? 
_diffrn_source.type                        'PAL/PLS BEAMLINE 5C (4A)' 
_diffrn_source.voltage                     ? 
_diffrn_source.take-off_angle              ? 
_diffrn_source.pdbx_wavelength_list        0.97935 
_diffrn_source.pdbx_wavelength             ? 
_diffrn_source.pdbx_synchrotron_beamline   '5C (4A)' 
_diffrn_source.pdbx_synchrotron_site       PAL/PLS 
# 
_reflns.B_iso_Wilson_estimate                          23.03 
_reflns.entry_id                                       7YLK 
_reflns.data_reduction_details                         ? 
_reflns.data_reduction_method                          ? 
_reflns.d_resolution_high                              1.63 
_reflns.d_resolution_low                               30.58 
_reflns.details                                        ? 
_reflns.limit_h_max                                    ? 
_reflns.limit_h_min                                    ? 
_reflns.limit_k_max                                    ? 
_reflns.limit_k_min                                    ? 
_reflns.limit_l_max                                    ? 
_reflns.limit_l_min                                    ? 
_reflns.number_all                                     ? 
_reflns.number_obs                                     19134 
_reflns.observed_criterion                             ? 
_reflns.observed_criterion_F_max                       ? 
_reflns.observed_criterion_F_min                       ? 
_reflns.observed_criterion_I_max                       ? 
_reflns.observed_criterion_I_min                       ? 
_reflns.observed_criterion_sigma_F                     ? 
_reflns.observed_criterion_sigma_I                     ? 
_reflns.percent_possible_obs                           99.7 
_reflns.R_free_details                                 ? 
_reflns.Rmerge_F_all                                   ? 
_reflns.Rmerge_F_obs                                   ? 
_reflns.Friedel_coverage                               ? 
_reflns.number_gt                                      ? 
_reflns.threshold_expression                           ? 
_reflns.pdbx_redundancy                                14.0 
_reflns.pdbx_Rmerge_I_obs                              ? 
_reflns.pdbx_Rmerge_I_all                              ? 
_reflns.pdbx_Rsym_value                                0.076 
_reflns.pdbx_netI_over_av_sigmaI                       ? 
_reflns.pdbx_netI_over_sigmaI                          63.6 
_reflns.pdbx_res_netI_over_av_sigmaI_2                 ? 
_reflns.pdbx_res_netI_over_sigmaI_2                    ? 
_reflns.pdbx_chi_squared                               ? 
_reflns.pdbx_scaling_rejects                           ? 
_reflns.pdbx_d_res_high_opt                            ? 
_reflns.pdbx_d_res_low_opt                             ? 
_reflns.pdbx_d_res_opt_method                          ? 
_reflns.phase_calculation_details                      ? 
_reflns.pdbx_Rrim_I_all                                ? 
_reflns.pdbx_Rpim_I_all                                ? 
_reflns.pdbx_d_opt                                     ? 
_reflns.pdbx_number_measured_all                       ? 
_reflns.pdbx_diffrn_id                                 1 
_reflns.pdbx_ordinal                                   1 
_reflns.pdbx_CC_half                                   ? 
_reflns.pdbx_CC_star                                   ? 
_reflns.pdbx_R_split                                   ? 
_reflns.pdbx_aniso_diffraction_limit_axis_1_ortho[1]   ? 
_reflns.pdbx_aniso_diffraction_limit_axis_1_ortho[2]   ? 
_reflns.pdbx_aniso_diffraction_limit_axis_1_ortho[3]   ? 
_reflns.pdbx_aniso_diffraction_limit_axis_2_ortho[1]   ? 
_reflns.pdbx_aniso_diffraction_limit_axis_2_ortho[2]   ? 
_reflns.pdbx_aniso_diffraction_limit_axis_2_ortho[3]   ? 
_reflns.pdbx_aniso_diffraction_limit_axis_3_ortho[1]   ? 
_reflns.pdbx_aniso_diffraction_limit_axis_3_ortho[2]   ? 
_reflns.pdbx_aniso_diffraction_limit_axis_3_ortho[3]   ? 
_reflns.pdbx_aniso_diffraction_limit_1                 ? 
_reflns.pdbx_aniso_diffraction_limit_2                 ? 
_reflns.pdbx_aniso_diffraction_limit_3                 ? 
_reflns.pdbx_aniso_B_tensor_eigenvector_1_ortho[1]     ? 
_reflns.pdbx_aniso_B_tensor_eigenvector_1_ortho[2]     ? 
_reflns.pdbx_aniso_B_tensor_eigenvector_1_ortho[3]     ? 
_reflns.pdbx_aniso_B_tensor_eigenvector_2_ortho[1]     ? 
_reflns.pdbx_aniso_B_tensor_eigenvector_2_ortho[2]     ? 
_reflns.pdbx_aniso_B_tensor_eigenvector_2_ortho[3]     ? 
_reflns.pdbx_aniso_B_tensor_eigenvector_3_ortho[1]     ? 
_reflns.pdbx_aniso_B_tensor_eigenvector_3_ortho[2]     ? 
_reflns.pdbx_aniso_B_tensor_eigenvector_3_ortho[3]     ? 
_reflns.pdbx_aniso_B_tensor_eigenvalue_1               ? 
_reflns.pdbx_aniso_B_tensor_eigenvalue_2               ? 
_reflns.pdbx_aniso_B_tensor_eigenvalue_3               ? 
_reflns.pdbx_orthogonalization_convention              ? 
_reflns.pdbx_percent_possible_ellipsoidal              ? 
_reflns.pdbx_percent_possible_spherical                ? 
_reflns.pdbx_percent_possible_ellipsoidal_anomalous    ? 
_reflns.pdbx_percent_possible_spherical_anomalous      ? 
_reflns.pdbx_redundancy_anomalous                      ? 
_reflns.pdbx_CC_half_anomalous                         ? 
_reflns.pdbx_absDiff_over_sigma_anomalous              ? 
_reflns.pdbx_percent_possible_anomalous                ? 
_reflns.pdbx_observed_signal_threshold                 ? 
_reflns.pdbx_signal_type                               ? 
_reflns.pdbx_signal_details                            ? 
_reflns.pdbx_signal_software_id                        ? 
_reflns.pdbx_CC_split_method                           ? 
# 
_reflns_shell.d_res_high                                    1.63 
_reflns_shell.d_res_low                                     1.66 
_reflns_shell.meanI_over_sigI_all                           ? 
_reflns_shell.meanI_over_sigI_obs                           ? 
_reflns_shell.number_measured_all                           ? 
_reflns_shell.number_measured_obs                           ? 
_reflns_shell.number_possible                               ? 
_reflns_shell.number_unique_all                             ? 
_reflns_shell.number_unique_obs                             1768 
_reflns_shell.percent_possible_all                          ? 
_reflns_shell.percent_possible_obs                          ? 
_reflns_shell.Rmerge_F_all                                  ? 
_reflns_shell.Rmerge_F_obs                                  ? 
_reflns_shell.Rmerge_I_all                                  ? 
_reflns_shell.Rmerge_I_obs                                  ? 
_reflns_shell.meanI_over_sigI_gt                            ? 
_reflns_shell.meanI_over_uI_all                             ? 
_reflns_shell.meanI_over_uI_gt                              ? 
_reflns_shell.number_measured_gt                            ? 
_reflns_shell.number_unique_gt                              ? 
_reflns_shell.percent_possible_gt                           ? 
_reflns_shell.Rmerge_F_gt                                   ? 
_reflns_shell.Rmerge_I_gt                                   ? 
_reflns_shell.pdbx_redundancy                               ? 
_reflns_shell.pdbx_Rsym_value                               ? 
_reflns_shell.pdbx_chi_squared                              ? 
_reflns_shell.pdbx_netI_over_sigmaI_all                     ? 
_reflns_shell.pdbx_netI_over_sigmaI_obs                     ? 
_reflns_shell.pdbx_Rrim_I_all                               ? 
_reflns_shell.pdbx_Rpim_I_all                               ? 
_reflns_shell.pdbx_rejects                                  ? 
_reflns_shell.pdbx_ordinal                                  1 
_reflns_shell.pdbx_diffrn_id                                1 
_reflns_shell.pdbx_CC_half                                  0.979 
_reflns_shell.pdbx_CC_star                                  ? 
_reflns_shell.pdbx_R_split                                  ? 
_reflns_shell.pdbx_percent_possible_ellipsoidal             ? 
_reflns_shell.pdbx_percent_possible_spherical               ? 
_reflns_shell.pdbx_percent_possible_ellipsoidal_anomalous   ? 
_reflns_shell.pdbx_percent_possible_spherical_anomalous     ? 
_reflns_shell.pdbx_redundancy_anomalous                     ? 
_reflns_shell.pdbx_CC_half_anomalous                        ? 
_reflns_shell.pdbx_absDiff_over_sigma_anomalous             ? 
_reflns_shell.pdbx_percent_possible_anomalous               ? 
# 
_refine.ls_percent_reflns_R_free                 4.91 
_refine.pdbx_overall_phase_error                 26.0086 
_refine.solvent_model_details                    'FLAT BULK SOLVENT MODEL' 
_refine.pdbx_ls_cross_valid_method               'FREE R-VALUE' 
_refine.pdbx_refine_id                           'X-RAY DIFFRACTION' 
_refine.ls_R_factor_obs                          0.1936 
_refine.B_iso_mean                               30.07 
_refine.ls_number_reflns_R_free                  935 
_refine.ls_percent_reflns_obs                    99.72 
_refine.ls_R_factor_R_work                       0.1916 
_refine.pdbx_solvent_shrinkage_radii             0.9000 
_refine.ls_d_res_high                            1.63 
_refine.ls_number_reflns_obs                     19043 
_refine.pdbx_ls_sigma_F                          1.35 
_refine.ls_number_reflns_R_work                  18108 
_refine.ls_d_res_low                             30.58 
_refine.pdbx_stereochemistry_target_values       'GeoStd + Monomer Library + CDL v1.2' 
_refine.ls_R_factor_R_free                       0.2331 
_refine.overall_SU_ML                            0.1861 
_refine.pdbx_solvent_vdw_probe_radii             1.1100 
_refine.entry_id                                 7YLK 
_refine.pdbx_diffrn_id                           1 
_refine.pdbx_TLS_residual_ADP_flag               ? 
_refine.ls_number_reflns_all                     ? 
_refine.pdbx_ls_sigma_I                          ? 
_refine.pdbx_data_cutoff_high_absF               ? 
_refine.pdbx_data_cutoff_low_absF                ? 
_refine.pdbx_data_cutoff_high_rms_absF           ? 
_refine.ls_R_factor_all                          ? 
_refine.ls_R_factor_R_free_error                 ? 
_refine.ls_R_factor_R_free_error_details         ? 
_refine.ls_number_parameters                     ? 
_refine.ls_number_restraints                     ? 
_refine.occupancy_min                            ? 
_refine.occupancy_max                            ? 
_refine.correlation_coeff_Fo_to_Fc               ? 
_refine.correlation_coeff_Fo_to_Fc_free          ? 
_refine.aniso_B[1][1]                            ? 
_refine.aniso_B[2][2]                            ? 
_refine.aniso_B[3][3]                            ? 
_refine.aniso_B[1][2]                            ? 
_refine.aniso_B[1][3]                            ? 
_refine.aniso_B[2][3]                            ? 
_refine.solvent_model_param_ksol                 ? 
_refine.solvent_model_param_bsol                 ? 
_refine.pdbx_solvent_ion_probe_radii             ? 
_refine.details                                  ? 
_refine.pdbx_starting_model                      1VXA 
_refine.pdbx_method_to_determine_struct          'MOLECULAR REPLACEMENT' 
_refine.pdbx_isotropic_thermal_model             ? 
_refine.pdbx_stereochem_target_val_spec_case     ? 
_refine.pdbx_R_Free_selection_details            ? 
_refine.pdbx_overall_ESU_R                       ? 
_refine.pdbx_overall_ESU_R_Free                  ? 
_refine.overall_SU_B                             ? 
_refine.overall_SU_R_Cruickshank_DPI             ? 
_refine.pdbx_overall_SU_R_free_Cruickshank_DPI   ? 
_refine.pdbx_overall_SU_R_Blow_DPI               ? 
_refine.pdbx_overall_SU_R_free_Blow_DPI          ? 
# 
_refine_hist.pdbx_refine_id                   'X-RAY DIFFRACTION' 
_refine_hist.cycle_id                         LAST 
_refine_hist.pdbx_number_atoms_protein        1207 
_refine_hist.pdbx_number_atoms_nucleic_acid   0 
_refine_hist.pdbx_number_atoms_ligand         103 
_refine_hist.number_atoms_solvent             137 
_refine_hist.number_atoms_total               1447 
_refine_hist.d_res_high                       1.63 
_refine_hist.d_res_low                        30.58 
# 
loop_
_refine_ls_restr.pdbx_refine_id 
_refine_ls_restr.type 
_refine_ls_restr.number 
_refine_ls_restr.dev_ideal 
_refine_ls_restr.weight 
_refine_ls_restr.pdbx_restraint_function 
_refine_ls_restr.dev_ideal_target 
'X-RAY DIFFRACTION' f_bond_d           1368 0.0059  ? ? ? 
'X-RAY DIFFRACTION' f_angle_d          1877 0.9724  ? ? ? 
'X-RAY DIFFRACTION' f_chiral_restr     183  0.0441  ? ? ? 
'X-RAY DIFFRACTION' f_plane_restr      218  0.0060  ? ? ? 
'X-RAY DIFFRACTION' f_dihedral_angle_d 180  10.1276 ? ? ? 
# 
loop_
_refine_ls_shell.pdbx_refine_id 
_refine_ls_shell.d_res_high 
_refine_ls_shell.d_res_low 
_refine_ls_shell.number_reflns_R_work 
_refine_ls_shell.R_factor_R_work 
_refine_ls_shell.percent_reflns_obs 
_refine_ls_shell.R_factor_R_free 
_refine_ls_shell.number_reflns_R_free 
_refine_ls_shell.pdbx_total_number_of_bins_used 
_refine_ls_shell.R_factor_R_free_error 
_refine_ls_shell.percent_reflns_R_free 
_refine_ls_shell.number_reflns_all 
_refine_ls_shell.R_factor_all 
'X-RAY DIFFRACTION' 1.63 1.72  2514 0.2272 99.40  0.2874 132 . . . . . 
'X-RAY DIFFRACTION' 1.72 1.82  2563 0.1984 99.96  0.2285 125 . . . . . 
'X-RAY DIFFRACTION' 1.82 1.96  2575 0.1983 99.96  0.1957 116 . . . . . 
'X-RAY DIFFRACTION' 1.96 2.16  2559 0.1831 99.96  0.2431 135 . . . . . 
'X-RAY DIFFRACTION' 2.16 2.47  2563 0.1892 100.00 0.2179 149 . . . . . 
'X-RAY DIFFRACTION' 2.47 3.12  2611 0.2064 99.96  0.2705 130 . . . . . 
'X-RAY DIFFRACTION' 3.12 30.58 2723 0.1826 98.90  0.2203 148 . . . . . 
# 
_struct.entry_id                     7YLK 
_struct.title                        'Myoglobin containing Ir complex' 
_struct.pdbx_model_details           ? 
_struct.pdbx_formula_weight          ? 
_struct.pdbx_formula_weight_method   ? 
_struct.pdbx_model_type_details      ? 
_struct.pdbx_CASP_flag               N 
# 
_struct_keywords.entry_id        7YLK 
_struct_keywords.text            'artificial metallocofactor, OXYGEN STORAGE' 
_struct_keywords.pdbx_keywords   'OXYGEN STORAGE' 
# 
loop_
_struct_asym.id 
_struct_asym.pdbx_blank_PDB_chainid_flag 
_struct_asym.pdbx_modified 
_struct_asym.entity_id 
_struct_asym.details 
A N N 1 ? 
B N N 2 ? 
C N N 3 ? 
D N N 4 ? 
E N N 5 ? 
# 
loop_
_struct_conf.conf_type_id 
_struct_conf.id 
_struct_conf.pdbx_PDB_helix_id 
_struct_conf.beg_label_comp_id 
_struct_conf.beg_label_asym_id 
_struct_conf.beg_label_seq_id 
_struct_conf.pdbx_beg_PDB_ins_code 
_struct_conf.end_label_comp_id 
_struct_conf.end_label_asym_id 
_struct_conf.end_label_seq_id 
_struct_conf.pdbx_end_PDB_ins_code 
_struct_conf.beg_auth_comp_id 
_struct_conf.beg_auth_asym_id 
_struct_conf.beg_auth_seq_id 
_struct_conf.end_auth_comp_id 
_struct_conf.end_auth_asym_id 
_struct_conf.end_auth_seq_id 
_struct_conf.pdbx_PDB_helix_class 
_struct_conf.details 
_struct_conf.pdbx_PDB_helix_length 
HELX_P HELX_P1  AA1 SER A 3   ? ALA A 19  ? SER A 3   ALA A 19  1 ? 17 
HELX_P HELX_P2  AA2 ASP A 20  ? HIS A 36  ? ASP A 20  HIS A 36  1 ? 17 
HELX_P HELX_P3  AA3 PRO A 37  ? LYS A 47  ? PRO A 37  LYS A 47  5 ? 11 
HELX_P HELX_P4  AA4 THR A 51  ? SER A 58  ? THR A 51  SER A 58  1 ? 8  
HELX_P HELX_P5  AA5 SER A 58  ? BP5 A 68  ? SER A 58  BP5 A 68  1 ? 11 
HELX_P HELX_P6  AA6 THR A 70  ? LYS A 77  ? THR A 70  LYS A 77  1 ? 8  
HELX_P HELX_P7  AA7 HIS A 82  ? ALA A 97  ? HIS A 82  ALA A 97  1 ? 16 
HELX_P HELX_P8  AA8 LYS A 102 ? HIS A 119 ? LYS A 102 HIS A 119 1 ? 18 
HELX_P HELX_P9  AA9 PRO A 120 ? PHE A 123 ? PRO A 120 PHE A 123 5 ? 4  
HELX_P HELX_P10 AB1 GLY A 124 ? GLY A 150 ? GLY A 124 GLY A 150 1 ? 27 
# 
_struct_conf_type.id          HELX_P 
_struct_conf_type.criteria    ? 
_struct_conf_type.reference   ? 
# 
loop_
_struct_conn.id 
_struct_conn.conn_type_id 
_struct_conn.pdbx_leaving_atom_flag 
_struct_conn.pdbx_PDB_id 
_struct_conn.ptnr1_label_asym_id 
_struct_conn.ptnr1_label_comp_id 
_struct_conn.ptnr1_label_seq_id 
_struct_conn.ptnr1_label_atom_id 
_struct_conn.pdbx_ptnr1_label_alt_id 
_struct_conn.pdbx_ptnr1_PDB_ins_code 
_struct_conn.pdbx_ptnr1_standard_comp_id 
_struct_conn.ptnr1_symmetry 
_struct_conn.ptnr2_label_asym_id 
_struct_conn.ptnr2_label_comp_id 
_struct_conn.ptnr2_label_seq_id 
_struct_conn.ptnr2_label_atom_id 
_struct_conn.pdbx_ptnr2_label_alt_id 
_struct_conn.pdbx_ptnr2_PDB_ins_code 
_struct_conn.ptnr1_auth_asym_id 
_struct_conn.ptnr1_auth_comp_id 
_struct_conn.ptnr1_auth_seq_id 
_struct_conn.ptnr2_auth_asym_id 
_struct_conn.ptnr2_auth_comp_id 
_struct_conn.ptnr2_auth_seq_id 
_struct_conn.ptnr2_symmetry 
_struct_conn.pdbx_ptnr3_label_atom_id 
_struct_conn.pdbx_ptnr3_label_seq_id 
_struct_conn.pdbx_ptnr3_label_comp_id 
_struct_conn.pdbx_ptnr3_label_asym_id 
_struct_conn.pdbx_ptnr3_label_alt_id 
_struct_conn.pdbx_ptnr3_PDB_ins_code 
_struct_conn.details 
_struct_conn.pdbx_dist_value 
_struct_conn.pdbx_value_order 
_struct_conn.pdbx_role 
covale1 covale none ? A CYS 45 SG A ? ? 1_555 B KKC .  C04 A ? A CYS 45 A KKC 201 1_555 ? ? ? ? ? ? ? 1.767 ? ? 
covale2 covale none ? A CYS 45 SG B ? ? 1_555 C IRQ .  C35 B ? A CYS 45 A IRQ 202 1_555 ? ? ? ? ? ? ? 1.767 ? ? 
covale3 covale both ? A THR 67 C  ? ? ? 1_555 A BP5 68 N   ? ? A THR 67 A BP5 68  1_555 ? ? ? ? ? ? ? 1.428 ? ? 
covale4 covale both ? A BP5 68 C  ? ? ? 1_555 A LEU 69 N   ? ? A BP5 68 A LEU 69  1_555 ? ? ? ? ? ? ? 1.428 ? ? 
# 
_struct_conn_type.id          covale 
_struct_conn_type.criteria    ? 
_struct_conn_type.reference   ? 
# 
_atom_sites.entry_id                    7YLK 
_atom_sites.fract_transf_matrix[1][1]   -0.01269276 
_atom_sites.fract_transf_matrix[1][2]   0.00061869 
_atom_sites.fract_transf_matrix[1][3]   0.02710710 
_atom_sites.fract_transf_matrix[2][1]   0.01431851 
_atom_sites.fract_transf_matrix[2][2]   0.00711870 
_atom_sites.fract_transf_matrix[2][3]   0.00654209 
_atom_sites.fract_transf_matrix[3][1]   -0.00480007 
_atom_sites.fract_transf_matrix[3][2]   0.01197150 
_atom_sites.fract_transf_matrix[3][3]   -0.00252085 
_atom_sites.fract_transf_vector[1]      0.084342 
_atom_sites.fract_transf_vector[2]      0.075094 
_atom_sites.fract_transf_vector[3]      0.125506 
# 
loop_
_atom_type.symbol 
_atom_type.scat_dispersion_real 
_atom_type.scat_dispersion_imag 
_atom_type.scat_Cromer_Mann_a1 
_atom_type.scat_Cromer_Mann_a2 
_atom_type.scat_Cromer_Mann_a3 
_atom_type.scat_Cromer_Mann_a4 
_atom_type.scat_Cromer_Mann_b1 
_atom_type.scat_Cromer_Mann_b2 
_atom_type.scat_Cromer_Mann_b3 
_atom_type.scat_Cromer_Mann_b4 
_atom_type.scat_Cromer_Mann_c 
_atom_type.scat_source 
_atom_type.scat_dispersion_source 
C  ? ? 3.54356  2.42580  ? ? 25.62398 1.50364  ? ? 0.0 
;2-Gaussian fit: Grosse-Kunstleve RW, Sauter NK, Adams PD: Newsletter of the IUCr Commission on Crystallographic Computing 2004, 3, 22-31.
;
? 
F  ? ? 4.90428  4.07044  ? ? 12.99538 1.63651  ? ? 0.0 
;2-Gaussian fit: Grosse-Kunstleve RW, Sauter NK, Adams PD: Newsletter of the IUCr Commission on Crystallographic Computing 2004, 3, 22-31.
;
? 
IR ? ? 60.53913 16.16152 ? ? 1.10831  19.94994 ? ? 0.0 
;2-Gaussian fit: Grosse-Kunstleve RW, Sauter NK, Adams PD: Newsletter of the IUCr Commission on Crystallographic Computing 2004, 3, 22-31.
;
? 
N  ? ? 4.01032  2.96436  ? ? 19.97189 1.75589  ? ? 0.0 
;2-Gaussian fit: Grosse-Kunstleve RW, Sauter NK, Adams PD: Newsletter of the IUCr Commission on Crystallographic Computing 2004, 3, 22-31.
;
? 
O  ? ? 4.49882  3.47563  ? ? 15.80542 1.70748  ? ? 0.0 
;2-Gaussian fit: Grosse-Kunstleve RW, Sauter NK, Adams PD: Newsletter of the IUCr Commission on Crystallographic Computing 2004, 3, 22-31.
;
? 
S  ? ? 9.55732  6.39887  ? ? 1.23737  29.19336 ? ? 0.0 
;2-Gaussian fit: Grosse-Kunstleve RW, Sauter NK, Adams PD: Newsletter of the IUCr Commission on Crystallographic Computing 2004, 3, 22-31.
;
? 
# 
loop_
_atom_site.group_PDB 
_atom_site.id 
_atom_site.type_symbol 
_atom_site.label_atom_id 
_atom_site.label_alt_id 
_atom_site.label_comp_id 
_atom_site.label_asym_id 
_atom_site.label_entity_id 
_atom_site.label_seq_id 
_atom_site.pdbx_PDB_ins_code 
_atom_site.Cartn_x 
_atom_site.Cartn_y 
_atom_site.Cartn_z 
_atom_site.occupancy 
_atom_site.B_iso_or_equiv 
_atom_site.pdbx_formal_charge 
_atom_site.auth_seq_id 
_atom_site.auth_comp_id 
_atom_site.auth_asym_id 
_atom_site.auth_atom_id 
_atom_site.pdbx_PDB_model_num 
ATOM   1    N  N   . VAL A 1 1   ? 5.00976   17.53634  -4.71542  1.000 43.29511 ? 1   VAL A N   1 
ATOM   2    C  CA  . VAL A 1 1   ? 5.34760   18.02123  -3.38423  1.000 35.28873 ? 1   VAL A CA  1 
ATOM   3    C  C   . VAL A 1 1   ? 4.15394   18.10275  -2.45066  1.000 27.79022 ? 1   VAL A C   1 
ATOM   4    O  O   . VAL A 1 1   ? 3.16520   18.76894  -2.77605  1.000 34.41113 ? 1   VAL A O   1 
ATOM   5    C  CB  . VAL A 1 1   ? 5.99907   19.41815  -3.45832  1.000 27.75929 ? 1   VAL A CB  1 
ATOM   6    C  CG1 . VAL A 1 1   ? 6.79533   19.66380  -2.20921  1.000 31.32551 ? 1   VAL A CG1 1 
ATOM   7    C  CG2 . VAL A 1 1   ? 6.88177   19.52006  -4.69092  1.000 39.70533 ? 1   VAL A CG2 1 
ATOM   8    N  N   . LEU A 1 2   ? 4.26818   17.50940  -1.25765  1.000 25.46445 ? 2   LEU A N   1 
ATOM   9    C  CA  . LEU A 1 2   ? 3.23618   17.69203  -0.23799  1.000 23.00850 ? 2   LEU A CA  1 
ATOM   10   C  C   . LEU A 1 2   ? 3.58160   18.88579  0.64122   1.000 23.69607 ? 2   LEU A C   1 
ATOM   11   O  O   . LEU A 1 2   ? 4.71719   19.01840  1.10660   1.000 24.68335 ? 2   LEU A O   1 
ATOM   12   C  CB  . LEU A 1 2   ? 3.07767   16.44487  0.63358   1.000 21.99951 ? 2   LEU A CB  1 
ATOM   13   C  CG  . LEU A 1 2   ? 2.30066   15.26272  0.05317   1.000 21.90181 ? 2   LEU A CG  1 
ATOM   14   C  CD1 . LEU A 1 2   ? 3.19308   14.35476  -0.74792  1.000 27.06076 ? 2   LEU A CD1 1 
ATOM   15   C  CD2 . LEU A 1 2   ? 1.66792   14.49384  1.20412   1.000 22.59447 ? 2   LEU A CD2 1 
ATOM   16   N  N   . SER A 1 3   ? 2.60134   19.74879  0.87281   1.000 20.07390 ? 3   SER A N   1 
ATOM   17   C  CA  . SER A 1 3   ? 2.75983   20.73553  1.92506   1.000 20.64710 ? 3   SER A CA  1 
ATOM   18   C  C   . SER A 1 3   ? 2.75185   20.04307  3.28085   1.000 22.37679 ? 3   SER A C   1 
ATOM   19   O  O   . SER A 1 3   ? 2.33477   18.89183  3.41417   1.000 22.90609 ? 3   SER A O   1 
ATOM   20   C  CB  . SER A 1 3   ? 1.63289   21.76675  1.86786   1.000 21.56393 ? 3   SER A CB  1 
ATOM   21   O  OG  . SER A 1 3   ? 0.38319   21.13945  2.16953   1.000 22.93038 ? 3   SER A OG  1 
ATOM   22   N  N   . GLU A 1 4   ? 3.23461   20.74905  4.30078   1.000 22.38486 ? 4   GLU A N   1 
ATOM   23   C  CA  . GLU A 1 4   ? 3.14366   20.20708  5.64988   1.000 21.22070 ? 4   GLU A CA  1 
ATOM   24   C  C   . GLU A 1 4   ? 1.68812   19.98671  6.04839   1.000 24.01732 ? 4   GLU A C   1 
ATOM   25   O  O   . GLU A 1 4   ? 1.36125   18.99557  6.70834   1.000 22.49874 ? 4   GLU A O   1 
ATOM   26   C  CB  . GLU A 1 4   ? 3.85582   21.12860  6.64439   1.000 28.09217 ? 4   GLU A CB  1 
ATOM   27   C  CG  . GLU A 1 4   ? 3.67437   20.73870  8.12133   1.000 25.52193 ? 4   GLU A CG  1 
ATOM   28   C  CD  . GLU A 1 4   ? 4.29690   19.38841  8.51196   1.000 30.40240 ? 4   GLU A CD  1 
ATOM   29   O  OE1 . GLU A 1 4   ? 5.15592   18.86564  7.77778   1.000 31.10978 ? 4   GLU A OE1 1 
ATOM   30   O  OE2 . GLU A 1 4   ? 3.93621   18.85805  9.58028   1.000 36.53884 ? 4   GLU A OE2 1 
ATOM   31   N  N   . GLY A 1 5   ? 0.79633   20.88998  5.63511   1.000 22.12084 ? 5   GLY A N   1 
ATOM   32   C  CA  . GLY A 1 5   ? -0.62120  20.66280  5.86662   1.000 22.43826 ? 5   GLY A CA  1 
ATOM   33   C  C   . GLY A 1 5   ? -1.11438  19.36913  5.24010   1.000 23.39861 ? 5   GLY A C   1 
ATOM   34   O  O   . GLY A 1 5   ? -1.93040  18.64910  5.83022   1.000 21.85773 ? 5   GLY A O   1 
ATOM   35   N  N   . GLU A 1 6   ? -0.65389  19.07622  4.02104   1.000 19.79191 ? 6   GLU A N   1 
ATOM   36   C  CA  . GLU A 1 6   ? -1.05545  17.83775  3.35737   1.000 20.29361 ? 6   GLU A CA  1 
ATOM   37   C  C   . GLU A 1 6   ? -0.49347  16.62011  4.06865   1.000 20.12996 ? 6   GLU A C   1 
ATOM   38   O  O   . GLU A 1 6   ? -1.17432  15.58663  4.15957   1.000 19.88186 ? 6   GLU A O   1 
ATOM   39   C  CB  . GLU A 1 6   ? -0.60492  17.84515  1.90370   1.000 21.05594 ? 6   GLU A CB  1 
ATOM   40   C  CG  . GLU A 1 6   ? -1.41663  18.79140  1.03874   1.000 20.69878 ? 6   GLU A CG  1 
ATOM   41   C  CD  . GLU A 1 6   ? -0.97480  18.76474  -0.39757  1.000 25.76907 ? 6   GLU A CD  1 
ATOM   42   O  OE1 . GLU A 1 6   ? 0.18174   19.13712  -0.68144  1.000 26.32913 ? 6   GLU A OE1 1 
ATOM   43   O  OE2 . GLU A 1 6   ? -1.77840  18.35263  -1.24978  1.000 28.96519 ? 6   GLU A OE2 1 
ATOM   44   N  N   . TRP A 1 7   ? 0.75873   16.69085  4.54281   1.000 21.28743 ? 7   TRP A N   1 
ATOM   45   C  CA  . TRP A 1 7   ? 1.26428   15.57392  5.33622   1.000 20.42526 ? 7   TRP A CA  1 
ATOM   46   C  C   . TRP A 1 7   ? 0.39329   15.35261  6.56387   1.000 22.33136 ? 7   TRP A C   1 
ATOM   47   O  O   . TRP A 1 7   ? 0.11040   14.21180  6.93246   1.000 21.86494 ? 7   TRP A O   1 
ATOM   48   C  CB  . TRP A 1 7   ? 2.72787   15.79788  5.75616   1.000 19.37155 ? 7   TRP A CB  1 
ATOM   49   C  CG  . TRP A 1 7   ? 3.70528   15.49440  4.69061   1.000 21.43390 ? 7   TRP A CG  1 
ATOM   50   C  CD1 . TRP A 1 7   ? 4.54634   16.37520  4.06939   1.000 23.54436 ? 7   TRP A CD1 1 
ATOM   51   C  CD2 . TRP A 1 7   ? 3.95826   14.21594  4.10761   1.000 18.22352 ? 7   TRP A CD2 1 
ATOM   52   N  NE1 . TRP A 1 7   ? 5.30091   15.72256  3.12706   1.000 20.42514 ? 7   TRP A NE1 1 
ATOM   53   C  CE2 . TRP A 1 7   ? 4.94695   14.39665  3.12114   1.000 20.95905 ? 7   TRP A CE2 1 
ATOM   54   C  CE3 . TRP A 1 7   ? 3.42212   12.93356  4.30663   1.000 19.46808 ? 7   TRP A CE3 1 
ATOM   55   C  CZ2 . TRP A 1 7   ? 5.43160   13.34281  2.35059   1.000 22.65881 ? 7   TRP A CZ2 1 
ATOM   56   C  CZ3 . TRP A 1 7   ? 3.91568   11.88261  3.54100   1.000 21.48742 ? 7   TRP A CZ3 1 
ATOM   57   C  CH2 . TRP A 1 7   ? 4.90153   12.09889  2.56749   1.000 22.48175 ? 7   TRP A CH2 1 
ATOM   58   N  N   . GLN A 1 8   ? -0.08914  16.43197  7.18623   1.000 21.70871 ? 8   GLN A N   1 
ATOM   59   C  CA  . GLN A 1 8   ? -0.92479  16.24713  8.36590   1.000 23.34944 ? 8   GLN A CA  1 
ATOM   60   C  C   . GLN A 1 8   ? -2.28027  15.62397  8.02033   1.000 23.89321 ? 8   GLN A C   1 
ATOM   61   O  O   . GLN A 1 8   ? -2.81799  14.84320  8.82065   1.000 25.48427 ? 8   GLN A O   1 
ATOM   62   C  CB  . GLN A 1 8   ? -1.10025  17.57352  9.09662   1.000 25.01692 ? 8   GLN A CB  1 
ATOM   63   C  CG  . GLN A 1 8   ? 0.18584   18.05753  9.77149   1.000 28.17552 ? 8   GLN A CG  1 
ATOM   64   C  CD  . GLN A 1 8   ? 0.89339   16.98226  10.58086  1.000 36.13147 ? 8   GLN A CD  1 
ATOM   65   O  OE1 . GLN A 1 8   ? 0.26251   16.19437  11.29029  1.000 38.54292 ? 8   GLN A OE1 1 
ATOM   66   N  NE2 . GLN A 1 8   ? 2.22059   16.94629  10.47691  1.000 38.46008 ? 8   GLN A NE2 1 
ATOM   67   N  N   . LEU A 1 9   ? -2.83491  15.92321  6.83925   1.000 20.97056 ? 9   LEU A N   1 
ATOM   68   C  CA  . LEU A 1 9   ? -4.02990  15.20186  6.39462   1.000 21.90484 ? 9   LEU A CA  1 
ATOM   69   C  C   . LEU A 1 9   ? -3.74879  13.71428  6.25893   1.000 23.01334 ? 9   LEU A C   1 
ATOM   70   O  O   . LEU A 1 9   ? -4.57666  12.87873  6.63864   1.000 23.00904 ? 9   LEU A O   1 
ATOM   71   C  CB  . LEU A 1 9   ? -4.51999  15.74694  5.06041   1.000 22.73577 ? 9   LEU A CB  1 
ATOM   72   C  CG  . LEU A 1 9   ? -5.07611  17.16944  5.05663   1.000 25.38788 ? 9   LEU A CG  1 
ATOM   73   C  CD1 . LEU A 1 9   ? -5.45501  17.55367  3.64917   1.000 25.52161 ? 9   LEU A CD1 1 
ATOM   74   C  CD2 . LEU A 1 9   ? -6.27602  17.23316  5.96391   1.000 30.49828 ? 9   LEU A CD2 1 
ATOM   75   N  N   . VAL A 1 10  ? -2.59721  13.37287  5.67774   1.000 20.31874 ? 10  VAL A N   1 
ATOM   76   C  CA  . VAL A 1 10  ? -2.21674  11.97126  5.51683   1.000 20.71560 ? 10  VAL A CA  1 
ATOM   77   C  C   . VAL A 1 10  ? -2.11490  11.28850  6.87404   1.000 22.94473 ? 10  VAL A C   1 
ATOM   78   O  O   . VAL A 1 10  ? -2.63027  10.18595  7.07979   1.000 22.92238 ? 10  VAL A O   1 
ATOM   79   C  CB  . VAL A 1 10  ? -0.88967  11.86889  4.74534   1.000 21.99532 ? 10  VAL A CB  1 
ATOM   80   C  CG1 . VAL A 1 10  ? -0.32044  10.45904  4.89197   1.000 23.79646 ? 10  VAL A CG1 1 
ATOM   81   C  CG2 . VAL A 1 10  ? -1.09648  12.20564  3.27539   1.000 23.22233 ? 10  VAL A CG2 1 
ATOM   82   N  N   . LEU A 1 11  ? -1.41965  11.91737  7.81470   1.000 21.53999 ? 11  LEU A N   1 
ATOM   83   C  CA  . LEU A 1 11  ? -1.20287  11.26764  9.10065   1.000 24.37997 ? 11  LEU A CA  1 
ATOM   84   C  C   . LEU A 1 11  ? -2.47828  11.22031  9.92217   1.000 24.63783 ? 11  LEU A C   1 
ATOM   85   O  O   . LEU A 1 11  ? -2.65312  10.31193  10.74602  1.000 25.32518 ? 11  LEU A O   1 
ATOM   86   C  CB  . LEU A 1 11  ? -0.08930  11.98153  9.86824   1.000 24.96980 ? 11  LEU A CB  1 
ATOM   87   C  CG  . LEU A 1 11  ? 1.24145   11.93253  9.12407   1.000 27.00334 ? 11  LEU A CG  1 
ATOM   88   C  CD1 . LEU A 1 11  ? 2.34642   12.60939  9.91828   1.000 33.66466 ? 11  LEU A CD1 1 
ATOM   89   C  CD2 . LEU A 1 11  ? 1.60609   10.49581  8.77177   1.000 25.59922 ? 11  LEU A CD2 1 
ATOM   90   N  N   . HIS A 1 12  ? -3.38608  12.16924  9.70893   1.000 25.07156 ? 12  HIS A N   1 
ATOM   91   C  CA  . HIS A 1 12  ? -4.62270  12.15574  10.47823  1.000 25.92076 ? 12  HIS A CA  1 
ATOM   92   C  C   . HIS A 1 12  ? -5.50198  10.97869  10.07106  1.000 26.58086 ? 12  HIS A C   1 
ATOM   93   O  O   . HIS A 1 12  ? -6.04471  10.27084  10.92697  1.000 27.36833 ? 12  HIS A O   1 
ATOM   94   C  CB  . HIS A 1 12  ? -5.36854  13.48189  10.31760  1.000 27.12802 ? 12  HIS A CB  1 
ATOM   95   C  CG  . HIS A 1 12  ? -6.57002  13.59036  11.20233  1.000 34.59260 ? 12  HIS A CG  1 
ATOM   96   N  ND1 . HIS A 1 12  ? -7.86462  13.53623  10.73040  1.000 43.27978 ? 12  HIS A ND1 1 
ATOM   97   C  CD2 . HIS A 1 12  ? -6.66304  13.69768  12.54881  1.000 36.14000 ? 12  HIS A CD2 1 
ATOM   98   C  CE1 . HIS A 1 12  ? -8.70188  13.63214  11.74814  1.000 43.34947 ? 12  HIS A CE1 1 
ATOM   99   N  NE2 . HIS A 1 12  ? -7.99887  13.72914  12.86079  1.000 42.00306 ? 12  HIS A NE2 1 
ATOM   100  N  N   . VAL A 1 13  ? -5.63307  10.72486  8.76987   1.000 25.38545 ? 13  VAL A N   1 
ATOM   101  C  CA  . VAL A 1 13  ? -6.42773  9.56024   8.38672   1.000 23.34909 ? 13  VAL A CA  1 
ATOM   102  C  C   . VAL A 1 13  ? -5.67004  8.27114   8.69435   1.000 29.70483 ? 13  VAL A C   1 
ATOM   103  O  O   . VAL A 1 13  ? -6.28787  7.25022   9.02807   1.000 25.70846 ? 13  VAL A O   1 
ATOM   104  C  CB  . VAL A 1 13  ? -6.87048  9.64010   6.91483   1.000 23.73034 ? 13  VAL A CB  1 
ATOM   105  C  CG1 . VAL A 1 13  ? -5.69858  9.53273   5.95665   1.000 26.07096 ? 13  VAL A CG1 1 
ATOM   106  C  CG2 . VAL A 1 13  ? -7.91783  8.56882   6.61894   1.000 26.92897 ? 13  VAL A CG2 1 
ATOM   107  N  N   . TRP A 1 14  ? -4.33287  8.29191   8.63935   1.000 23.34515 ? 14  TRP A N   1 
ATOM   108  C  CA  . TRP A 1 14  ? -3.59815  7.07543   8.98317   1.000 21.67154 ? 14  TRP A CA  1 
ATOM   109  C  C   . TRP A 1 14  ? -3.84523  6.66454   10.42303  1.000 27.25958 ? 14  TRP A C   1 
ATOM   110  O  O   . TRP A 1 14  ? -3.86749  5.46746   10.72621  1.000 25.53094 ? 14  TRP A O   1 
ATOM   111  C  CB  . TRP A 1 14  ? -2.09459  7.22309   8.75370   1.000 21.67185 ? 14  TRP A CB  1 
ATOM   112  C  CG  . TRP A 1 14  ? -1.53484  5.86501   8.45812   1.000 24.79517 ? 14  TRP A CG  1 
ATOM   113  C  CD1 . TRP A 1 14  ? -0.82361  5.05378   9.28965   1.000 34.57782 ? 14  TRP A CD1 1 
ATOM   114  C  CD2 . TRP A 1 14  ? -1.73059  5.13319   7.24796   1.000 24.88821 ? 14  TRP A CD2 1 
ATOM   115  N  NE1 . TRP A 1 14  ? -0.54194  3.85968   8.65227   1.000 27.71674 ? 14  TRP A NE1 1 
ATOM   116  C  CE2 . TRP A 1 14  ? -1.09029  3.89196   7.39704   1.000 33.39805 ? 14  TRP A CE2 1 
ATOM   117  C  CE3 . TRP A 1 14  ? -2.38005  5.41714   6.04529   1.000 24.18682 ? 14  TRP A CE3 1 
ATOM   118  C  CZ2 . TRP A 1 14  ? -1.07170  2.94149   6.38100   1.000 27.76856 ? 14  TRP A CZ2 1 
ATOM   119  C  CZ3 . TRP A 1 14  ? -2.36399  4.47971   5.04512   1.000 32.16240 ? 14  TRP A CZ3 1 
ATOM   120  C  CH2 . TRP A 1 14  ? -1.71106  3.25490   5.21814   1.000 28.86685 ? 14  TRP A CH2 1 
ATOM   121  N  N   . ALA A 1 15  ? -4.03601  7.63172   11.32441  1.000 27.75986 ? 15  ALA A N   1 
ATOM   122  C  CA  . ALA A 1 15  ? -4.40675  7.27964   12.69135  1.000 30.88591 ? 15  ALA A CA  1 
ATOM   123  C  C   . ALA A 1 15  ? -5.68143  6.43729   12.71862  1.000 29.86497 ? 15  ALA A C   1 
ATOM   124  O  O   . ALA A 1 15  ? -5.81392  5.51800   13.53706  1.000 31.05620 ? 15  ALA A O   1 
ATOM   125  C  CB  . ALA A 1 15  ? -4.56684  8.54518   13.53542  1.000 35.27649 ? 15  ALA A CB  1 
ATOM   126  N  N   . LYS A 1 16  ? -6.62149  6.70954   11.81340  1.000 27.42889 ? 16  LYS A N   1 
ATOM   127  C  CA  . LYS A 1 16  ? -7.81803  5.87601   11.76103  1.000 29.73536 ? 16  LYS A CA  1 
ATOM   128  C  C   . LYS A 1 16  ? -7.51127  4.48956   11.20664  1.000 32.30712 ? 16  LYS A C   1 
ATOM   129  O  O   . LYS A 1 16  ? -8.08768  3.49582   11.66569  1.000 31.86898 ? 16  LYS A O   1 
ATOM   130  C  CB  . LYS A 1 16  ? -8.90261  6.57555   10.94944  1.000 33.52707 ? 16  LYS A CB  1 
ATOM   131  C  CG  . LYS A 1 16  ? -9.35509  7.85160   11.62612  1.000 39.06907 ? 16  LYS A CG  1 
ATOM   132  C  CD  . LYS A 1 16  ? -10.18003 8.71455   10.71523  1.000 44.50846 ? 16  LYS A CD  1 
ATOM   133  C  CE  . LYS A 1 16  ? -10.94178 9.75344   11.52203  1.000 54.41700 ? 16  LYS A CE  1 
ATOM   134  N  NZ  . LYS A 1 16  ? -10.09319 10.37111  12.58602  1.000 47.97358 ? 16  LYS A NZ  1 
ATOM   135  N  N   . VAL A 1 17  ? -6.59902  4.39069   10.23560  1.000 23.74881 ? 17  VAL A N   1 
ATOM   136  C  CA  . VAL A 1 17  ? -6.15655  3.07209   9.77257   1.000 27.29186 ? 17  VAL A CA  1 
ATOM   137  C  C   . VAL A 1 17  ? -5.58485  2.26162   10.92897  1.000 27.38677 ? 17  VAL A C   1 
ATOM   138  O  O   . VAL A 1 17  ? -5.84594  1.05552   11.06228  1.000 28.25742 ? 17  VAL A O   1 
ATOM   139  C  CB  . VAL A 1 17  ? -5.12738  3.23212   8.64036   1.000 24.79550 ? 17  VAL A CB  1 
ATOM   140  C  CG1 . VAL A 1 17  ? -4.52554  1.89157   8.27116   1.000 26.88987 ? 17  VAL A CG1 1 
ATOM   141  C  CG2 . VAL A 1 17  ? -5.78598  3.88729   7.43540   1.000 25.24933 ? 17  VAL A CG2 1 
ATOM   142  N  N   . GLU A 1 18  ? -4.79779  2.90978   11.78403  1.000 25.93378 ? 18  GLU A N   1 
ATOM   143  C  CA  . GLU A 1 18  ? -4.11403  2.21223   12.86669  1.000 27.60563 ? 18  GLU A CA  1 
ATOM   144  C  C   . GLU A 1 18  ? -5.05816  1.75423   13.96702  1.000 27.79718 ? 18  GLU A C   1 
ATOM   145  O  O   . GLU A 1 18  ? -4.66445  0.90860   14.78462  1.000 32.05059 ? 18  GLU A O   1 
ATOM   146  C  CB  . GLU A 1 18  ? -3.02207  3.10401   13.45487  1.000 32.91071 ? 18  GLU A CB  1 
ATOM   147  C  CG  . GLU A 1 18  ? -1.84680  3.29691   12.50843  1.000 32.49533 ? 18  GLU A CG  1 
ATOM   148  C  CD  . GLU A 1 18  ? -0.74358  4.14868   13.09654  1.000 34.36417 ? 18  GLU A CD  1 
ATOM   149  O  OE1 . GLU A 1 18  ? -1.01671  4.93759   14.02549  1.000 39.59735 ? 18  GLU A OE1 1 
ATOM   150  O  OE2 . GLU A 1 18  ? 0.39713   4.03858   12.60686  1.000 39.14895 ? 18  GLU A OE2 1 
ATOM   151  N  N   . ALA A 1 19  ? -6.27603  2.28180   14.00807  1.000 28.42933 ? 19  ALA A N   1 
ATOM   152  C  CA  . ALA A 1 19  ? -7.25941  1.80519   14.96440  1.000 33.20942 ? 19  ALA A CA  1 
ATOM   153  C  C   . ALA A 1 19  ? -7.81277  0.44103   14.58498  1.000 33.50149 ? 19  ALA A C   1 
ATOM   154  O  O   . ALA A 1 19  ? -8.46013  -0.20800  15.41624  1.000 34.78633 ? 19  ALA A O   1 
ATOM   155  C  CB  . ALA A 1 19  ? -8.39710  2.81801   15.08577  1.000 30.64768 ? 19  ALA A CB  1 
ATOM   156  N  N   . ASP A 1 20  ? -7.55634  -0.00888  13.35721  1.000 29.50475 ? 20  ASP A N   1 
ATOM   157  C  CA  . ASP A 1 20  ? -8.01674  -1.30220  12.87630  1.000 27.57413 ? 20  ASP A CA  1 
ATOM   158  C  C   . ASP A 1 20  ? -7.15814  -1.72262  11.68960  1.000 25.09460 ? 20  ASP A C   1 
ATOM   159  O  O   . ASP A 1 20  ? -7.64455  -1.77413  10.55553  1.000 26.17412 ? 20  ASP A O   1 
ATOM   160  C  CB  . ASP A 1 20  ? -9.50322  -1.22365  12.50260  1.000 28.56816 ? 20  ASP A CB  1 
ATOM   161  C  CG  . ASP A 1 20  ? -10.06990 -2.55429  12.01277  1.000 31.22155 ? 20  ASP A CG  1 
ATOM   162  O  OD1 . ASP A 1 20  ? -9.46277  -3.61139  12.26548  1.000 30.26633 ? 20  ASP A OD1 1 
ATOM   163  O  OD2 . ASP A 1 20  ? -11.13990 -2.52697  11.37076  1.000 38.83338 ? 20  ASP A OD2 1 
ATOM   164  N  N   . VAL A 1 21  ? -5.88209  -2.01872  11.93902  1.000 24.69261 ? 21  VAL A N   1 
ATOM   165  C  CA  . VAL A 1 21  ? -4.95866  -2.25968  10.83461  1.000 24.51585 ? 21  VAL A CA  1 
ATOM   166  C  C   . VAL A 1 21  ? -5.35633  -3.51987  10.07463  1.000 25.77675 ? 21  VAL A C   1 
ATOM   167  O  O   . VAL A 1 21  ? -5.38503  -3.53665  8.83711   1.000 22.95428 ? 21  VAL A O   1 
ATOM   168  C  CB  . VAL A 1 21  ? -3.50970  -2.33748  11.34567  1.000 27.45601 ? 21  VAL A CB  1 
ATOM   169  C  CG1 . VAL A 1 21  ? -2.58633  -2.76974  10.25229  1.000 27.77833 ? 21  VAL A CG1 1 
ATOM   170  C  CG2 . VAL A 1 21  ? -3.06530  -1.01778  11.91333  1.000 31.90664 ? 21  VAL A CG2 1 
ATOM   171  N  N   . ALA A 1 22  ? -5.70661  -4.58443  10.79756  1.000 25.28974 ? 22  ALA A N   1 
ATOM   172  C  CA  . ALA A 1 22  ? -6.07524  -5.83506  10.13855  1.000 26.29935 ? 22  ALA A CA  1 
ATOM   173  C  C   . ALA A 1 22  ? -7.28992  -5.66084  9.22851   1.000 23.60404 ? 22  ALA A C   1 
ATOM   174  O  O   . ALA A 1 22  ? -7.31779  -6.16647  8.09740   1.000 23.29720 ? 22  ALA A O   1 
ATOM   175  C  CB  . ALA A 1 22  ? -6.34585  -6.90400  11.19429  1.000 23.59369 ? 22  ALA A CB  1 
ATOM   176  N  N   . GLY A 1 23  ? -8.32251  -4.98000  9.71913   1.000 25.13381 ? 23  GLY A N   1 
ATOM   177  C  CA  . GLY A 1 23  ? -9.51259  -4.78899  8.90930   1.000 22.51606 ? 23  GLY A CA  1 
ATOM   178  C  C   . GLY A 1 23  ? -9.25030  -3.97677  7.65621   1.000 24.48144 ? 23  GLY A C   1 
ATOM   179  O  O   . GLY A 1 23  ? -9.73870  -4.31413  6.57291   1.000 22.38261 ? 23  GLY A O   1 
ATOM   180  N  N   . HIS A 1 24  ? -8.49669  -2.87511  7.78892   1.000 22.62873 ? 24  HIS A N   1 
ATOM   181  C  CA  . HIS A 1 24  ? -8.12802  -2.09785  6.60775   1.000 22.78584 ? 24  HIS A CA  1 
ATOM   182  C  C   . HIS A 1 24  ? -7.30913  -2.93880  5.63975   1.000 21.19124 ? 24  HIS A C   1 
ATOM   183  O  O   . HIS A 1 24  ? -7.51561  -2.88185  4.42341   1.000 20.83278 ? 24  HIS A O   1 
ATOM   184  C  CB  . HIS A 1 24  ? -7.33592  -0.85984  7.02580   1.000 20.90775 ? 24  HIS A CB  1 
ATOM   185  C  CG  . HIS A 1 24  ? -8.18742  0.24137   7.58264   1.000 21.68962 ? 24  HIS A CG  1 
ATOM   186  N  ND1 . HIS A 1 24  ? -8.59277  0.26777   8.90012   1.000 25.19482 ? 24  HIS A ND1 1 
ATOM   187  C  CD2 . HIS A 1 24  ? -8.68689  1.36357   7.01193   1.000 23.39551 ? 24  HIS A CD2 1 
ATOM   188  C  CE1 . HIS A 1 24  ? -9.30629  1.35778   9.11688   1.000 25.02253 ? 24  HIS A CE1 1 
ATOM   189  N  NE2 . HIS A 1 24  ? -9.38415  2.03372   7.98543   1.000 24.17158 ? 24  HIS A NE2 1 
ATOM   190  N  N   . GLY A 1 25  ? -6.39471  -3.74796  6.16680   1.000 20.56842 ? 25  GLY A N   1 
ATOM   191  C  CA  . GLY A 1 25  ? -5.56358  -4.56770  5.30453   1.000 22.31749 ? 25  GLY A CA  1 
ATOM   192  C  C   . GLY A 1 25  ? -6.36926  -5.58907  4.52586   1.000 23.48793 ? 25  GLY A C   1 
ATOM   193  O  O   . GLY A 1 25  ? -6.12636  -5.80616  3.33625   1.000 20.15227 ? 25  GLY A O   1 
ATOM   194  N  N   . GLN A 1 26  ? -7.34967  -6.22115  5.17989   1.000 20.57875 ? 26  GLN A N   1 
ATOM   195  C  CA  . GLN A 1 26  ? -8.23222  -7.13992  4.45958   1.000 20.71485 ? 26  GLN A CA  1 
ATOM   196  C  C   . GLN A 1 26  ? -9.00917  -6.41154  3.36881   1.000 20.77704 ? 26  GLN A C   1 
ATOM   197  O  O   . GLN A 1 26  ? -9.11043  -6.89004  2.23195   1.000 21.08195 ? 26  GLN A O   1 
ATOM   198  C  CB  . GLN A 1 26  ? -9.21224  -7.81393  5.41994   1.000 22.89526 ? 26  GLN A CB  1 
ATOM   199  C  CG  . GLN A 1 26  ? -8.58933  -8.79499  6.38841   1.000 23.63703 ? 26  GLN A CG  1 
ATOM   200  C  CD  . GLN A 1 26  ? -9.55387  -9.18369  7.48514   1.000 28.40528 ? 26  GLN A CD  1 
ATOM   201  O  OE1 . GLN A 1 26  ? -10.11051 -8.32054  8.16364   1.000 28.27417 ? 26  GLN A OE1 1 
ATOM   202  N  NE2 . GLN A 1 26  ? -9.74838  -10.49027 7.67805   1.000 25.65424 ? 26  GLN A NE2 1 
ATOM   203  N  N   . ASP A 1 27  ? -9.58059  -5.24750  3.70027   1.000 19.61653 ? 27  ASP A N   1 
ATOM   204  C  CA  . ASP A 1 27  ? -10.37691 -4.51435  2.71925   1.000 19.24768 ? 27  ASP A CA  1 
ATOM   205  C  C   . ASP A 1 27  ? -9.53214  -4.10283  1.52353   1.000 20.47414 ? 27  ASP A C   1 
ATOM   206  O  O   . ASP A 1 27  ? -9.99314  -4.15417  0.37591   1.000 19.34711 ? 27  ASP A O   1 
ATOM   207  C  CB  . ASP A 1 27  ? -10.98046 -3.26827  3.36509   1.000 22.17947 ? 27  ASP A CB  1 
ATOM   208  C  CG  . ASP A 1 27  ? -12.12666 -3.57337  4.29884   1.000 30.54350 ? 27  ASP A CG  1 
ATOM   209  O  OD1 . ASP A 1 27  ? -12.55234 -4.74213  4.38671   1.000 30.12420 ? 27  ASP A OD1 1 
ATOM   210  O  OD2 . ASP A 1 27  ? -12.60769 -2.61790  4.94184   1.000 29.64194 ? 27  ASP A OD2 1 
ATOM   211  N  N   . ILE A 1 28  ? -8.29363  -3.66385  1.78351   1.000 18.76597 ? 28  ILE A N   1 
ATOM   212  C  CA  . ILE A 1 28  ? -7.42020  -3.18590  0.71937   1.000 18.72903 ? 28  ILE A CA  1 
ATOM   213  C  C   . ILE A 1 28  ? -6.97625  -4.32962  -0.18663  1.000 15.21958 ? 28  ILE A C   1 
ATOM   214  O  O   . ILE A 1 28  ? -7.03495  -4.21973  -1.41480  1.000 16.76593 ? 28  ILE A O   1 
ATOM   215  C  CB  . ILE A 1 28  ? -6.22516  -2.42207  1.32398   1.000 19.73883 ? 28  ILE A CB  1 
ATOM   216  C  CG1 . ILE A 1 28  ? -6.71710  -1.07688  1.85225   1.000 18.01729 ? 28  ILE A CG1 1 
ATOM   217  C  CG2 . ILE A 1 28  ? -5.12178  -2.22585  0.30275   1.000 21.62452 ? 28  ILE A CG2 1 
ATOM   218  C  CD1 . ILE A 1 28  ? -5.75576  -0.42869  2.81704   1.000 19.67645 ? 28  ILE A CD1 1 
ATOM   219  N  N   . LEU A 1 29  ? -6.53614  -5.46169  0.39129   1.000 18.30198 ? 29  LEU A N   1 
ATOM   220  C  CA  . LEU A 1 29  ? -6.09690  -6.54315  -0.47040  1.000 16.40186 ? 29  LEU A CA  1 
ATOM   221  C  C   . LEU A 1 29  ? -7.26484  -7.15392  -1.23864  1.000 17.09043 ? 29  LEU A C   1 
ATOM   222  O  O   . LEU A 1 29  ? -7.11973  -7.51398  -2.40969  1.000 18.34876 ? 29  LEU A O   1 
ATOM   223  C  CB  . LEU A 1 29  ? -5.39357  -7.61681  0.35411   1.000 15.37572 ? 29  LEU A CB  1 
ATOM   224  C  CG  . LEU A 1 29  ? -4.02556  -7.18969  0.84017   1.000 17.84357 ? 29  LEU A CG  1 
ATOM   225  C  CD1 . LEU A 1 29  ? -3.46201  -8.26220  1.75163   1.000 18.29526 ? 29  LEU A CD1 1 
ATOM   226  C  CD2 . LEU A 1 29  ? -3.07770  -6.91252  -0.32925  1.000 21.08858 ? 29  LEU A CD2 1 
ATOM   227  N  N   . ILE A 1 30  ? -8.42366  -7.29974  -0.59574  1.000 16.38057 ? 30  ILE A N   1 
ATOM   228  C  CA  . ILE A 1 30  ? -9.58104  -7.83827  -1.31934  1.000 17.32363 ? 30  ILE A CA  1 
ATOM   229  C  C   . ILE A 1 30  ? -9.99345  -6.89785  -2.45245  1.000 19.68091 ? 30  ILE A C   1 
ATOM   230  O  O   . ILE A 1 30  ? -10.28046 -7.34051  -3.57304  1.000 19.63374 ? 30  ILE A O   1 
ATOM   231  C  CB  . ILE A 1 30  ? -10.73945 -8.12216  -0.34461  1.000 17.72250 ? 30  ILE A CB  1 
ATOM   232  C  CG1 . ILE A 1 30  ? -10.39601 -9.34181  0.52458   1.000 23.01790 ? 30  ILE A CG1 1 
ATOM   233  C  CG2 . ILE A 1 30  ? -12.05645 -8.33627  -1.09707  1.000 22.31209 ? 30  ILE A CG2 1 
ATOM   234  C  CD1 . ILE A 1 30  ? -11.25217 -9.45361  1.76104   1.000 24.45601 ? 30  ILE A CD1 1 
ATOM   235  N  N   . ARG A 1 31  ? -9.95713  -5.58382  -2.20757  1.000 19.20452 ? 31  ARG A N   1 
ATOM   236  C  CA  . ARG A 1 31  ? -10.26704 -4.64826  -3.28799  1.000 18.45643 ? 31  ARG A CA  1 
ATOM   237  C  C   . ARG A 1 31  ? -9.24479  -4.76636  -4.41808  1.000 17.54725 ? 31  ARG A C   1 
ATOM   238  O  O   . ARG A 1 31  ? -9.60599  -4.75634  -5.60219  1.000 18.98153 ? 31  ARG A O   1 
ATOM   239  C  CB  . ARG A 1 31  ? -10.31908 -3.22410  -2.72523  1.000 19.00317 ? 31  ARG A CB  1 
ATOM   240  C  CG  . ARG A 1 31  ? -10.45399 -2.11490  -3.76582  1.000 20.77141 ? 31  ARG A CG  1 
ATOM   241  C  CD  . ARG A 1 31  ? -11.83909 -2.07283  -4.36412  1.000 22.84468 ? 31  ARG A CD  1 
ATOM   242  N  NE  . ARG A 1 31  ? -11.88451 -0.98340  -5.33253  1.000 26.64984 ? 31  ARG A NE  1 
ATOM   243  C  CZ  . ARG A 1 31  ? -12.99159 -0.40867  -5.78127  1.000 24.47246 ? 31  ARG A CZ  1 
ATOM   244  N  NH1 . ARG A 1 31  ? -14.18983 -0.78897  -5.36732  1.000 30.22885 ? 31  ARG A NH1 1 
ATOM   245  N  NH2 . ARG A 1 31  ? -12.89046 0.57965   -6.66564  1.000 33.12643 ? 31  ARG A NH2 1 
ATOM   246  N  N   . LEU A 1 32  ? -7.96150  -4.89286  -4.07534  1.000 17.36072 ? 32  LEU A N   1 
ATOM   247  C  CA  . LEU A 1 32  ? -6.93498  -5.07366  -5.10167  1.000 17.56255 ? 32  LEU A CA  1 
ATOM   248  C  C   . LEU A 1 32  ? -7.23130  -6.29997  -5.95659  1.000 19.98391 ? 32  LEU A C   1 
ATOM   249  O  O   . LEU A 1 32  ? -7.14844  -6.25655  -7.18760  1.000 19.95219 ? 32  LEU A O   1 
ATOM   250  C  CB  . LEU A 1 32  ? -5.54991  -5.21391  -4.45072  1.000 16.41680 ? 32  LEU A CB  1 
ATOM   251  C  CG  . LEU A 1 32  ? -4.42705  -5.73465  -5.35037  1.000 16.30497 ? 32  LEU A CG  1 
ATOM   252  C  CD1 . LEU A 1 32  ? -4.07446  -4.70032  -6.41193  1.000 18.73327 ? 32  LEU A CD1 1 
ATOM   253  C  CD2 . LEU A 1 32  ? -3.18918  -6.09039  -4.52171  1.000 17.42819 ? 32  LEU A CD2 1 
ATOM   254  N  N   . PHE A 1 33  ? -7.57214  -7.41951  -5.31899  1.000 17.49205 ? 33  PHE A N   1 
ATOM   255  C  CA  . PHE A 1 33  ? -7.78007  -8.62143  -6.10478  1.000 15.92631 ? 33  PHE A CA  1 
ATOM   256  C  C   . PHE A 1 33  ? -9.11756  -8.65743  -6.82300  1.000 20.37937 ? 33  PHE A C   1 
ATOM   257  O  O   . PHE A 1 33  ? -9.25026  -9.41881  -7.78781  1.000 22.69473 ? 33  PHE A O   1 
ATOM   258  C  CB  . PHE A 1 33  ? -7.63633  -9.84228  -5.20284  1.000 17.48508 ? 33  PHE A CB  1 
ATOM   259  C  CG  . PHE A 1 33  ? -6.26872  -9.98392  -4.61341  1.000 22.03464 ? 33  PHE A CG  1 
ATOM   260  C  CD1 . PHE A 1 33  ? -5.13344  -9.74492  -5.37743  1.000 20.44943 ? 33  PHE A CD1 1 
ATOM   261  C  CD2 . PHE A 1 33  ? -6.11005  -10.36683 -3.29564  1.000 19.64218 ? 33  PHE A CD2 1 
ATOM   262  C  CE1 . PHE A 1 33  ? -3.88346  -9.88360  -4.83754  1.000 23.43247 ? 33  PHE A CE1 1 
ATOM   263  C  CE2 . PHE A 1 33  ? -4.84881  -10.47381 -2.74676  1.000 19.20789 ? 33  PHE A CE2 1 
ATOM   264  C  CZ  . PHE A 1 33  ? -3.74484  -10.23818 -3.52198  1.000 20.53292 ? 33  PHE A CZ  1 
ATOM   265  N  N   . LYS A 1 34  ? -10.10573 -7.86723  -6.39378  1.000 18.85554 ? 34  LYS A N   1 
ATOM   266  C  CA  . LYS A 1 34  ? -11.33685 -7.79281  -7.17979  1.000 20.75687 ? 34  LYS A CA  1 
ATOM   267  C  C   . LYS A 1 34  ? -11.15630 -6.86029  -8.36903  1.000 24.24448 ? 34  LYS A C   1 
ATOM   268  O  O   . LYS A 1 34  ? -11.63516 -7.15415  -9.47232  1.000 23.35340 ? 34  LYS A O   1 
ATOM   269  C  CB  . LYS A 1 34  ? -12.50806 -7.34277  -6.30095  1.000 22.76417 ? 34  LYS A CB  1 
ATOM   270  C  CG  . LYS A 1 34  ? -13.04525 -8.46832  -5.43718  1.000 27.92373 ? 34  LYS A CG  1 
ATOM   271  C  CD  . LYS A 1 34  ? -13.62263 -7.98081  -4.12556  1.000 31.95261 ? 34  LYS A CD  1 
ATOM   272  C  CE  . LYS A 1 34  ? -15.05193 -7.51255  -4.21640  1.000 39.58914 ? 34  LYS A CE  1 
ATOM   273  N  NZ  . LYS A 1 34  ? -15.42893 -6.78421  -2.95645  1.000 38.76684 ? 34  LYS A NZ  1 
ATOM   274  N  N   . SER A 1 35  ? -10.43487 -5.75006  -8.17085  1.000 22.19028 ? 35  SER A N   1 
ATOM   275  C  CA  . SER A 1 35  ? -10.21754 -4.79149  -9.24986  1.000 19.78165 ? 35  SER A CA  1 
ATOM   276  C  C   . SER A 1 35  ? -9.18792  -5.28498  -10.24743 1.000 22.24474 ? 35  SER A C   1 
ATOM   277  O  O   . SER A 1 35  ? -9.25031  -4.94108  -11.43374 1.000 18.96496 ? 35  SER A O   1 
ATOM   278  C  CB  . SER A 1 35  ? -9.74649  -3.45585  -8.66754  1.000 20.26015 ? 35  SER A CB  1 
ATOM   279  O  OG  . SER A 1 35  ? -10.68181 -2.93743  -7.75323  1.000 31.21950 ? 35  SER A OG  1 
ATOM   280  N  N   . HIS A 1 36  ? -8.21416  -6.06716  -9.78209  1.000 19.93528 ? 36  HIS A N   1 
ATOM   281  C  CA  . HIS A 1 36  ? -7.13222  -6.56454  -10.62455 1.000 19.04836 ? 36  HIS A CA  1 
ATOM   282  C  C   . HIS A 1 36  ? -6.89231  -8.02025  -10.29398 1.000 20.74598 ? 36  HIS A C   1 
ATOM   283  O  O   . HIS A 1 36  ? -5.86673  -8.38610  -9.70995  1.000 20.35880 ? 36  HIS A O   1 
ATOM   284  C  CB  . HIS A 1 36  ? -5.87009  -5.73383  -10.41988 1.000 21.83137 ? 36  HIS A CB  1 
ATOM   285  C  CG  . HIS A 1 36  ? -6.01594  -4.34604  -10.94302 1.000 24.70852 ? 36  HIS A CG  1 
ATOM   286  N  ND1 . HIS A 1 36  ? -5.83811  -4.02994  -12.27082 1.000 26.14286 ? 36  HIS A ND1 1 
ATOM   287  C  CD2 . HIS A 1 36  ? -6.35880  -3.19571  -10.32209 1.000 24.55424 ? 36  HIS A CD2 1 
ATOM   288  C  CE1 . HIS A 1 36  ? -6.04875  -2.73904  -12.44299 1.000 27.56002 ? 36  HIS A CE1 1 
ATOM   289  N  NE2 . HIS A 1 36  ? -6.37755  -2.20980  -11.27938 1.000 29.05640 ? 36  HIS A NE2 1 
ATOM   290  N  N   . PRO A 1 37  ? -7.84371  -8.88510  -10.64467 1.000 19.32127 ? 37  PRO A N   1 
ATOM   291  C  CA  . PRO A 1 37  ? -7.69826  -10.30850 -10.31752 1.000 18.68983 ? 37  PRO A CA  1 
ATOM   292  C  C   . PRO A 1 37  ? -6.47662  -10.92728 -10.94594 1.000 27.47025 ? 37  PRO A C   1 
ATOM   293  O  O   . PRO A 1 37  ? -6.01946  -11.97964 -10.48056 1.000 25.62097 ? 37  PRO A O   1 
ATOM   294  C  CB  . PRO A 1 37  ? -8.99119  -10.93030 -10.86426 1.000 21.87621 ? 37  PRO A CB  1 
ATOM   295  C  CG  . PRO A 1 37  ? -9.50378  -9.93877  -11.87460 1.000 24.83424 ? 37  PRO A CG  1 
ATOM   296  C  CD  . PRO A 1 37  ? -9.08904  -8.59252  -11.37531 1.000 22.45191 ? 37  PRO A CD  1 
ATOM   297  N  N   . GLU A 1 38  ? -5.91356  -10.29880 -11.97893 1.000 24.42393 ? 38  GLU A N   1 
ATOM   298  C  CA  . GLU A 1 38  ? -4.70486  -10.83030 -12.59302 1.000 24.24941 ? 38  GLU A CA  1 
ATOM   299  C  C   . GLU A 1 38  ? -3.49613  -10.75779 -11.66567 1.000 29.00514 ? 38  GLU A C   1 
ATOM   300  O  O   . GLU A 1 38  ? -2.51491  -11.47076 -11.89613 1.000 31.99614 ? 38  GLU A O   1 
ATOM   301  C  CB  . GLU A 1 38  ? -4.41798  -10.07360 -13.88849 1.000 34.93182 ? 38  GLU A CB  1 
ATOM   302  C  CG  . GLU A 1 38  ? -3.76667  -8.71825  -13.66210 1.000 32.60594 ? 38  GLU A CG  1 
ATOM   303  C  CD  . GLU A 1 38  ? -4.75735  -7.59099  -13.50281 1.000 29.52137 ? 38  GLU A CD  1 
ATOM   304  O  OE1 . GLU A 1 38  ? -5.96876  -7.84558  -13.30163 1.000 30.97770 ? 38  GLU A OE1 1 
ATOM   305  O  OE2 . GLU A 1 38  ? -4.32271  -6.42243  -13.57966 1.000 36.05512 ? 38  GLU A OE2 1 
ATOM   306  N  N   . THR A 1 39  ? -3.54215  -9.92460  -10.61899 1.000 22.90057 ? 39  THR A N   1 
ATOM   307  C  CA  . THR A 1 39  ? -2.41339  -9.81553  -9.69831  1.000 22.87056 ? 39  THR A CA  1 
ATOM   308  C  C   . THR A 1 39  ? -2.33517  -10.98169 -8.72491  1.000 27.57941 ? 39  THR A C   1 
ATOM   309  O  O   . THR A 1 39  ? -1.26269  -11.22825 -8.16542  1.000 27.30954 ? 39  THR A O   1 
ATOM   310  C  CB  . THR A 1 39  ? -2.47696  -8.51499  -8.88953  1.000 25.38663 ? 39  THR A CB  1 
ATOM   311  O  OG1 . THR A 1 39  ? -3.65249  -8.51478  -8.07317  1.000 22.41683 ? 39  THR A OG1 1 
ATOM   312  C  CG2 . THR A 1 39  ? -2.44852  -7.29334  -9.78392  1.000 23.16610 ? 39  THR A CG2 1 
ATOM   313  N  N   . LEU A 1 40  ? -3.44434  -11.69404 -8.50520  1.000 27.13676 ? 40  LEU A N   1 
ATOM   314  C  CA  . LEU A 1 40  ? -3.47403  -12.71287 -7.46239  1.000 22.42612 ? 40  LEU A CA  1 
ATOM   315  C  C   . LEU A 1 40  ? -2.49865  -13.84085 -7.76646  1.000 26.72013 ? 40  LEU A C   1 
ATOM   316  O  O   . LEU A 1 40  ? -1.90733  -14.41698 -6.84762  1.000 26.99920 ? 40  LEU A O   1 
ATOM   317  C  CB  . LEU A 1 40  ? -4.90220  -13.23958 -7.30450  1.000 23.36093 ? 40  LEU A CB  1 
ATOM   318  C  CG  . LEU A 1 40  ? -5.17562  -14.30269 -6.22819  1.000 23.65246 ? 40  LEU A CG  1 
ATOM   319  C  CD1 . LEU A 1 40  ? -4.81281  -13.77856 -4.84769  1.000 22.81739 ? 40  LEU A CD1 1 
ATOM   320  C  CD2 . LEU A 1 40  ? -6.62802  -14.72822 -6.26537  1.000 26.22798 ? 40  LEU A CD2 1 
ATOM   321  N  N   . GLU A 1 41  ? -2.30340  -14.13389 -9.05437  1.000 27.52793 ? 41  GLU A N   1 
ATOM   322  C  CA  . GLU A 1 41  ? -1.42679  -15.21056 -9.50288  1.000 35.51517 ? 41  GLU A CA  1 
ATOM   323  C  C   . GLU A 1 41  ? 0.00258   -15.04018 -8.99652  1.000 31.84999 ? 41  GLU A C   1 
ATOM   324  O  O   . GLU A 1 41  ? 0.70450   -16.03386 -8.77726  1.000 33.11683 ? 41  GLU A O   1 
ATOM   325  C  CB  . GLU A 1 41  ? -1.46623  -15.24153 -11.03270 1.000 39.40677 ? 41  GLU A CB  1 
ATOM   326  C  CG  . GLU A 1 41  ? -2.74387  -15.87628 -11.58993 1.000 47.55091 ? 41  GLU A CG  1 
ATOM   327  C  CD  . GLU A 1 41  ? -3.71939  -14.84492 -12.18983 1.000 47.62827 ? 41  GLU A CD  1 
ATOM   328  O  OE1 . GLU A 1 41  ? -4.40896  -14.13897 -11.39013 1.000 32.31665 ? 41  GLU A OE1 1 
ATOM   329  O  OE2 . GLU A 1 41  ? -3.79931  -14.73272 -13.44656 1.000 38.95731 ? 41  GLU A OE2 1 
ATOM   330  N  N   . LYS A 1 42  ? 0.44908   -13.80171 -8.78457  1.000 30.58421 ? 42  LYS A N   1 
ATOM   331  C  CA  . LYS A 1 42  ? 1.82971   -13.52107 -8.40774  1.000 31.63792 ? 42  LYS A CA  1 
ATOM   332  C  C   . LYS A 1 42  ? 2.07279   -13.58403 -6.90459  1.000 33.14679 ? 42  LYS A C   1 
ATOM   333  O  O   . LYS A 1 42  ? 3.22693   -13.47730 -6.46946  1.000 35.80175 ? 42  LYS A O   1 
ATOM   334  C  CB  . LYS A 1 42  ? 2.23872   -12.13203 -8.91514  1.000 32.77488 ? 42  LYS A CB  1 
ATOM   335  C  CG  . LYS A 1 42  ? 2.10807   -11.92769 -10.42387 1.000 34.93770 ? 42  LYS A CG  1 
ATOM   336  C  CD  . LYS A 1 42  ? 3.18616   -12.64982 -11.20928 1.000 44.90596 ? 42  LYS A CD  1 
ATOM   337  C  CE  . LYS A 1 42  ? 2.79304   -12.76996 -12.67859 1.000 45.08775 ? 42  LYS A CE  1 
ATOM   338  N  NZ  . LYS A 1 42  ? 3.10330   -14.13007 -13.21655 1.000 57.06779 ? 42  LYS A NZ  1 
ATOM   339  N  N   . PHE A 1 43  ? 1.02769   -13.72771 -6.09810  1.000 27.51544 ? 43  PHE A N   1 
ATOM   340  C  CA  . PHE A 1 43  ? 1.16477   -13.80784 -4.64251  1.000 26.89467 ? 43  PHE A CA  1 
ATOM   341  C  C   . PHE A 1 43  ? 1.23783   -15.28663 -4.28194  1.000 31.23000 ? 43  PHE A C   1 
ATOM   342  O  O   . PHE A 1 43  ? 0.21760   -15.94607 -4.08211  1.000 27.83247 ? 43  PHE A O   1 
ATOM   343  C  CB  . PHE A 1 43  ? 0.00714   -13.11144 -3.93443  1.000 26.30133 ? 43  PHE A CB  1 
ATOM   344  C  CG  . PHE A 1 43  ? 0.05151   -11.60361 -4.00911  1.000 23.00071 ? 43  PHE A CG  1 
ATOM   345  C  CD1 . PHE A 1 43  ? -0.12433  -10.93906 -5.21249  1.000 27.51676 ? 43  PHE A CD1 1 
ATOM   346  C  CD2 . PHE A 1 43  ? 0.26967   -10.86420 -2.86403  1.000 27.63246 ? 43  PHE A CD2 1 
ATOM   347  C  CE1 . PHE A 1 43  ? -0.08521  -9.54566  -5.27473  1.000 24.57395 ? 43  PHE A CE1 1 
ATOM   348  C  CE2 . PHE A 1 43  ? 0.32424   -9.47692  -2.90875  1.000 28.98686 ? 43  PHE A CE2 1 
ATOM   349  C  CZ  . PHE A 1 43  ? 0.12523   -8.81510  -4.12655  1.000 26.84486 ? 43  PHE A CZ  1 
ATOM   350  N  N   . ASP A 1 44  ? 2.46496   -15.81137 -4.19582  1.000 30.39209 ? 44  ASP A N   1 
ATOM   351  C  CA  . ASP A 1 44  ? 2.62843   -17.24255 -3.96878  1.000 34.52572 ? 44  ASP A CA  1 
ATOM   352  C  C   . ASP A 1 44  ? 1.89070   -17.69078 -2.71347  1.000 28.13431 ? 44  ASP A C   1 
ATOM   353  O  O   . ASP A 1 44  ? 1.29322   -18.77763 -2.68601  1.000 31.65593 ? 44  ASP A O   1 
ATOM   354  C  CB  . ASP A 1 44  ? 4.11521   -17.58706 -3.87000  1.000 29.59141 ? 44  ASP A CB  1 
ATOM   355  C  CG  . ASP A 1 44  ? 4.35890   -19.08684 -3.77794  1.000 47.72051 ? 44  ASP A CG  1 
ATOM   356  O  OD1 . ASP A 1 44  ? 4.71700   -19.57928 -2.68199  1.000 50.72900 ? 44  ASP A OD1 1 
ATOM   357  O  OD2 . ASP A 1 44  ? 4.18840   -19.77365 -4.80848  1.000 57.26186 ? 44  ASP A OD2 1 
ATOM   358  N  N   A CYS A 1 45  ? 1.89791   -16.86318 -1.66808  0.689 28.82335 ? 45  CYS A N   1 
ATOM   359  N  N   B CYS A 1 45  ? 1.92478   -16.86974 -1.66265  0.311 28.88955 ? 45  CYS A N   1 
ATOM   360  C  CA  A CYS A 1 45  ? 1.31595   -17.31301 -0.41236  0.689 27.66358 ? 45  CYS A CA  1 
ATOM   361  C  CA  B CYS A 1 45  ? 1.32350   -17.21748 -0.38284  0.311 27.70470 ? 45  CYS A CA  1 
ATOM   362  C  C   A CYS A 1 45  ? -0.19416  -17.30043 -0.43926  0.689 25.67789 ? 45  CYS A C   1 
ATOM   363  C  C   B CYS A 1 45  ? -0.19266  -17.29581 -0.44229  0.311 25.76294 ? 45  CYS A C   1 
ATOM   364  O  O   A CYS A 1 45  ? -0.80800  -17.68901 0.56392   0.689 28.41474 ? 45  CYS A O   1 
ATOM   365  O  O   B CYS A 1 45  ? -0.80702  -17.76796 0.52136   0.311 28.38755 ? 45  CYS A O   1 
ATOM   366  C  CB  A CYS A 1 45  ? 1.77078   -16.44726 0.75723   0.689 28.87468 ? 45  CYS A CB  1 
ATOM   367  C  CB  B CYS A 1 45  ? 1.72485   -16.19172 0.66870   0.311 28.91356 ? 45  CYS A CB  1 
ATOM   368  S  SG  A CYS A 1 45  ? 1.25512   -14.74441 0.60942   0.689 34.07500 ? 45  CYS A SG  1 
ATOM   369  S  SG  B CYS A 1 45  ? 1.40351   -14.50839 0.11735   0.311 33.64260 ? 45  CYS A SG  1 
ATOM   370  N  N   . PHE A 1 46  ? -0.80706  -16.82570 -1.52971  1.000 24.64626 ? 46  PHE A N   1 
ATOM   371  C  CA  . PHE A 1 46  ? -2.25715  -16.83586 -1.68589  1.000 22.80424 ? 46  PHE A CA  1 
ATOM   372  C  C   . PHE A 1 46  ? -2.70924  -17.83116 -2.74609  1.000 25.38046 ? 46  PHE A C   1 
ATOM   373  O  O   . PHE A 1 46  ? -3.81403  -17.69936 -3.28193  1.000 26.80416 ? 46  PHE A O   1 
ATOM   374  C  CB  . PHE A 1 46  ? -2.78788  -15.44438 -2.06468  1.000 20.35824 ? 46  PHE A CB  1 
ATOM   375  C  CG  . PHE A 1 46  ? -2.49909  -14.36796 -1.06707  1.000 23.85645 ? 46  PHE A CG  1 
ATOM   376  C  CD1 . PHE A 1 46  ? -2.31420  -14.64386 0.26765   1.000 22.77922 ? 46  PHE A CD1 1 
ATOM   377  C  CD2 . PHE A 1 46  ? -2.47459  -13.04323 -1.48043  1.000 20.79388 ? 46  PHE A CD2 1 
ATOM   378  C  CE1 . PHE A 1 46  ? -2.05363  -13.63931 1.17428   1.000 22.87292 ? 46  PHE A CE1 1 
ATOM   379  C  CE2 . PHE A 1 46  ? -2.21513  -12.02190 -0.57492  1.000 22.67018 ? 46  PHE A CE2 1 
ATOM   380  C  CZ  . PHE A 1 46  ? -2.00128  -12.31990 0.75461   1.000 23.35653 ? 46  PHE A CZ  1 
ATOM   381  N  N   . LYS A 1 47  ? -1.87098  -18.81923 -3.07569  1.000 27.95676 ? 47  LYS A N   1 
ATOM   382  C  CA  . LYS A 1 47  ? -2.20177  -19.73637 -4.16300  1.000 28.21606 ? 47  LYS A CA  1 
ATOM   383  C  C   . LYS A 1 47  ? -3.44460  -20.57150 -3.86819  1.000 30.41345 ? 47  LYS A C   1 
ATOM   384  O  O   . LYS A 1 47  ? -4.05157  -21.11603 -4.80020  1.000 32.62284 ? 47  LYS A O   1 
ATOM   385  C  CB  . LYS A 1 47  ? -1.00819  -20.64862 -4.44161  1.000 30.00565 ? 47  LYS A CB  1 
ATOM   386  C  CG  . LYS A 1 47  ? -0.62684  -21.52329 -3.24721  1.000 34.47327 ? 47  LYS A CG  1 
ATOM   387  C  CD  . LYS A 1 47  ? 0.19114   -22.72451 -3.67106  1.000 43.96811 ? 47  LYS A CD  1 
ATOM   388  C  CE  . LYS A 1 47  ? 1.67099   -22.41788 -3.56936  1.000 43.58122 ? 47  LYS A CE  1 
ATOM   389  N  NZ  . LYS A 1 47  ? 2.04078   -21.96221 -2.20243  1.000 41.03498 ? 47  LYS A NZ  1 
ATOM   390  N  N   . HIS A 1 48  ? -3.83896  -20.67371 -2.60322  1.000 25.28279 ? 48  HIS A N   1 
ATOM   391  C  CA  . HIS A 1 48  ? -5.02620  -21.41103 -2.18934  1.000 26.17460 ? 48  HIS A CA  1 
ATOM   392  C  C   . HIS A 1 48  ? -6.29243  -20.56445 -2.15148  1.000 27.14231 ? 48  HIS A C   1 
ATOM   393  O  O   . HIS A 1 48  ? -7.36653  -21.09843 -1.85089  1.000 28.23877 ? 48  HIS A O   1 
ATOM   394  C  CB  . HIS A 1 48  ? -4.78227  -22.03602 -0.80837  1.000 28.53511 ? 48  HIS A CB  1 
ATOM   395  C  CG  . HIS A 1 48  ? -4.53230  -21.02655 0.27163   1.000 24.10371 ? 48  HIS A CG  1 
ATOM   396  N  ND1 . HIS A 1 48  ? -3.47102  -20.14527 0.23094   1.000 26.17946 ? 48  HIS A ND1 1 
ATOM   397  C  CD2 . HIS A 1 48  ? -5.18946  -20.76968 1.42809   1.000 24.92571 ? 48  HIS A CD2 1 
ATOM   398  C  CE1 . HIS A 1 48  ? -3.49340  -19.38210 1.30915   1.000 24.42888 ? 48  HIS A CE1 1 
ATOM   399  N  NE2 . HIS A 1 48  ? -4.52805  -19.73742 2.05034   1.000 24.53825 ? 48  HIS A NE2 1 
ATOM   400  N  N   . LEU A 1 49  ? -6.20325  -19.26559 -2.44352  1.000 24.49096 ? 49  LEU A N   1 
ATOM   401  C  CA  . LEU A 1 49  ? -7.32876  -18.34681 -2.31374  1.000 24.88283 ? 49  LEU A CA  1 
ATOM   402  C  C   . LEU A 1 49  ? -7.87043  -17.97519 -3.68470  1.000 26.76638 ? 49  LEU A C   1 
ATOM   403  O  O   . LEU A 1 49  ? -7.12269  -17.50326 -4.54526  1.000 30.18117 ? 49  LEU A O   1 
ATOM   404  C  CB  . LEU A 1 49  ? -6.90871  -17.07865 -1.56701  1.000 23.10552 ? 49  LEU A CB  1 
ATOM   405  C  CG  . LEU A 1 49  ? -6.27999  -17.31270 -0.18734  1.000 22.30575 ? 49  LEU A CG  1 
ATOM   406  C  CD1 . LEU A 1 49  ? -5.83070  -15.98964 0.41936   1.000 24.36892 ? 49  LEU A CD1 1 
ATOM   407  C  CD2 . LEU A 1 49  ? -7.24863  -18.00415 0.74389   1.000 23.71808 ? 49  LEU A CD2 1 
ATOM   408  N  N   . LYS A 1 50  ? -9.17354  -18.16201 -3.87595  1.000 25.90429 ? 50  LYS A N   1 
ATOM   409  C  CA  . LYS A 1 50  ? -9.78291  -17.87178 -5.17159  1.000 30.24371 ? 50  LYS A CA  1 
ATOM   410  C  C   . LYS A 1 50  ? -10.99088 -16.94983 -5.04850  1.000 32.66177 ? 50  LYS A C   1 
ATOM   411  O  O   . LYS A 1 50  ? -11.21063 -16.10197 -5.91715  1.000 38.83095 ? 50  LYS A O   1 
ATOM   412  C  CB  . LYS A 1 50  ? -10.19543 -19.17003 -5.87892  1.000 37.04647 ? 50  LYS A CB  1 
ATOM   413  C  CG  . LYS A 1 50  ? -9.02854  -20.07779 -6.29999  1.000 42.97735 ? 50  LYS A CG  1 
ATOM   414  C  CD  . LYS A 1 50  ? -8.93991  -21.35087 -5.45442  1.000 48.36799 ? 50  LYS A CD  1 
ATOM   415  C  CE  . LYS A 1 50  ? -7.61070  -22.07528 -5.69715  1.000 40.32799 ? 50  LYS A CE  1 
ATOM   416  N  NZ  . LYS A 1 50  ? -7.40947  -23.24728 -4.79938  1.000 48.46177 ? 50  LYS A NZ  1 
ATOM   417  N  N   . THR A 1 51  ? -11.78297 -17.10628 -3.99349  1.000 32.14671 ? 51  THR A N   1 
ATOM   418  C  CA  . THR A 1 51  ? -13.03964 -16.38056 -3.84351  1.000 28.95889 ? 51  THR A CA  1 
ATOM   419  C  C   . THR A 1 51  ? -12.93241 -15.32419 -2.75755  1.000 28.44033 ? 51  THR A C   1 
ATOM   420  O  O   . THR A 1 51  ? -12.06224 -15.38466 -1.88862  1.000 26.19960 ? 51  THR A O   1 
ATOM   421  C  CB  . THR A 1 51  ? -14.18817 -17.33317 -3.49358  1.000 28.13027 ? 51  THR A CB  1 
ATOM   422  O  OG1 . THR A 1 51  ? -14.03713 -17.77993 -2.13434  1.000 26.59137 ? 51  THR A OG1 1 
ATOM   423  C  CG2 . THR A 1 51  ? -14.17841 -18.52499 -4.42389  1.000 37.83120 ? 51  THR A CG2 1 
ATOM   424  N  N   . GLU A 1 52  ? -13.84945 -14.35332 -2.80981  1.000 26.55864 ? 52  GLU A N   1 
ATOM   425  C  CA  . GLU A 1 52  ? -13.89803 -13.33681 -1.76756  1.000 26.87958 ? 52  GLU A CA  1 
ATOM   426  C  C   . GLU A 1 52  ? -14.08091 -13.95924 -0.38899  1.000 23.76177 ? 52  GLU A C   1 
ATOM   427  O  O   . GLU A 1 52  ? -13.42655 -13.54694 0.57777   1.000 23.80575 ? 52  GLU A O   1 
ATOM   428  C  CB  . GLU A 1 52  ? -15.01934 -12.33426 -2.05104  1.000 32.40197 ? 52  GLU A CB  1 
ATOM   429  C  CG  . GLU A 1 52  ? -15.03532 -11.21413 -1.04640  1.000 25.37072 ? 52  GLU A CG  1 
ATOM   430  C  CD  . GLU A 1 52  ? -15.92460 -10.05961 -1.45326  1.000 36.58882 ? 52  GLU A CD  1 
ATOM   431  O  OE1 . GLU A 1 52  ? -16.58588 -10.15886 -2.51121  1.000 38.29957 ? 52  GLU A OE1 1 
ATOM   432  O  OE2 . GLU A 1 52  ? -15.93172 -9.05049  -0.72182  1.000 38.83340 ? 52  GLU A OE2 1 
ATOM   433  N  N   . ALA A 1 53  ? -14.98812 -14.93393 -0.27048  1.000 26.42022 ? 53  ALA A N   1 
ATOM   434  C  CA  . ALA A 1 53  ? -15.16922 -15.60422 1.01015   1.000 27.60108 ? 53  ALA A CA  1 
ATOM   435  C  C   . ALA A 1 53  ? -13.86093 -16.20216 1.50305   1.000 20.98042 ? 53  ALA A C   1 
ATOM   436  O  O   . ALA A 1 53  ? -13.51496 -16.06078 2.68375   1.000 23.30523 ? 53  ALA A O   1 
ATOM   437  C  CB  . ALA A 1 53  ? -16.24345 -16.68653 0.89790   1.000 28.22468 ? 53  ALA A CB  1 
ATOM   438  N  N   . GLU A 1 54  ? -13.11563 -16.87548 0.61689   1.000 23.65735 ? 54  GLU A N   1 
ATOM   439  C  CA  . GLU A 1 54  ? -11.84924 -17.46817 1.03644   1.000 24.40077 ? 54  GLU A CA  1 
ATOM   440  C  C   . GLU A 1 54  ? -10.87384 -16.38637 1.48605   1.000 24.68704 ? 54  GLU A C   1 
ATOM   441  O  O   . GLU A 1 54  ? -10.17924 -16.54957 2.49324   1.000 22.46715 ? 54  GLU A O   1 
ATOM   442  C  CB  . GLU A 1 54  ? -11.23994 -18.29587 -0.09288  1.000 26.65271 ? 54  GLU A CB  1 
ATOM   443  C  CG  . GLU A 1 54  ? -11.98656 -19.60856 -0.35507  1.000 26.84512 ? 54  GLU A CG  1 
ATOM   444  C  CD  . GLU A 1 54  ? -11.55343 -20.30368 -1.63877  1.000 43.36624 ? 54  GLU A CD  1 
ATOM   445  O  OE1 . GLU A 1 54  ? -10.94924 -19.64853 -2.51130  1.000 33.54911 ? 54  GLU A OE1 1 
ATOM   446  O  OE2 . GLU A 1 54  ? -11.80570 -21.52513 -1.76540  1.000 40.90649 ? 54  GLU A OE2 1 
ATOM   447  N  N   . MET A 1 55  ? -10.82959 -15.25663 0.77132   1.000 21.89606 ? 55  MET A N   1 
ATOM   448  C  CA  . MET A 1 55  ? -9.91687  -14.20011 1.20831   1.000 20.09913 ? 55  MET A CA  1 
ATOM   449  C  C   . MET A 1 55  ? -10.33649 -13.60413 2.54382   1.000 22.13208 ? 55  MET A C   1 
ATOM   450  O  O   . MET A 1 55  ? -9.47756  -13.34184 3.39675   1.000 20.87196 ? 55  MET A O   1 
ATOM   451  C  CB  . MET A 1 55  ? -9.74117  -13.09981 0.15144   1.000 21.29645 ? 55  MET A CB  1 
ATOM   452  C  CG  . MET A 1 55  ? -9.52674  -13.59313 -1.24592  1.000 23.12903 ? 55  MET A CG  1 
ATOM   453  S  SD  . MET A 1 55  ? -9.58980  -12.27761 -2.45470  1.000 26.34174 ? 55  MET A SD  1 
ATOM   454  C  CE  . MET A 1 55  ? -8.61730  -13.02056 -3.75401  1.000 33.25964 ? 55  MET A CE  1 
ATOM   455  N  N   . LYS A 1 56  ? -11.64616 -13.42000 2.76761   1.000 21.55979 ? 56  LYS A N   1 
ATOM   456  C  CA  . LYS A 1 56  ? -12.08292 -12.85580 4.04534   1.000 24.11189 ? 56  LYS A CA  1 
ATOM   457  C  C   . LYS A 1 56  ? -11.77244 -13.77748 5.21321   1.000 25.36603 ? 56  LYS A C   1 
ATOM   458  O  O   . LYS A 1 56  ? -11.56655 -13.30476 6.33904   1.000 27.58468 ? 56  LYS A O   1 
ATOM   459  C  CB  . LYS A 1 56  ? -13.58237 -12.54829 4.00383   1.000 23.10484 ? 56  LYS A CB  1 
ATOM   460  C  CG  . LYS A 1 56  ? -14.01465 -11.57856 2.90587   1.000 31.45047 ? 56  LYS A CG  1 
ATOM   461  C  CD  . LYS A 1 56  ? -15.30654 -10.87249 3.32066   1.000 38.07515 ? 56  LYS A CD  1 
ATOM   462  C  CE  . LYS A 1 56  ? -15.58466 -9.62308  2.49791   1.000 43.38514 ? 56  LYS A CE  1 
ATOM   463  N  NZ  . LYS A 1 56  ? -16.80176 -9.78982  1.63747   1.000 48.50917 ? 56  LYS A NZ  1 
ATOM   464  N  N   . ALA A 1 57  ? -11.73071 -15.08695 4.97346   1.000 21.29228 ? 57  ALA A N   1 
ATOM   465  C  CA  . ALA A 1 57  ? -11.46636 -16.03814 6.04234   1.000 25.15234 ? 57  ALA A CA  1 
ATOM   466  C  C   . ALA A 1 57  ? -9.98684  -16.36869 6.21220   1.000 23.24187 ? 57  ALA A C   1 
ATOM   467  O  O   . ALA A 1 57  ? -9.64614  -17.11554 7.13474   1.000 25.67703 ? 57  ALA A O   1 
ATOM   468  C  CB  . ALA A 1 57  ? -12.26306 -17.31769 5.79856   1.000 25.61356 ? 57  ALA A CB  1 
ATOM   469  N  N   . SER A 1 58  ? -9.10921  -15.82233 5.36781   1.000 19.81258 ? 58  SER A N   1 
ATOM   470  C  CA  . SER A 1 58  ? -7.71065  -16.22956 5.31263   1.000 18.69926 ? 58  SER A CA  1 
ATOM   471  C  C   . SER A 1 58  ? -6.87167  -15.50141 6.34968   1.000 21.36876 ? 58  SER A C   1 
ATOM   472  O  O   . SER A 1 58  ? -6.79823  -14.26138 6.35865   1.000 22.86668 ? 58  SER A O   1 
ATOM   473  C  CB  . SER A 1 58  ? -7.12935  -15.97901 3.92425   1.000 19.80141 ? 58  SER A CB  1 
ATOM   474  O  OG  . SER A 1 58  ? -5.73823  -16.23948 3.94992   1.000 21.82507 ? 58  SER A OG  1 
ATOM   475  N  N   . GLU A 1 59  ? -6.19205  -16.27206 7.20061   1.000 19.75314 ? 59  GLU A N   1 
ATOM   476  C  CA  . GLU A 1 59  ? -5.21085  -15.67578 8.09160   1.000 21.45333 ? 59  GLU A CA  1 
ATOM   477  C  C   . GLU A 1 59  ? -3.95537  -15.23630 7.33882   1.000 21.19955 ? 59  GLU A C   1 
ATOM   478  O  O   . GLU A 1 59  ? -3.33082  -14.23394 7.71668   1.000 22.23303 ? 59  GLU A O   1 
ATOM   479  C  CB  . GLU A 1 59  ? -4.86903  -16.67167 9.20537   1.000 22.81952 ? 59  GLU A CB  1 
ATOM   480  C  CG  . GLU A 1 59  ? -3.93668  -16.10090 10.26896  1.000 28.14695 ? 59  GLU A CG  1 
ATOM   481  C  CD  . GLU A 1 59  ? -4.63395  -15.11379 11.18845  1.000 36.79514 ? 59  GLU A CD  1 
ATOM   482  O  OE1 . GLU A 1 59  ? -5.87963  -15.16983 11.29528  1.000 48.63072 ? 59  GLU A OE1 1 
ATOM   483  O  OE2 . GLU A 1 59  ? -3.92931  -14.28717 11.80974  1.000 46.16446 ? 59  GLU A OE2 1 
ATOM   484  N  N   . ASP A 1 60  ? -3.55468  -15.96401 6.28821   1.000 20.73930 ? 60  ASP A N   1 
ATOM   485  C  CA  . ASP A 1 60  ? -2.41863  -15.50668 5.49549   1.000 20.33504 ? 60  ASP A CA  1 
ATOM   486  C  C   . ASP A 1 60  ? -2.67437  -14.12539 4.92533   1.000 18.99986 ? 60  ASP A C   1 
ATOM   487  O  O   . ASP A 1 60  ? -1.79874  -13.25821 4.98685   1.000 19.05317 ? 60  ASP A O   1 
ATOM   488  C  CB  . ASP A 1 60  ? -2.10883  -16.47779 4.37101   1.000 19.88047 ? 60  ASP A CB  1 
ATOM   489  C  CG  . ASP A 1 60  ? -1.41388  -17.72807 4.88069   1.000 21.79389 ? 60  ASP A CG  1 
ATOM   490  O  OD1 . ASP A 1 60  ? -0.35442  -17.59535 5.55161   1.000 26.52075 ? 60  ASP A OD1 1 
ATOM   491  O  OD2 . ASP A 1 60  ? -1.95582  -18.81601 4.65952   1.000 26.09267 ? 60  ASP A OD2 1 
ATOM   492  N  N   . LEU A 1 61  ? -3.87233  -13.90326 4.38765   1.000 18.98865 ? 61  LEU A N   1 
ATOM   493  C  CA  . LEU A 1 61  ? -4.16925  -12.61507 3.77199   1.000 18.07055 ? 61  LEU A CA  1 
ATOM   494  C  C   . LEU A 1 61  ? -4.23035  -11.52358 4.82932   1.000 20.76325 ? 61  LEU A C   1 
ATOM   495  O  O   . LEU A 1 61  ? -3.71352  -10.41682 4.62645   1.000 19.58554 ? 61  LEU A O   1 
ATOM   496  C  CB  . LEU A 1 61  ? -5.48777  -12.69887 2.99755   1.000 18.01504 ? 61  LEU A CB  1 
ATOM   497  C  CG  . LEU A 1 61  ? -5.81495  -11.48104 2.13452   1.000 17.26813 ? 61  LEU A CG  1 
ATOM   498  C  CD1 . LEU A 1 61  ? -6.44619  -11.92099 0.80332   1.000 20.90716 ? 61  LEU A CD1 1 
ATOM   499  C  CD2 . LEU A 1 61  ? -6.73079  -10.54966 2.90822   1.000 19.61209 ? 61  LEU A CD2 1 
ATOM   500  N  N   . LYS A 1 62  ? -4.85545  -11.81749 5.96789   1.000 20.12576 ? 62  LYS A N   1 
ATOM   501  C  CA  . LYS A 1 62  ? -4.94992  -10.81967 7.02633   1.000 21.18543 ? 62  LYS A CA  1 
ATOM   502  C  C   . LYS A 1 62  ? -3.56371  -10.41885 7.51591   1.000 19.40497 ? 62  LYS A C   1 
ATOM   503  O  O   . LYS A 1 62  ? -3.27083  -9.22953  7.67246   1.000 21.04035 ? 62  LYS A O   1 
ATOM   504  C  CB  . LYS A 1 62  ? -5.79920  -11.33906 8.18391   1.000 25.15724 ? 62  LYS A CB  1 
ATOM   505  C  CG  . LYS A 1 62  ? -5.87172  -10.37440 9.35225   1.000 26.82966 ? 62  LYS A CG  1 
ATOM   506  C  CD  . LYS A 1 62  ? -6.38508  -11.07710 10.59621  1.000 35.35882 ? 62  LYS A CD  1 
ATOM   507  C  CE  . LYS A 1 62  ? -7.88317  -10.97502 10.71932  1.000 41.62079 ? 62  LYS A CE  1 
ATOM   508  N  NZ  . LYS A 1 62  ? -8.33464  -11.38906 12.08421  1.000 52.31824 ? 62  LYS A NZ  1 
ATOM   509  N  N   . LYS A 1 63  ? -2.69676  -11.40371 7.75265   1.000 20.30010 ? 63  LYS A N   1 
ATOM   510  C  CA  . LYS A 1 63  ? -1.34106  -11.11063 8.19667   1.000 20.49912 ? 63  LYS A CA  1 
ATOM   511  C  C   . LYS A 1 63  ? -0.58058  -10.28839 7.16111   1.000 22.46762 ? 63  LYS A C   1 
ATOM   512  O  O   . LYS A 1 63  ? 0.16783   -9.37142  7.51961   1.000 23.09305 ? 63  LYS A O   1 
ATOM   513  C  CB  . LYS A 1 63  ? -0.61265  -12.41838 8.49451   1.000 21.82012 ? 63  LYS A CB  1 
ATOM   514  C  CG  . LYS A 1 63  ? -1.01388  -13.06022 9.80395   1.000 27.77667 ? 63  LYS A CG  1 
ATOM   515  C  CD  . LYS A 1 63  ? -0.32743  -14.42763 9.96831   1.000 27.91872 ? 63  LYS A CD  1 
ATOM   516  C  CE  . LYS A 1 63  ? 0.74626   -14.36055 11.04179  1.000 39.72642 ? 63  LYS A CE  1 
ATOM   517  N  NZ  . LYS A 1 63  ? 1.87424   -15.31688 10.78356  1.000 43.94815 ? 63  LYS A NZ  1 
ATOM   518  N  N   . ALA A 1 64  ? -0.74920  -10.60372 5.87242   1.000 20.45850 ? 64  ALA A N   1 
ATOM   519  C  CA  . ALA A 1 64  ? -0.01959  -9.87046  4.83756   1.000 21.19896 ? 64  ALA A CA  1 
ATOM   520  C  C   . ALA A 1 64  ? -0.47012  -8.42237  4.76919   1.000 21.31915 ? 64  ALA A C   1 
ATOM   521  O  O   . ALA A 1 64  ? 0.34606   -7.51615  4.54017   1.000 21.16538 ? 64  ALA A O   1 
ATOM   522  C  CB  . ALA A 1 64  ? -0.21133  -10.51958 3.47020   1.000 20.04178 ? 64  ALA A CB  1 
ATOM   523  N  N   . GLY A 1 65  ? -1.77358  -8.19370  4.92480   1.000 18.98746 ? 65  GLY A N   1 
ATOM   524  C  CA  . GLY A 1 65  ? -2.26908  -6.82318  4.94854   1.000 17.65051 ? 65  GLY A CA  1 
ATOM   525  C  C   . GLY A 1 65  ? -1.69115  -6.04192  6.11171   1.000 20.97347 ? 65  GLY A C   1 
ATOM   526  O  O   . GLY A 1 65  ? -1.31986  -4.87568  5.96881   1.000 19.65344 ? 65  GLY A O   1 
ATOM   527  N  N   . VAL A 1 66  ? -1.59172  -6.67989  7.27679   1.000 20.89013 ? 66  VAL A N   1 
ATOM   528  C  CA  . VAL A 1 66  ? -1.01232  -6.00822  8.43494   1.000 22.58325 ? 66  VAL A CA  1 
ATOM   529  C  C   . VAL A 1 66  ? 0.45625   -5.68007  8.18750   1.000 21.95563 ? 66  VAL A C   1 
ATOM   530  O  O   . VAL A 1 66  ? 0.91984   -4.57779  8.50622   1.000 21.85244 ? 66  VAL A O   1 
ATOM   531  C  CB  . VAL A 1 66  ? -1.20607  -6.86388  9.69943   1.000 21.42650 ? 66  VAL A CB  1 
ATOM   532  C  CG1 . VAL A 1 66  ? -0.38009  -6.27343  10.83714  1.000 25.91390 ? 66  VAL A CG1 1 
ATOM   533  C  CG2 . VAL A 1 66  ? -2.66877  -6.88274  10.07952  1.000 22.80141 ? 66  VAL A CG2 1 
ATOM   534  N  N   . THR A 1 67  ? 1.19972   -6.60055  7.58857   1.000 21.15787 ? 67  THR A N   1 
ATOM   535  C  CA  . THR A 1 67  ? 2.62942   -6.36096  7.33300   1.000 20.27692 ? 67  THR A CA  1 
ATOM   536  C  C   . THR A 1 67  ? 2.80791   -5.21268  6.34954   1.000 23.84724 ? 67  THR A C   1 
ATOM   537  O  O   . THR A 1 67  ? 3.62509   -4.30488  6.56454   1.000 22.62040 ? 67  THR A O   1 
ATOM   538  C  CB  . THR A 1 67  ? 3.32766   -7.59668  6.77534   1.000 27.54827 ? 67  THR A CB  1 
ATOM   539  O  OG1 . THR A 1 67  ? 3.23182   -8.66374  7.71935   1.000 25.09732 ? 67  THR A OG1 1 
ATOM   540  C  CG2 . THR A 1 67  ? 4.80520   -7.30601  6.52823   1.000 29.14406 ? 67  THR A CG2 1 
HETATM 541  C  C9  . BP5 A 1 68  ? 1.34284   -3.34724  2.10033   1.000 20.38650 ? 68  BP5 A C9  1 
HETATM 542  C  C8  . BP5 A 1 68  ? 2.43423   -3.36458  1.28295   1.000 22.97545 ? 68  BP5 A C8  1 
HETATM 543  C  C7  . BP5 A 1 68  ? 2.63749   -2.36409  0.36605   1.000 23.49272 ? 68  BP5 A C7  1 
HETATM 544  C  C6  . BP5 A 1 68  ? 1.71421   -1.31812  0.27193   1.000 21.11955 ? 68  BP5 A C6  1 
HETATM 545  C  C5  . BP5 A 1 68  ? 2.46283   1.84221   -2.45790  1.000 24.55644 ? 68  BP5 A C5  1 
HETATM 546  C  C4  . BP5 A 1 68  ? 1.29696   1.81164   -1.70361  1.000 21.95076 ? 68  BP5 A C4  1 
HETATM 547  C  C3  . BP5 A 1 68  ? 1.97050   -0.23111  -0.70903  1.000 21.19717 ? 68  BP5 A C3  1 
HETATM 548  C  C2  . BP5 A 1 68  ? 3.15518   -0.20242  -1.43632  1.000 28.20346 ? 68  BP5 A C2  1 
HETATM 549  C  C1  . BP5 A 1 68  ? 3.38653   0.83426   -2.32563  1.000 28.87702 ? 68  BP5 A C1  1 
HETATM 550  C  C12 . BP5 A 1 68  ? 1.18483   -4.46971  3.11958   1.000 21.66885 ? 68  BP5 A C12 1 
HETATM 551  C  C11 . BP5 A 1 68  ? 0.41036   -2.30510  1.99427   1.000 18.87817 ? 68  BP5 A C11 1 
HETATM 552  N  N1  . BP5 A 1 68  ? 1.06360   0.78829   -0.82611  1.000 20.94935 ? 68  BP5 A N1  1 
HETATM 553  N  N2  . BP5 A 1 68  ? 0.61686   -1.29620  1.08370   1.000 22.88766 ? 68  BP5 A N2  1 
HETATM 554  C  CA  . BP5 A 1 68  ? 2.07892   -4.13491  4.27792   1.000 23.57487 ? 68  BP5 A CA  1 
HETATM 555  C  C   . BP5 A 1 68  ? 1.78496   -2.93368  4.81714   1.000 22.90120 ? 68  BP5 A C   1 
HETATM 556  O  O   . BP5 A 1 68  ? 2.44276   -1.82748  4.64638   1.000 23.29526 ? 68  BP5 A O   1 
HETATM 557  N  N   . BP5 A 1 68  ? 1.96103   -5.11625  5.20406   1.000 20.99122 ? 68  BP5 A N   1 
ATOM   558  N  N   . LEU A 1 69  ? 0.65076   -2.69828  5.65235   1.000 18.97569 ? 69  LEU A N   1 
ATOM   559  C  CA  . LEU A 1 69  ? 0.25037   -1.39336  6.16110   1.000 20.09137 ? 69  LEU A CA  1 
ATOM   560  C  C   . LEU A 1 69  ? 1.19308   -0.91429  7.26301   1.000 23.88500 ? 69  LEU A C   1 
ATOM   561  O  O   . LEU A 1 69  ? 1.36644   0.29789   7.45432   1.000 24.49855 ? 69  LEU A O   1 
ATOM   562  C  CB  . LEU A 1 69  ? -1.18193  -1.43417  6.68390   1.000 22.26558 ? 69  LEU A CB  1 
ATOM   563  C  CG  . LEU A 1 69  ? -2.27200  -1.60990  5.62320   1.000 21.13311 ? 69  LEU A CG  1 
ATOM   564  C  CD1 . LEU A 1 69  ? -3.64078  -1.63695  6.27748   1.000 24.43965 ? 69  LEU A CD1 1 
ATOM   565  C  CD2 . LEU A 1 69  ? -2.21824  -0.51390  4.55398   1.000 24.77114 ? 69  LEU A CD2 1 
ATOM   566  N  N   . THR A 1 70  ? 1.77192   -1.87219  7.99701   1.000 24.40535 ? 70  THR A N   1 
ATOM   567  C  CA  . THR A 1 70  ? 2.76784   -1.53753  9.01656   1.000 26.97058 ? 70  THR A CA  1 
ATOM   568  C  C   . THR A 1 70  ? 3.96697   -0.84037  8.39303   1.000 27.48218 ? 70  THR A C   1 
ATOM   569  O  O   . THR A 1 70  ? 4.40117   0.22250   8.86039   1.000 27.66316 ? 70  THR A O   1 
ATOM   570  C  CB  . THR A 1 70  ? 3.21264   -2.80601  9.74660   1.000 29.36808 ? 70  THR A CB  1 
ATOM   571  O  OG1 . THR A 1 70  ? 2.08772   -3.38015  10.41378  1.000 31.20310 ? 70  THR A OG1 1 
ATOM   572  C  CG2 . THR A 1 70  ? 4.30496   -2.49605  10.77357  1.000 32.82383 ? 70  THR A CG2 1 
ATOM   573  N  N   . ALA A 1 71  ? 4.51377   -1.42240  7.32703   1.000 25.62404 ? 71  ALA A N   1 
ATOM   574  C  CA  . ALA A 1 71  ? 5.67242   -0.82012  6.68664   1.000 24.11642 ? 71  ALA A CA  1 
ATOM   575  C  C   . ALA A 1 71  ? 5.29667   0.47407   5.97718   1.000 20.79905 ? 71  ALA A C   1 
ATOM   576  O  O   . ALA A 1 71  ? 6.05572   1.44482   6.00882   1.000 22.30850 ? 71  ALA A O   1 
ATOM   577  C  CB  . ALA A 1 71  ? 6.31117   -1.80614  5.71574   1.000 30.83469 ? 71  ALA A CB  1 
ATOM   578  N  N   . LEU A 1 72  ? 4.12991   0.51178   5.33666   1.000 19.13604 ? 72  LEU A N   1 
ATOM   579  C  CA  . LEU A 1 72  ? 3.71368   1.75469   4.69122   1.000 18.76093 ? 72  LEU A CA  1 
ATOM   580  C  C   . LEU A 1 72  ? 3.52931   2.88128   5.69995   1.000 21.35097 ? 72  LEU A C   1 
ATOM   581  O  O   . LEU A 1 72  ? 3.91245   4.02814   5.43421   1.000 22.18083 ? 72  LEU A O   1 
ATOM   582  C  CB  . LEU A 1 72  ? 2.41112   1.52528   3.92616   1.000 18.52751 ? 72  LEU A CB  1 
ATOM   583  C  CG  . LEU A 1 72  ? 1.79166   2.73921   3.24028   1.000 20.15949 ? 72  LEU A CG  1 
ATOM   584  C  CD1 . LEU A 1 72  ? 2.77467   3.38776   2.27480   1.000 21.78760 ? 72  LEU A CD1 1 
ATOM   585  C  CD2 . LEU A 1 72  ? 0.53653   2.32344   2.49154   1.000 19.30715 ? 72  LEU A CD2 1 
ATOM   586  N  N   . GLY A 1 73  ? 2.91071   2.59007   6.84478   1.000 20.79043 ? 73  GLY A N   1 
ATOM   587  C  CA  . GLY A 1 73  ? 2.68194   3.63578   7.82901   1.000 24.45856 ? 73  GLY A CA  1 
ATOM   588  C  C   . GLY A 1 73  ? 3.97459   4.19988   8.39144   1.000 22.02527 ? 73  GLY A C   1 
ATOM   589  O  O   . GLY A 1 73  ? 4.08567   5.40867   8.63363   1.000 22.06613 ? 73  GLY A O   1 
ATOM   590  N  N   . ALA A 1 74  ? 4.96695   3.33769   8.60398   1.000 23.04717 ? 74  ALA A N   1 
ATOM   591  C  CA  . ALA A 1 74  ? 6.25131   3.81683   9.10283   1.000 21.49598 ? 74  ALA A CA  1 
ATOM   592  C  C   . ALA A 1 74  ? 6.90476   4.75360   8.10640   1.000 23.04372 ? 74  ALA A C   1 
ATOM   593  O  O   . ALA A 1 74  ? 7.54861   5.73808   8.49326   1.000 23.04095 ? 74  ALA A O   1 
ATOM   594  C  CB  . ALA A 1 74  ? 7.16920   2.63424   9.40664   1.000 23.39702 ? 74  ALA A CB  1 
ATOM   595  N  N   . ILE A 1 75  ? 6.74357   4.47251   6.81348   1.000 22.97863 ? 75  ILE A N   1 
ATOM   596  C  CA  . ILE A 1 75  ? 7.31386   5.34932   5.80008   1.000 22.25127 ? 75  ILE A CA  1 
ATOM   597  C  C   . ILE A 1 75  ? 6.53366   6.65712   5.70230   1.000 21.16017 ? 75  ILE A C   1 
ATOM   598  O  O   . ILE A 1 75  ? 7.12784   7.73739   5.62681   1.000 22.27301 ? 75  ILE A O   1 
ATOM   599  C  CB  . ILE A 1 75  ? 7.39884   4.60136   4.46298   1.000 27.01793 ? 75  ILE A CB  1 
ATOM   600  C  CG1 . ILE A 1 75  ? 8.52453   3.56896   4.57640   1.000 31.98322 ? 75  ILE A CG1 1 
ATOM   601  C  CG2 . ILE A 1 75  ? 7.60165   5.56831   3.30282   1.000 26.45651 ? 75  ILE A CG2 1 
ATOM   602  C  CD1 . ILE A 1 75  ? 8.64599   2.62897   3.43356   1.000 45.19546 ? 75  ILE A CD1 1 
ATOM   603  N  N   . LEU A 1 76  ? 5.19871   6.58953   5.73423   1.000 18.68985 ? 76  LEU A N   1 
ATOM   604  C  CA  . LEU A 1 76  ? 4.39080   7.80688   5.66540   1.000 18.03675 ? 76  LEU A CA  1 
ATOM   605  C  C   . LEU A 1 76  ? 4.71356   8.76906   6.80706   1.000 21.22866 ? 76  LEU A C   1 
ATOM   606  O  O   . LEU A 1 76  ? 4.71100   9.99421   6.61917   1.000 21.92246 ? 76  LEU A O   1 
ATOM   607  C  CB  . LEU A 1 76  ? 2.89529   7.45026   5.68964   1.000 20.85175 ? 76  LEU A CB  1 
ATOM   608  C  CG  . LEU A 1 76  ? 2.35324   6.75198   4.44187   1.000 24.68305 ? 76  LEU A CG  1 
ATOM   609  C  CD1 . LEU A 1 76  ? 0.87905   6.44884   4.60643   1.000 22.51285 ? 76  LEU A CD1 1 
ATOM   610  C  CD2 . LEU A 1 76  ? 2.55029   7.66525   3.22027   1.000 26.46654 ? 76  LEU A CD2 1 
ATOM   611  N  N   . LYS A 1 77  ? 4.97930   8.23623   8.00370   1.000 20.10313 ? 77  LYS A N   1 
ATOM   612  C  CA  . LYS A 1 77  ? 5.23743   9.09812   9.14728   1.000 22.21879 ? 77  LYS A CA  1 
ATOM   613  C  C   . LYS A 1 77  ? 6.53934   9.86682   8.99659   1.000 22.41471 ? 77  LYS A C   1 
ATOM   614  O  O   . LYS A 1 77  ? 6.74074   10.86953  9.69713   1.000 23.10315 ? 77  LYS A O   1 
ATOM   615  C  CB  . LYS A 1 77  ? 5.24425   8.26406   10.43040  1.000 26.91088 ? 77  LYS A CB  1 
ATOM   616  C  CG  . LYS A 1 77  ? 3.85319   7.78438   10.84286  1.000 27.64701 ? 77  LYS A CG  1 
ATOM   617  C  CD  . LYS A 1 77  ? 3.92210   6.82323   12.01932  1.000 33.05835 ? 77  LYS A CD  1 
ATOM   618  C  CE  . LYS A 1 77  ? 2.53480   6.45157   12.50631  1.000 36.32291 ? 77  LYS A CE  1 
ATOM   619  N  NZ  . LYS A 1 77  ? 2.58618   5.43111   13.59239  1.000 45.73122 ? 77  LYS A NZ  1 
ATOM   620  N  N   . LYS A 1 78  ? 7.42600   9.43806   8.09673   1.000 20.95154 ? 78  LYS A N   1 
ATOM   621  C  CA  . LYS A 1 78  ? 8.64946   10.20257  7.85744   1.000 21.83538 ? 78  LYS A CA  1 
ATOM   622  C  C   . LYS A 1 78  ? 8.43029   11.41997  6.96475   1.000 25.21606 ? 78  LYS A C   1 
ATOM   623  O  O   . LYS A 1 78  ? 9.36890   12.20192  6.77252   1.000 25.17127 ? 78  LYS A O   1 
ATOM   624  C  CB  . LYS A 1 78  ? 9.73715   9.32797   7.21709   1.000 23.94135 ? 78  LYS A CB  1 
ATOM   625  C  CG  . LYS A 1 78  ? 10.18008  8.13192   8.04693   1.000 23.88658 ? 78  LYS A CG  1 
ATOM   626  C  CD  . LYS A 1 78  ? 10.53265  8.48670   9.48180   1.000 30.73747 ? 78  LYS A CD  1 
ATOM   627  C  CE  . LYS A 1 78  ? 11.68577  9.47886   9.57695   1.000 35.41388 ? 78  LYS A CE  1 
ATOM   628  N  NZ  . LYS A 1 78  ? 12.96858  8.99143   8.99826   1.000 36.97025 ? 78  LYS A NZ  1 
ATOM   629  N  N   . LYS A 1 79  ? 7.24789   11.56873  6.37009   1.000 21.43047 ? 79  LYS A N   1 
ATOM   630  C  CA  . LYS A 1 79  ? 6.89322   12.75424  5.59052   1.000 21.05946 ? 79  LYS A CA  1 
ATOM   631  C  C   . LYS A 1 79  ? 7.91878   13.05596  4.49869   1.000 22.32225 ? 79  LYS A C   1 
ATOM   632  O  O   . LYS A 1 79  ? 8.36517   14.19469  4.32446   1.000 27.26462 ? 79  LYS A O   1 
ATOM   633  C  CB  . LYS A 1 79  ? 6.70037   13.97010  6.50257   1.000 24.15316 ? 79  LYS A CB  1 
ATOM   634  C  CG  . LYS A 1 79  ? 5.65100   13.77500  7.58681   1.000 22.81718 ? 79  LYS A CG  1 
ATOM   635  C  CD  . LYS A 1 79  ? 5.33318   15.08398  8.28773   1.000 27.98876 ? 79  LYS A CD  1 
ATOM   636  C  CE  . LYS A 1 79  ? 6.50040   15.52740  9.14571   1.000 30.13343 ? 79  LYS A CE  1 
ATOM   637  N  NZ  . LYS A 1 79  ? 6.21292   16.81878  9.80703   1.000 34.97735 ? 79  LYS A NZ  1 
ATOM   638  N  N   . GLY A 1 80  ? 8.27689   12.02305  3.74696   1.000 23.45434 ? 80  GLY A N   1 
ATOM   639  C  CA  . GLY A 1 80  ? 9.16938   12.14998  2.62410   1.000 26.06895 ? 80  GLY A CA  1 
ATOM   640  C  C   . GLY A 1 80  ? 10.62430  11.87385  2.94730   1.000 27.08684 ? 80  GLY A C   1 
ATOM   641  O  O   . GLY A 1 80  ? 11.39698  11.56616  2.03323   1.000 32.04479 ? 80  GLY A O   1 
ATOM   642  N  N   . HIS A 1 81  ? 11.00136  11.95106  4.22207   1.000 26.72133 ? 81  HIS A N   1 
ATOM   643  C  CA  . HIS A 1 81  ? 12.38715  11.75469  4.66235   1.000 25.87850 ? 81  HIS A CA  1 
ATOM   644  C  C   . HIS A 1 81  ? 12.58790  10.30146  5.08348   1.000 23.88458 ? 81  HIS A C   1 
ATOM   645  O  O   . HIS A 1 81  ? 12.80640  9.97490   6.25029   1.000 26.53720 ? 81  HIS A O   1 
ATOM   646  C  CB  . HIS A 1 81  ? 12.70102  12.71878  5.79299   1.000 25.38398 ? 81  HIS A CB  1 
ATOM   647  C  CG  . HIS A 1 81  ? 12.60262  14.14312  5.37563   1.000 30.96551 ? 81  HIS A CG  1 
ATOM   648  N  ND1 . HIS A 1 81  ? 13.39884  14.67675  4.38511   1.000 42.84657 ? 81  HIS A ND1 1 
ATOM   649  C  CD2 . HIS A 1 81  ? 11.73937  15.12307  5.73720   1.000 37.24825 ? 81  HIS A CD2 1 
ATOM   650  C  CE1 . HIS A 1 81  ? 13.06692  15.94191  4.19465   1.000 42.91727 ? 81  HIS A CE1 1 
ATOM   651  N  NE2 . HIS A 1 81  ? 12.06407  16.23716  5.00267   1.000 39.68269 ? 81  HIS A NE2 1 
ATOM   652  N  N   . HIS A 1 82  ? 12.48244  9.41639   4.09289   1.000 27.83570 ? 82  HIS A N   1 
ATOM   653  C  CA  . HIS A 1 82  ? 12.32172  7.99297   4.36877   1.000 24.49104 ? 82  HIS A CA  1 
ATOM   654  C  C   . HIS A 1 82  ? 13.41947  7.13574   3.75143   1.000 29.05664 ? 82  HIS A C   1 
ATOM   655  O  O   . HIS A 1 82  ? 13.23689  5.92521   3.61198   1.000 29.52216 ? 82  HIS A O   1 
ATOM   656  C  CB  . HIS A 1 82  ? 10.94443  7.51409   3.88981   1.000 23.26991 ? 82  HIS A CB  1 
ATOM   657  C  CG  . HIS A 1 82  ? 10.63872  7.87607   2.47141   1.000 27.02122 ? 82  HIS A CG  1 
ATOM   658  N  ND1 . HIS A 1 82  ? 9.45196   8.46809   2.09607   1.000 26.45432 ? 82  HIS A ND1 1 
ATOM   659  C  CD2 . HIS A 1 82  ? 11.35357  7.71344   1.33234   1.000 27.81563 ? 82  HIS A CD2 1 
ATOM   660  C  CE1 . HIS A 1 82  ? 9.45588   8.66841   0.79010   1.000 28.05689 ? 82  HIS A CE1 1 
ATOM   661  N  NE2 . HIS A 1 82  ? 10.59791  8.21908   0.30217   1.000 28.64461 ? 82  HIS A NE2 1 
ATOM   662  N  N   . GLU A 1 83  ? 14.56571  7.72439   3.40321   1.000 28.89879 ? 83  GLU A N   1 
ATOM   663  C  CA  . GLU A 1 83  ? 15.60625  6.94347   2.73303   1.000 31.03292 ? 83  GLU A CA  1 
ATOM   664  C  C   . GLU A 1 83  ? 16.02172  5.73070   3.55972   1.000 30.81768 ? 83  GLU A C   1 
ATOM   665  O  O   . GLU A 1 83  ? 16.08756  4.60524   3.04288   1.000 29.73420 ? 83  GLU A O   1 
ATOM   666  C  CB  . GLU A 1 83  ? 16.82043  7.81716   2.44168   1.000 28.93133 ? 83  GLU A CB  1 
ATOM   667  C  CG  . GLU A 1 83  ? 18.04602  7.00910   2.03685   1.000 31.55370 ? 83  GLU A CG  1 
ATOM   668  C  CD  . GLU A 1 83  ? 18.00089  6.57061   0.58722   1.000 41.07058 ? 83  GLU A CD  1 
ATOM   669  O  OE1 . GLU A 1 83  ? 17.02735  6.91943   -0.11702  1.000 41.08144 ? 83  GLU A OE1 1 
ATOM   670  O  OE2 . GLU A 1 83  ? 18.93456  5.86486   0.14767   1.000 40.72112 ? 83  GLU A OE2 1 
ATOM   671  N  N   . ALA A 1 84  ? 16.31075  5.93908   4.84882   1.000 32.27691 ? 84  ALA A N   1 
ATOM   672  C  CA  . ALA A 1 84  ? 16.80544  4.84417   5.67926   1.000 32.01597 ? 84  ALA A CA  1 
ATOM   673  C  C   . ALA A 1 84  ? 15.80171  3.69926   5.75041   1.000 33.66478 ? 84  ALA A C   1 
ATOM   674  O  O   . ALA A 1 84  ? 16.18684  2.52286   5.76361   1.000 33.66578 ? 84  ALA A O   1 
ATOM   675  C  CB  . ALA A 1 84  ? 17.12993  5.35083   7.08186   1.000 35.54202 ? 84  ALA A CB  1 
ATOM   676  N  N   . GLU A 1 85  ? 14.50804  4.02700   5.79717   1.000 29.99653 ? 85  GLU A N   1 
ATOM   677  C  CA  . GLU A 1 85  ? 13.46216  3.01748   5.90064   1.000 30.51404 ? 85  GLU A CA  1 
ATOM   678  C  C   . GLU A 1 85  ? 13.12762  2.40915   4.55093   1.000 29.58110 ? 85  GLU A C   1 
ATOM   679  O  O   . GLU A 1 85  ? 12.78014  1.22343   4.47032   1.000 32.10111 ? 85  GLU A O   1 
ATOM   680  C  CB  . GLU A 1 85  ? 12.19478  3.63574   6.48862   1.000 32.74093 ? 85  GLU A CB  1 
ATOM   681  C  CG  . GLU A 1 85  ? 12.31518  4.04184   7.93462   1.000 33.49063 ? 85  GLU A CG  1 
ATOM   682  C  CD  . GLU A 1 85  ? 12.81947  5.46383   8.11971   1.000 38.58480 ? 85  GLU A CD  1 
ATOM   683  O  OE1 . GLU A 1 85  ? 13.22781  6.11750   7.12851   1.000 36.48083 ? 85  GLU A OE1 1 
ATOM   684  O  OE2 . GLU A 1 85  ? 12.79852  5.92981   9.27828   1.000 40.66424 ? 85  GLU A OE2 1 
ATOM   685  N  N   . LEU A 1 86  ? 13.21265  3.20664   3.48943   1.000 28.40049 ? 86  LEU A N   1 
ATOM   686  C  CA  . LEU A 1 86  ? 12.78119  2.74253   2.18169   1.000 24.82016 ? 86  LEU A CA  1 
ATOM   687  C  C   . LEU A 1 86  ? 13.82804  1.86462   1.50878   1.000 31.06502 ? 86  LEU A C   1 
ATOM   688  O  O   . LEU A 1 86  ? 13.47511  0.87438   0.86499   1.000 30.80168 ? 86  LEU A O   1 
ATOM   689  C  CB  . LEU A 1 86  ? 12.43946  3.93369   1.28543   1.000 25.28013 ? 86  LEU A CB  1 
ATOM   690  C  CG  . LEU A 1 86  ? 11.80482  3.57012   -0.05914  1.000 28.72252 ? 86  LEU A CG  1 
ATOM   691  C  CD1 . LEU A 1 86  ? 10.76926  4.61821   -0.41848  1.000 34.20205 ? 86  LEU A CD1 1 
ATOM   692  C  CD2 . LEU A 1 86  ? 12.85184  3.48138   -1.15624  1.000 33.63588 ? 86  LEU A CD2 1 
ATOM   693  N  N   . LYS A 1 87  ? 15.11084  2.21736   1.61937   1.000 31.18437 ? 87  LYS A N   1 
ATOM   694  C  CA  . LYS A 1 87  ? 16.12096  1.53893   0.80737   1.000 28.36565 ? 87  LYS A CA  1 
ATOM   695  C  C   . LYS A 1 87  ? 16.15543  0.02849   1.01573   1.000 30.26546 ? 87  LYS A C   1 
ATOM   696  O  O   . LYS A 1 87  ? 16.13038  -0.70792  0.01246   1.000 28.16181 ? 87  LYS A O   1 
ATOM   697  C  CB  . LYS A 1 87  ? 17.49763  2.16142   1.05763   1.000 31.24881 ? 87  LYS A CB  1 
ATOM   698  C  CG  . LYS A 1 87  ? 18.61935  1.48488   0.26864   1.000 31.55691 ? 87  LYS A CG  1 
ATOM   699  C  CD  . LYS A 1 87  ? 19.97472  1.71870   0.92446   1.000 35.56454 ? 87  LYS A CD  1 
ATOM   700  C  CE  . LYS A 1 87  ? 21.00622  0.77783   0.34239   1.000 39.80107 ? 87  LYS A CE  1 
ATOM   701  N  NZ  . LYS A 1 87  ? 22.23504  0.64583   1.18432   1.000 37.76620 ? 87  LYS A NZ  1 
ATOM   702  N  N   . PRO A 1 88  ? 16.20105  -0.50550  2.24231   1.000 28.45234 ? 88  PRO A N   1 
ATOM   703  C  CA  . PRO A 1 88  ? 16.24170  -1.97257  2.36402   1.000 31.81113 ? 88  PRO A CA  1 
ATOM   704  C  C   . PRO A 1 88  ? 14.96483  -2.63359  1.88258   1.000 30.23751 ? 88  PRO A C   1 
ATOM   705  O  O   . PRO A 1 88  ? 15.02064  -3.71287  1.27948   1.000 28.45693 ? 88  PRO A O   1 
ATOM   706  C  CB  . PRO A 1 88  ? 16.47053  -2.20710  3.86531   1.000 39.35637 ? 88  PRO A CB  1 
ATOM   707  C  CG  . PRO A 1 88  ? 16.78287  -0.87142  4.45229   1.000 35.72023 ? 88  PRO A CG  1 
ATOM   708  C  CD  . PRO A 1 88  ? 16.18948  0.15358   3.55828   1.000 32.24983 ? 88  PRO A CD  1 
ATOM   709  N  N   . LEU A 1 89  ? 13.81311  -2.00757  2.14102   1.000 31.35989 ? 89  LEU A N   1 
ATOM   710  C  CA  . LEU A 1 89  ? 12.53179  -2.54499  1.68367   1.000 31.66769 ? 89  LEU A CA  1 
ATOM   711  C  C   . LEU A 1 89  ? 12.49274  -2.66083  0.16444   1.000 26.27511 ? 89  LEU A C   1 
ATOM   712  O  O   . LEU A 1 89  ? 12.12528  -3.70522  -0.38603  1.000 27.15174 ? 89  LEU A O   1 
ATOM   713  C  CB  . LEU A 1 89  ? 11.40119  -1.64639  2.18522   1.000 31.03622 ? 89  LEU A CB  1 
ATOM   714  C  CG  . LEU A 1 89  ? 9.94678   -2.00474  1.88896   1.000 35.11495 ? 89  LEU A CG  1 
ATOM   715  C  CD1 . LEU A 1 89  ? 9.55717   -3.28773  2.58043   1.000 35.04320 ? 89  LEU A CD1 1 
ATOM   716  C  CD2 . LEU A 1 89  ? 9.04235   -0.85552  2.31876   1.000 33.99659 ? 89  LEU A CD2 1 
ATOM   717  N  N   . ALA A 1 90  ? 12.87324  -1.59012  -0.53333  1.000 25.63393 ? 90  ALA A N   1 
ATOM   718  C  CA  . ALA A 1 90  ? 12.84695  -1.60778  -1.99235  1.000 24.95527 ? 90  ALA A CA  1 
ATOM   719  C  C   . ALA A 1 90  ? 13.85673  -2.60276  -2.55516  1.000 26.82970 ? 90  ALA A C   1 
ATOM   720  O  O   . ALA A 1 90  ? 13.55675  -3.33028  -3.50853  1.000 28.51711 ? 90  ALA A O   1 
ATOM   721  C  CB  . ALA A 1 90  ? 13.11830  -0.20326  -2.53552  1.000 29.66295 ? 90  ALA A CB  1 
ATOM   722  N  N   . GLN A 1 91  ? 15.06708  -2.64474  -1.98663  1.000 27.34603 ? 91  GLN A N   1 
ATOM   723  C  CA  . GLN A 1 91  ? 16.09026  -3.52274  -2.54384  1.000 26.07335 ? 91  GLN A CA  1 
ATOM   724  C  C   . GLN A 1 91  ? 15.74831  -4.98374  -2.30399  1.000 31.21741 ? 91  GLN A C   1 
ATOM   725  O  O   . GLN A 1 91  ? 16.02496  -5.83522  -3.15443  1.000 32.29329 ? 91  GLN A O   1 
ATOM   726  C  CB  . GLN A 1 91  ? 17.45973  -3.18397  -1.95723  1.000 24.96550 ? 91  GLN A CB  1 
ATOM   727  C  CG  . GLN A 1 91  ? 18.01098  -1.84149  -2.42277  1.000 31.88453 ? 91  GLN A CG  1 
ATOM   728  C  CD  . GLN A 1 91  ? 19.47294  -1.63838  -2.04839  1.000 41.93171 ? 91  GLN A CD  1 
ATOM   729  O  OE1 . GLN A 1 91  ? 20.10875  -2.52367  -1.47475  1.000 44.22660 ? 91  GLN A OE1 1 
ATOM   730  N  NE2 . GLN A 1 91  ? 20.01350  -0.47642  -2.39138  1.000 42.42550 ? 91  GLN A NE2 1 
ATOM   731  N  N   . SER A 1 92  ? 15.14369  -5.29096  -1.15457  1.000 25.10702 ? 92  SER A N   1 
ATOM   732  C  CA  . SER A 1 92  ? 14.62582  -6.63680  -0.93252  1.000 27.46101 ? 92  SER A CA  1 
ATOM   733  C  C   . SER A 1 92  ? 13.48201  -6.95191  -1.88725  1.000 31.72220 ? 92  SER A C   1 
ATOM   734  O  O   . SER A 1 92  ? 13.40760  -8.05943  -2.42971  1.000 33.24756 ? 92  SER A O   1 
ATOM   735  C  CB  . SER A 1 92  ? 14.15661  -6.78233  0.50919   1.000 34.52192 ? 92  SER A CB  1 
ATOM   736  O  OG  . SER A 1 92  ? 14.10195  -8.14323  0.88995   1.000 45.45101 ? 92  SER A OG  1 
ATOM   737  N  N   . ALA A 1 93  ? 12.56766  -5.99938  -2.08462  1.000 32.13681 ? 93  ALA A N   1 
ATOM   738  C  CA  . ALA A 1 93  ? 11.49285  -6.20943  -3.04736  1.000 29.65341 ? 93  ALA A CA  1 
ATOM   739  C  C   . ALA A 1 93  ? 12.05253  -6.51515  -4.42909  1.000 32.33053 ? 93  ALA A C   1 
ATOM   740  O  O   . ALA A 1 93  ? 11.54627  -7.39900  -5.13286  1.000 38.18932 ? 93  ALA A O   1 
ATOM   741  C  CB  . ALA A 1 93  ? 10.58364  -4.98234  -3.09436  1.000 31.84984 ? 93  ALA A CB  1 
ATOM   742  N  N   . ALA A 1 94  ? 13.10724  -5.80083  -4.82682  1.000 31.67435 ? 94  ALA A N   1 
ATOM   743  C  CA  . ALA A 1 94  ? 13.64913  -5.95411  -6.17171  1.000 35.58794 ? 94  ALA A CA  1 
ATOM   744  C  C   . ALA A 1 94  ? 14.29785  -7.32262  -6.36889  1.000 32.52799 ? 94  ALA A C   1 
ATOM   745  O  O   . ALA A 1 94  ? 14.23874  -7.88381  -7.46898  1.000 32.82498 ? 94  ALA A O   1 
ATOM   746  C  CB  . ALA A 1 94  ? 14.65143  -4.83605  -6.46172  1.000 31.66325 ? 94  ALA A CB  1 
ATOM   747  N  N   . THR A 1 95  ? 14.92246  -7.87462  -5.32414  1.000 38.88121 ? 95  THR A N   1 
ATOM   748  C  CA  . THR A 1 95  ? 15.66744  -9.12785  -5.43855  1.000 40.77571 ? 95  THR A CA  1 
ATOM   749  C  C   . THR A 1 95  ? 14.93176  -10.33234 -4.86415  1.000 46.93959 ? 95  THR A C   1 
ATOM   750  O  O   . THR A 1 95  ? 15.50907  -11.42437 -4.82488  1.000 48.61450 ? 95  THR A O   1 
ATOM   751  C  CB  . THR A 1 95  ? 17.03017  -9.02823  -4.73615  1.000 40.04732 ? 95  THR A CB  1 
ATOM   752  O  OG1 . THR A 1 95  ? 16.83718  -8.67500  -3.36089  1.000 37.41809 ? 95  THR A OG1 1 
ATOM   753  C  CG2 . THR A 1 95  ? 17.91605  -7.99392  -5.40058  1.000 44.14803 ? 95  THR A CG2 1 
ATOM   754  N  N   . LYS A 1 96  ? 13.69513  -10.16838 -4.39574  1.000 41.72108 ? 96  LYS A N   1 
ATOM   755  C  CA  . LYS A 1 96  ? 12.96893  -11.28141 -3.78564  1.000 45.31180 ? 96  LYS A CA  1 
ATOM   756  C  C   . LYS A 1 96  ? 11.53089  -11.43565 -4.23779  1.000 50.88658 ? 96  LYS A C   1 
ATOM   757  O  O   . LYS A 1 96  ? 10.95130  -12.49944 -3.99381  1.000 47.60805 ? 96  LYS A O   1 
ATOM   758  C  CB  . LYS A 1 96  ? 12.96359  -11.16489 -2.25586  1.000 41.83454 ? 96  LYS A CB  1 
ATOM   759  C  CG  . LYS A 1 96  ? 14.30823  -11.29568 -1.57721  1.000 50.40459 ? 96  LYS A CG  1 
ATOM   760  C  CD  . LYS A 1 96  ? 14.15654  -11.03315 -0.08460  1.000 49.14207 ? 96  LYS A CD  1 
ATOM   761  C  CE  . LYS A 1 96  ? 12.83076  -11.58808 0.44155   1.000 51.73393 ? 96  LYS A CE  1 
ATOM   762  N  NZ  . LYS A 1 96  ? 12.97878  -12.36937 1.69632   1.000 58.60730 ? 96  LYS A NZ  1 
ATOM   763  N  N   . ALA A 1 97  ? 10.91607  -10.43550 -4.85892  1.000 42.88997 ? 97  ALA A N   1 
ATOM   764  C  CA  . ALA A 1 97  ? 9.49159   -10.50352 -5.14460  1.000 47.22168 ? 97  ALA A CA  1 
ATOM   765  C  C   . ALA A 1 97  ? 9.19028   -10.94394 -6.57177  1.000 55.64815 ? 97  ALA A C   1 
ATOM   766  O  O   . ALA A 1 97  ? 8.43326   -11.90011 -6.77511  1.000 55.34350 ? 97  ALA A O   1 
ATOM   767  C  CB  . ALA A 1 97  ? 8.83951   -9.14560  -4.86535  1.000 42.22407 ? 97  ALA A CB  1 
ATOM   768  N  N   . LYS A 1 98  ? 9.77295   -10.26731 -7.56721  1.000 55.96429 ? 98  LYS A N   1 
ATOM   769  C  CA  . LYS A 1 98  ? 9.35258   -10.40157 -8.97044  1.000 63.17041 ? 98  LYS A CA  1 
ATOM   770  C  C   . LYS A 1 98  ? 7.83421   -10.33490 -9.10681  1.000 53.02031 ? 98  LYS A C   1 
ATOM   771  O  O   . LYS A 1 98  ? 7.23773   -10.91680 -10.01863 1.000 55.58152 ? 98  LYS A O   1 
ATOM   772  C  CB  . LYS A 1 98  ? 9.92227   -11.66319 -9.62641  1.000 61.68608 ? 98  LYS A CB  1 
ATOM   773  C  CG  . LYS A 1 98  ? 11.43900  -11.61950 -9.72464  1.000 68.34865 ? 98  LYS A CG  1 
ATOM   774  C  CD  . LYS A 1 98  ? 11.82842  -10.43441 -10.61148 1.000 63.19646 ? 98  LYS A CD  1 
ATOM   775  C  CE  . LYS A 1 98  ? 13.32582  -10.30864 -10.82791 1.000 54.11839 ? 98  LYS A CE  1 
ATOM   776  N  NZ  . LYS A 1 98  ? 13.60737  -9.09928  -11.65764 1.000 58.48559 ? 98  LYS A NZ  1 
ATOM   777  N  N   . ILE A 1 99  ? 7.21074   -9.64645  -8.16577  1.000 48.24749 ? 99  ILE A N   1 
ATOM   778  C  CA  . ILE A 1 99  ? 5.91153   -9.02840  -8.40351  1.000 45.18041 ? 99  ILE A CA  1 
ATOM   779  C  C   . ILE A 1 99  ? 6.13595   -7.73974  -9.18763  1.000 41.53252 ? 99  ILE A C   1 
ATOM   780  O  O   . ILE A 1 99  ? 6.98500   -6.92712  -8.78860  1.000 47.05546 ? 99  ILE A O   1 
ATOM   781  C  CB  . ILE A 1 99  ? 5.20861   -8.75116  -7.08528  1.000 41.50940 ? 99  ILE A CB  1 
ATOM   782  C  CG1 . ILE A 1 99  ? 5.17326   -10.01418 -6.22952  1.000 47.52211 ? 99  ILE A CG1 1 
ATOM   783  C  CG2 . ILE A 1 99  ? 3.82560   -8.20559  -7.31913  1.000 44.11248 ? 99  ILE A CG2 1 
ATOM   784  C  CD1 . ILE A 1 99  ? 4.03169   -9.99837  -5.27617  1.000 41.79479 ? 99  ILE A CD1 1 
ATOM   785  N  N   . PRO A 1 100 ? 5.43646   -7.53761  -10.30174 1.000 33.11447 ? 100 PRO A N   1 
ATOM   786  C  CA  . PRO A 1 100 ? 5.65361   -6.33026  -11.10246 1.000 33.53713 ? 100 PRO A CA  1 
ATOM   787  C  C   . PRO A 1 100 ? 5.50443   -5.07371  -10.25829 1.000 34.80383 ? 100 PRO A C   1 
ATOM   788  O  O   . PRO A 1 100 ? 4.64629   -4.98907  -9.37914  1.000 35.99235 ? 100 PRO A O   1 
ATOM   789  C  CB  . PRO A 1 100 ? 4.55920   -6.42258  -12.16898 1.000 31.65269 ? 100 PRO A CB  1 
ATOM   790  C  CG  . PRO A 1 100 ? 4.36185   -7.90204  -12.35477 1.000 36.53857 ? 100 PRO A CG  1 
ATOM   791  C  CD  . PRO A 1 100 ? 4.52902   -8.49284  -10.97071 1.000 34.71744 ? 100 PRO A CD  1 
ATOM   792  N  N   . ILE A 1 101 ? 6.35402   -4.08498  -10.53106 1.000 37.82745 ? 101 ILE A N   1 
ATOM   793  C  CA  . ILE A 1 101 ? 6.28303   -2.85158  -9.76150  1.000 35.00407 ? 101 ILE A CA  1 
ATOM   794  C  C   . ILE A 1 101 ? 5.03027   -2.05042  -10.09518 1.000 37.23783 ? 101 ILE A C   1 
ATOM   795  O  O   . ILE A 1 101 ? 4.59295   -1.23103  -9.27858  1.000 36.91025 ? 101 ILE A O   1 
ATOM   796  C  CB  . ILE A 1 101 ? 7.57042   -2.02277  -9.95894  1.000 40.23620 ? 101 ILE A CB  1 
ATOM   797  C  CG1 . ILE A 1 101 ? 7.91692   -1.28691  -8.66476  1.000 37.02271 ? 101 ILE A CG1 1 
ATOM   798  C  CG2 . ILE A 1 101 ? 7.44370   -1.06609  -11.13468 1.000 41.98926 ? 101 ILE A CG2 1 
ATOM   799  C  CD1 . ILE A 1 101 ? 9.17311   -0.45396  -8.75620  1.000 34.16484 ? 101 ILE A CD1 1 
ATOM   800  N  N   . LYS A 1 102 ? 4.40534   -2.29098  -11.25225 1.000 36.79232 ? 102 LYS A N   1 
ATOM   801  C  CA  . LYS A 1 102 ? 3.15568   -1.60295  -11.54932 1.000 34.56618 ? 102 LYS A CA  1 
ATOM   802  C  C   . LYS A 1 102 ? 2.03697   -1.99540  -10.58898 1.000 28.14152 ? 102 LYS A C   1 
ATOM   803  O  O   . LYS A 1 102 ? 1.08120   -1.23560  -10.42627 1.000 29.55018 ? 102 LYS A O   1 
ATOM   804  C  CB  . LYS A 1 102 ? 2.73012   -1.86592  -12.99842 1.000 37.06049 ? 102 LYS A CB  1 
ATOM   805  C  CG  . LYS A 1 102 ? 1.94604   -3.14712  -13.21034 1.000 40.46125 ? 102 LYS A CG  1 
ATOM   806  C  CD  . LYS A 1 102 ? 1.95671   -3.56659  -14.67062 1.000 42.69687 ? 102 LYS A CD  1 
ATOM   807  C  CE  . LYS A 1 102 ? 1.52499   -5.01665  -14.83763 1.000 48.28608 ? 102 LYS A CE  1 
ATOM   808  N  NZ  . LYS A 1 102 ? 1.17894   -5.32316  -16.25471 1.000 53.26734 ? 102 LYS A NZ  1 
ATOM   809  N  N   . TYR A 1 103 ? 2.14768   -3.14440  -9.92150  1.000 30.26109 ? 103 TYR A N   1 
ATOM   810  C  CA  . TYR A 1 103 ? 1.12523   -3.52035  -8.95084  1.000 29.40290 ? 103 TYR A CA  1 
ATOM   811  C  C   . TYR A 1 103 ? 1.04833   -2.53673  -7.78529  1.000 26.50931 ? 103 TYR A C   1 
ATOM   812  O  O   . TYR A 1 103 ? 0.00443   -2.44444  -7.12553  1.000 25.19445 ? 103 TYR A O   1 
ATOM   813  C  CB  . TYR A 1 103 ? 1.38988   -4.92575  -8.41521  1.000 24.97942 ? 103 TYR A CB  1 
ATOM   814  C  CG  . TYR A 1 103 ? 1.15352   -6.05483  -9.39935  1.000 28.43056 ? 103 TYR A CG  1 
ATOM   815  C  CD1 . TYR A 1 103 ? 0.90705   -5.81732  -10.74957 1.000 32.92145 ? 103 TYR A CD1 1 
ATOM   816  C  CD2 . TYR A 1 103 ? 1.14376   -7.36010  -8.95672  1.000 31.95286 ? 103 TYR A CD2 1 
ATOM   817  C  CE1 . TYR A 1 103 ? 0.68803   -6.88915  -11.63368 1.000 31.85193 ? 103 TYR A CE1 1 
ATOM   818  C  CE2 . TYR A 1 103 ? 0.93400   -8.41425  -9.81608  1.000 29.02058 ? 103 TYR A CE2 1 
ATOM   819  C  CZ  . TYR A 1 103 ? 0.70052   -8.17651  -11.14576 1.000 31.65128 ? 103 TYR A CZ  1 
ATOM   820  O  OH  . TYR A 1 103 ? 0.48561   -9.26030  -11.97470 1.000 32.21561 ? 103 TYR A OH  1 
ATOM   821  N  N   . LEU A 1 104 ? 2.12609   -1.79103  -7.51927  1.000 25.17872 ? 104 LEU A N   1 
ATOM   822  C  CA  . LEU A 1 104 ? 2.05883   -0.78834  -6.46341  1.000 22.84055 ? 104 LEU A CA  1 
ATOM   823  C  C   . LEU A 1 104 ? 1.06548   0.30827   -6.80800  1.000 20.79638 ? 104 LEU A C   1 
ATOM   824  O  O   . LEU A 1 104 ? 0.44453   0.89076   -5.91046  1.000 22.27379 ? 104 LEU A O   1 
ATOM   825  C  CB  . LEU A 1 104 ? 3.44383   -0.19067  -6.21111  1.000 21.38475 ? 104 LEU A CB  1 
ATOM   826  C  CG  . LEU A 1 104 ? 4.49172   -1.24135  -5.83708  1.000 23.94181 ? 104 LEU A CG  1 
ATOM   827  C  CD1 . LEU A 1 104 ? 5.80760   -0.56949  -5.47485  1.000 27.85760 ? 104 LEU A CD1 1 
ATOM   828  C  CD2 . LEU A 1 104 ? 3.98516   -2.10489  -4.68940  1.000 28.26528 ? 104 LEU A CD2 1 
ATOM   829  N  N   . GLU A 1 105 ? 0.89894   0.60813   -8.09211  1.000 21.63175 ? 105 GLU A N   1 
ATOM   830  C  CA  . GLU A 1 105 ? -0.11680  1.58025   -8.46814  1.000 22.95118 ? 105 GLU A CA  1 
ATOM   831  C  C   . GLU A 1 105 ? -1.51488  1.03682   -8.19575  1.000 22.30729 ? 105 GLU A C   1 
ATOM   832  O  O   . GLU A 1 105 ? -2.39151  1.77315   -7.72671  1.000 21.47574 ? 105 GLU A O   1 
ATOM   833  C  CB  . GLU A 1 105 ? 0.03774   1.95522   -9.93543  1.000 33.40282 ? 105 GLU A CB  1 
ATOM   834  C  CG  . GLU A 1 105 ? -0.98918  2.94961   -10.41525 1.000 39.35332 ? 105 GLU A CG  1 
ATOM   835  C  CD  . GLU A 1 105 ? -0.91316  3.18182   -11.91038 1.000 57.33672 ? 105 GLU A CD  1 
ATOM   836  O  OE1 . GLU A 1 105 ? 0.10887   2.80061   -12.51873 1.000 65.55464 ? 105 GLU A OE1 1 
ATOM   837  O  OE2 . GLU A 1 105 ? -1.88488  3.72335   -12.47922 1.000 60.73549 ? 105 GLU A OE2 1 
ATOM   838  N  N   . PHE A 1 106 ? -1.73206  -0.25919  -8.46482  1.000 21.63778 ? 106 PHE A N   1 
ATOM   839  C  CA  . PHE A 1 106 ? -3.04838  -0.84558  -8.21813  1.000 23.76197 ? 106 PHE A CA  1 
ATOM   840  C  C   . PHE A 1 106 ? -3.38209  -0.86109  -6.73278  1.000 21.58393 ? 106 PHE A C   1 
ATOM   841  O  O   . PHE A 1 106 ? -4.53323  -0.60849  -6.34894  1.000 21.22362 ? 106 PHE A O   1 
ATOM   842  C  CB  . PHE A 1 106 ? -3.13007  -2.27322  -8.76467  1.000 25.37579 ? 106 PHE A CB  1 
ATOM   843  C  CG  . PHE A 1 106 ? -2.81917  -2.40238  -10.22212 1.000 26.01340 ? 106 PHE A CG  1 
ATOM   844  C  CD1 . PHE A 1 106 ? -3.01414  -1.34204  -11.09344 1.000 29.21169 ? 106 PHE A CD1 1 
ATOM   845  C  CD2 . PHE A 1 106 ? -2.34633  -3.61002  -10.72136 1.000 27.46148 ? 106 PHE A CD2 1 
ATOM   846  C  CE1 . PHE A 1 106 ? -2.72635  -1.48513  -12.44153 1.000 27.67009 ? 106 PHE A CE1 1 
ATOM   847  C  CE2 . PHE A 1 106 ? -2.05604  -3.75555  -12.05719 1.000 29.38784 ? 106 PHE A CE2 1 
ATOM   848  C  CZ  . PHE A 1 106 ? -2.24356  -2.69461  -12.91825 1.000 27.34058 ? 106 PHE A CZ  1 
ATOM   849  N  N   . ILE A 1 107 ? -2.40057  -1.18589  -5.87953  1.000 20.49985 ? 107 ILE A N   1 
ATOM   850  C  CA  . ILE A 1 107 ? -2.72849  -1.23078  -4.46077  1.000 17.26987 ? 107 ILE A CA  1 
ATOM   851  C  C   . ILE A 1 107 ? -2.89240  0.17348   -3.91901  1.000 20.46174 ? 107 ILE A C   1 
ATOM   852  O  O   . ILE A 1 107 ? -3.66467  0.39482   -2.98253  1.000 18.20129 ? 107 ILE A O   1 
ATOM   853  C  CB  . ILE A 1 107 ? -1.70181  -2.05837  -3.66208  1.000 19.51022 ? 107 ILE A CB  1 
ATOM   854  C  CG1 . ILE A 1 107 ? -2.32055  -2.48568  -2.32546  1.000 20.65940 ? 107 ILE A CG1 1 
ATOM   855  C  CG2 . ILE A 1 107 ? -0.40102  -1.29009  -3.45528  1.000 23.73529 ? 107 ILE A CG2 1 
ATOM   856  C  CD1 . ILE A 1 107 ? -1.47058  -3.50007  -1.52547  1.000 24.05005 ? 107 ILE A CD1 1 
ATOM   857  N  N   . SER A 1 108 ? -2.20108  1.15114   -4.51019  1.000 21.17829 ? 108 SER A N   1 
ATOM   858  C  CA  . SER A 1 108 ? -2.43633  2.53073   -4.11542  1.000 18.86062 ? 108 SER A CA  1 
ATOM   859  C  C   . SER A 1 108 ? -3.88038  2.94252   -4.37820  1.000 17.75564 ? 108 SER A C   1 
ATOM   860  O  O   . SER A 1 108 ? -4.51365  3.58579   -3.52992  1.000 18.28867 ? 108 SER A O   1 
ATOM   861  C  CB  . SER A 1 108 ? -1.46895  3.45768   -4.85411  1.000 17.96086 ? 108 SER A CB  1 
ATOM   862  O  OG  . SER A 1 108 ? -0.13917  3.23399   -4.41925  1.000 19.45019 ? 108 SER A OG  1 
ATOM   863  N  N   . GLU A 1 109 ? -4.42208  2.58368   -5.55051  1.000 19.54487 ? 109 GLU A N   1 
ATOM   864  C  CA  . GLU A 1 109 ? -5.82486  2.89677   -5.82628  1.000 20.75546 ? 109 GLU A CA  1 
ATOM   865  C  C   . GLU A 1 109 ? -6.74612  2.20405   -4.83444  1.000 21.72593 ? 109 GLU A C   1 
ATOM   866  O  O   . GLU A 1 109 ? -7.73675  2.78985   -4.37843  1.000 22.04664 ? 109 GLU A O   1 
ATOM   867  C  CB  . GLU A 1 109 ? -6.20080  2.51434   -7.26122  1.000 25.40094 ? 109 GLU A CB  1 
ATOM   868  C  CG  . GLU A 1 109 ? -5.27436  3.04708   -8.35559  1.000 34.60803 ? 109 GLU A CG  1 
ATOM   869  C  CD  . GLU A 1 109 ? -5.66398  2.53776   -9.74711  1.000 46.27973 ? 109 GLU A CD  1 
ATOM   870  O  OE1 . GLU A 1 109 ? -4.82481  1.90369   -10.42396 1.000 45.64861 ? 109 GLU A OE1 1 
ATOM   871  O  OE2 . GLU A 1 109 ? -6.81996  2.78233   -10.16648 1.000 51.29464 ? 109 GLU A OE2 1 
ATOM   872  N  N   . ALA A 1 110 ? -6.40681  0.97148   -4.44885  1.000 19.89462 ? 110 ALA A N   1 
ATOM   873  C  CA  . ALA A 1 110 ? -7.24556  0.25957   -3.49249  1.000 18.09728 ? 110 ALA A CA  1 
ATOM   874  C  C   . ALA A 1 110 ? -7.23509  0.95648   -2.14288  1.000 19.03439 ? 110 ALA A C   1 
ATOM   875  O  O   . ALA A 1 110 ? -8.27006  1.03247   -1.47604  1.000 20.91072 ? 110 ALA A O   1 
ATOM   876  C  CB  . ALA A 1 110 ? -6.78106  -1.19849  -3.35479  1.000 17.58668 ? 110 ALA A CB  1 
ATOM   877  N  N   . ILE A 1 111 ? -6.06331  1.46006   -1.71545  1.000 18.47862 ? 111 ILE A N   1 
ATOM   878  C  CA  . ILE A 1 111 ? -5.98638  2.18834   -0.45480  1.000 17.31239 ? 111 ILE A CA  1 
ATOM   879  C  C   . ILE A 1 111 ? -6.89689  3.40992   -0.49880  1.000 19.49990 ? 111 ILE A C   1 
ATOM   880  O  O   . ILE A 1 111 ? -7.67022  3.66760   0.42824   1.000 19.99459 ? 111 ILE A O   1 
ATOM   881  C  CB  . ILE A 1 111 ? -4.53245  2.58753   -0.15076  1.000 15.85739 ? 111 ILE A CB  1 
ATOM   882  C  CG1 . ILE A 1 111 ? -3.73308  1.34268   0.24056   1.000 18.16025 ? 111 ILE A CG1 1 
ATOM   883  C  CG2 . ILE A 1 111 ? -4.49125  3.66213   0.93913   1.000 20.16875 ? 111 ILE A CG2 1 
ATOM   884  C  CD1 . ILE A 1 111 ? -2.21848  1.57708   0.18498   1.000 20.65754 ? 111 ILE A CD1 1 
ATOM   885  N  N   . ILE A 1 112 ? -6.82165  4.17995   -1.58610  1.000 18.76271 ? 112 ILE A N   1 
ATOM   886  C  CA  . ILE A 1 112 ? -7.62517  5.39702   -1.66540  1.000 22.68821 ? 112 ILE A CA  1 
ATOM   887  C  C   . ILE A 1 112 ? -9.10441  5.04764   -1.64464  1.000 19.12254 ? 112 ILE A C   1 
ATOM   888  O  O   . ILE A 1 112 ? -9.89570  5.68887   -0.94078  1.000 20.63482 ? 112 ILE A O   1 
ATOM   889  C  CB  . ILE A 1 112 ? -7.22619  6.20555   -2.90763  1.000 20.60627 ? 112 ILE A CB  1 
ATOM   890  C  CG1 . ILE A 1 112 ? -5.82197  6.75747   -2.69201  1.000 24.31943 ? 112 ILE A CG1 1 
ATOM   891  C  CG2 . ILE A 1 112 ? -8.19891  7.37000   -3.13302  1.000 21.45166 ? 112 ILE A CG2 1 
ATOM   892  C  CD1 . ILE A 1 112 ? -5.13928  7.16485   -3.93866  1.000 34.12409 ? 112 ILE A CD1 1 
ATOM   893  N  N   . HIS A 1 113 ? -9.48540  3.97136   -2.33780  1.000 18.50024 ? 113 HIS A N   1 
ATOM   894  C  CA  . HIS A 1 113 ? -10.88854 3.56974   -2.34852  1.000 21.88021 ? 113 HIS A CA  1 
ATOM   895  C  C   . HIS A 1 113 ? -11.36646 3.20861   -0.94777  1.000 23.84639 ? 113 HIS A C   1 
ATOM   896  O  O   . HIS A 1 113 ? -12.42872 3.67023   -0.49972  1.000 22.52311 ? 113 HIS A O   1 
ATOM   897  C  CB  . HIS A 1 113 ? -11.11261 2.39276   -3.28854  1.000 21.11141 ? 113 HIS A CB  1 
ATOM   898  C  CG  . HIS A 1 113 ? -12.51926 1.89737   -3.24169  1.000 25.95783 ? 113 HIS A CG  1 
ATOM   899  N  ND1 . HIS A 1 113 ? -12.93049 0.88504   -2.40061  1.000 30.20154 ? 113 HIS A ND1 1 
ATOM   900  C  CD2 . HIS A 1 113 ? -13.63519 2.35812   -3.85448  1.000 27.30000 ? 113 HIS A CD2 1 
ATOM   901  C  CE1 . HIS A 1 113 ? -14.23228 0.70627   -2.53977  1.000 29.14664 ? 113 HIS A CE1 1 
ATOM   902  N  NE2 . HIS A 1 113 ? -14.68000 1.58371   -3.41839  1.000 31.50272 ? 113 HIS A NE2 1 
ATOM   903  N  N   . VAL A 1 114 ? -10.58097 2.38647   -0.23790  1.000 21.12795 ? 114 VAL A N   1 
ATOM   904  C  CA  . VAL A 1 114 ? -10.97494 1.91633   1.08533   1.000 21.51905 ? 114 VAL A CA  1 
ATOM   905  C  C   . VAL A 1 114 ? -11.01916 3.05670   2.08627   1.000 21.94811 ? 114 VAL A C   1 
ATOM   906  O  O   . VAL A 1 114 ? -11.92979 3.12282   2.91814   1.000 22.57564 ? 114 VAL A O   1 
ATOM   907  C  CB  . VAL A 1 114 ? -10.02519 0.80124   1.55396   1.000 19.29484 ? 114 VAL A CB  1 
ATOM   908  C  CG1 . VAL A 1 114 ? -10.28227 0.46495   3.01027   1.000 21.36799 ? 114 VAL A CG1 1 
ATOM   909  C  CG2 . VAL A 1 114 ? -10.24456 -0.40444  0.68795   1.000 23.27724 ? 114 VAL A CG2 1 
ATOM   910  N  N   . LEU A 1 115 ? -10.01145 3.94653   2.05870   1.000 19.70367 ? 115 LEU A N   1 
ATOM   911  C  CA  . LEU A 1 115 ? -9.99766  5.08266   2.96959   1.000 22.15920 ? 115 LEU A CA  1 
ATOM   912  C  C   . LEU A 1 115 ? -11.21021 5.97305   2.75436   1.000 22.95244 ? 115 LEU A C   1 
ATOM   913  O  O   . LEU A 1 115 ? -11.79646 6.47679   3.71919   1.000 23.65351 ? 115 LEU A O   1 
ATOM   914  C  CB  . LEU A 1 115 ? -8.70790  5.88228   2.77603   1.000 20.93768 ? 115 LEU A CB  1 
ATOM   915  C  CG  . LEU A 1 115 ? -7.50063  5.19069   3.40342   1.000 25.86813 ? 115 LEU A CG  1 
ATOM   916  C  CD1 . LEU A 1 115 ? -6.28455  6.07573   3.52589   1.000 22.61671 ? 115 LEU A CD1 1 
ATOM   917  C  CD2 . LEU A 1 115 ? -7.86166  4.69551   4.78100   1.000 32.96333 ? 115 LEU A CD2 1 
ATOM   918  N  N   . HIS A 1 116 ? -11.59455 6.18908   1.49443   1.000 21.95965 ? 116 HIS A N   1 
ATOM   919  C  CA  . HIS A 1 116 ? -12.76339 7.01410   1.22048   1.000 23.40586 ? 116 HIS A CA  1 
ATOM   920  C  C   . HIS A 1 116 ? -14.03645 6.32151   1.67056   1.000 28.02330 ? 116 HIS A C   1 
ATOM   921  O  O   . HIS A 1 116 ? -14.97157 6.96941   2.16062   1.000 31.33224 ? 116 HIS A O   1 
ATOM   922  C  CB  . HIS A 1 116 ? -12.85624 7.31867   -0.26546  1.000 23.89143 ? 116 HIS A CB  1 
ATOM   923  C  CG  . HIS A 1 116 ? -14.02878 8.17331   -0.61125  1.000 28.41694 ? 116 HIS A CG  1 
ATOM   924  N  ND1 . HIS A 1 116 ? -15.11375 7.69580   -1.31244  1.000 35.05327 ? 116 HIS A ND1 1 
ATOM   925  C  CD2 . HIS A 1 116 ? -14.29355 9.47134   -0.33755  1.000 28.91934 ? 116 HIS A CD2 1 
ATOM   926  C  CE1 . HIS A 1 116 ? -15.99724 8.66883   -1.46037  1.000 33.37704 ? 116 HIS A CE1 1 
ATOM   927  N  NE2 . HIS A 1 116 ? -15.52173 9.75673   -0.88118  1.000 33.10627 ? 116 HIS A NE2 1 
ATOM   928  N  N   . SER A 1 117 ? -14.08781 5.00494   1.48675   1.000 24.53266 ? 117 SER A N   1 
ATOM   929  C  CA  . SER A 1 117 ? -15.26326 4.22525   1.85260   1.000 27.66541 ? 117 SER A CA  1 
ATOM   930  C  C   . SER A 1 117 ? -15.47863 4.22457   3.35980   1.000 28.72197 ? 117 SER A C   1 
ATOM   931  O  O   . SER A 1 117 ? -16.61942 4.33527   3.82950   1.000 31.03438 ? 117 SER A O   1 
ATOM   932  C  CB  . SER A 1 117 ? -15.09737 2.80392   1.32219   1.000 26.18622 ? 117 SER A CB  1 
ATOM   933  O  OG  . SER A 1 117 ? -16.19843 1.97670   1.65957   1.000 38.15564 ? 117 SER A OG  1 
ATOM   934  N  N   . ARG A 1 118 ? -14.39538 4.11375   4.13015   1.000 24.69002 ? 118 ARG A N   1 
ATOM   935  C  CA  . ARG A 1 118 ? -14.47114 3.96315   5.57731   1.000 25.93725 ? 118 ARG A CA  1 
ATOM   936  C  C   . ARG A 1 118 ? -14.45326 5.28362   6.32961   1.000 30.16140 ? 118 ARG A C   1 
ATOM   937  O  O   . ARG A 1 118 ? -15.02410 5.35976   7.42170   1.000 34.10444 ? 118 ARG A O   1 
ATOM   938  C  CB  . ARG A 1 118 ? -13.31471 3.10009   6.09622   1.000 31.02032 ? 118 ARG A CB  1 
ATOM   939  C  CG  . ARG A 1 118 ? -13.44181 1.59196   5.86187   1.000 29.34935 ? 118 ARG A CG  1 
ATOM   940  C  CD  . ARG A 1 118 ? -12.24877 0.92024   6.52573   1.000 28.65258 ? 118 ARG A CD  1 
ATOM   941  N  NE  . ARG A 1 118 ? -12.31533 -0.52760  6.61172   1.000 42.61368 ? 118 ARG A NE  1 
ATOM   942  C  CZ  . ARG A 1 118 ? -12.19546 -1.20913  7.74219   1.000 32.86038 ? 118 ARG A CZ  1 
ATOM   943  N  NH1 . ARG A 1 118 ? -12.11042 -0.59690  8.91575   1.000 33.77530 ? 118 ARG A NH1 1 
ATOM   944  N  NH2 . ARG A 1 118 ? -12.17431 -2.53399  7.69634   1.000 35.72399 ? 118 ARG A NH2 1 
ATOM   945  N  N   . HIS A 1 119 ? -13.80759 6.32282   5.79035   1.000 28.58542 ? 119 HIS A N   1 
ATOM   946  C  CA  . HIS A 1 119 ? -13.53095 7.54744   6.54890   1.000 26.83800 ? 119 HIS A CA  1 
ATOM   947  C  C   . HIS A 1 119 ? -13.82577 8.78744   5.71982   1.000 30.37598 ? 119 HIS A C   1 
ATOM   948  O  O   . HIS A 1 119 ? -12.97486 9.67266   5.58057   1.000 28.86802 ? 119 HIS A O   1 
ATOM   949  C  CB  . HIS A 1 119 ? -12.07733 7.58249   7.00872   1.000 24.87628 ? 119 HIS A CB  1 
ATOM   950  C  CG  . HIS A 1 119 ? -11.62932 6.32346   7.67111   1.000 30.16198 ? 119 HIS A CG  1 
ATOM   951  N  ND1 . HIS A 1 119 ? -12.10948 5.92675   8.89944   1.000 32.05840 ? 119 HIS A ND1 1 
ATOM   952  C  CD2 . HIS A 1 119 ? -10.74738 5.36901   7.28098   1.000 25.86442 ? 119 HIS A CD2 1 
ATOM   953  C  CE1 . HIS A 1 119 ? -11.53849 4.78471   9.24181   1.000 35.82134 ? 119 HIS A CE1 1 
ATOM   954  N  NE2 . HIS A 1 119 ? -10.71068 4.42662   8.27728   1.000 30.90888 ? 119 HIS A NE2 1 
ATOM   955  N  N   . PRO A 1 120 ? -15.03819 8.90371   5.18322   1.000 31.40896 ? 120 PRO A N   1 
ATOM   956  C  CA  . PRO A 1 120 ? -15.31975 10.04637  4.29973   1.000 30.95707 ? 120 PRO A CA  1 
ATOM   957  C  C   . PRO A 1 120 ? -15.13639 11.39126  4.98698   1.000 32.05462 ? 120 PRO A C   1 
ATOM   958  O  O   . PRO A 1 120 ? -14.66230 12.35033  4.36193   1.000 32.94566 ? 120 PRO A O   1 
ATOM   959  C  CB  . PRO A 1 120 ? -16.78078 9.80995   3.89129   1.000 36.66410 ? 120 PRO A CB  1 
ATOM   960  C  CG  . PRO A 1 120 ? -17.35288 9.04411   5.03539   1.000 33.02792 ? 120 PRO A CG  1 
ATOM   961  C  CD  . PRO A 1 120 ? -16.25337 8.12109   5.47418   1.000 30.21132 ? 120 PRO A CD  1 
ATOM   962  N  N   . GLY A 1 121 ? -15.49546 11.48271  6.26837   1.000 34.32483 ? 121 GLY A N   1 
ATOM   963  C  CA  . GLY A 1 121 ? -15.34533 12.72906  6.99145   1.000 36.92629 ? 121 GLY A CA  1 
ATOM   964  C  C   . GLY A 1 121 ? -13.91237 13.18055  7.12425   1.000 40.92832 ? 121 GLY A C   1 
ATOM   965  O  O   . GLY A 1 121 ? -13.66144 14.36625  7.36735   1.000 35.36971 ? 121 GLY A O   1 
ATOM   966  N  N   . ASP A 1 122 ? -12.95932 12.26769  6.95619   1.000 32.32778 ? 122 ASP A N   1 
ATOM   967  C  CA  . ASP A 1 122 ? -11.56216 12.62836  7.10806   1.000 36.23678 ? 122 ASP A CA  1 
ATOM   968  C  C   . ASP A 1 122 ? -10.76113 12.30744  5.85531   1.000 31.99491 ? 122 ASP A C   1 
ATOM   969  O  O   . ASP A 1 122 ? -9.52395  12.31587  5.88001   1.000 30.08402 ? 122 ASP A O   1 
ATOM   970  C  CB  . ASP A 1 122 ? -10.99083 11.94237  8.33839   1.000 36.00348 ? 122 ASP A CB  1 
ATOM   971  C  CG  . ASP A 1 122 ? -11.06327 12.83880  9.53761   1.000 49.15516 ? 122 ASP A CG  1 
ATOM   972  O  OD1 . ASP A 1 122 ? -11.88833 12.57263  10.43460  1.000 51.89264 ? 122 ASP A OD1 1 
ATOM   973  O  OD2 . ASP A 1 122 ? -10.38043 13.88165  9.51610   1.000 55.23697 ? 122 ASP A OD2 1 
ATOM   974  N  N   . PHE A 1 123 ? -11.45468 12.06936  4.74892   1.000 27.05097 ? 123 PHE A N   1 
ATOM   975  C  CA  . PHE A 1 123 ? -10.82344 11.73069  3.48698   1.000 24.91640 ? 123 PHE A CA  1 
ATOM   976  C  C   . PHE A 1 123 ? -11.58433 12.39708  2.35385   1.000 25.98177 ? 123 PHE A C   1 
ATOM   977  O  O   . PHE A 1 123 ? -12.05919 11.75858  1.41116   1.000 25.90925 ? 123 PHE A O   1 
ATOM   978  C  CB  . PHE A 1 123 ? -10.75530 10.21614  3.31821   1.000 25.36623 ? 123 PHE A CB  1 
ATOM   979  C  CG  . PHE A 1 123 ? -9.60959  9.76231   2.46805   1.000 24.83685 ? 123 PHE A CG  1 
ATOM   980  C  CD1 . PHE A 1 123 ? -8.31306  10.08214  2.81718   1.000 25.45238 ? 123 PHE A CD1 1 
ATOM   981  C  CD2 . PHE A 1 123 ? -9.83086  9.04477   1.30053   1.000 23.51079 ? 123 PHE A CD2 1 
ATOM   982  C  CE1 . PHE A 1 123 ? -7.24426  9.66988   2.04365   1.000 23.80703 ? 123 PHE A CE1 1 
ATOM   983  C  CE2 . PHE A 1 123 ? -8.75154  8.64203   0.51776   1.000 22.37504 ? 123 PHE A CE2 1 
ATOM   984  C  CZ  . PHE A 1 123 ? -7.46275  8.96532   0.89766   1.000 23.00740 ? 123 PHE A CZ  1 
ATOM   985  N  N   . GLY A 1 124 ? -11.73381 13.71069  2.46453   1.000 24.37078 ? 124 GLY A N   1 
ATOM   986  C  CA  . GLY A 1 124 ? -12.30556 14.51206  1.40739   1.000 25.45482 ? 124 GLY A CA  1 
ATOM   987  C  C   . GLY A 1 124 ? -11.32137 14.73089  0.28039   1.000 23.90308 ? 124 GLY A C   1 
ATOM   988  O  O   . GLY A 1 124 ? -10.28252 14.07375  0.18126   1.000 21.95757 ? 124 GLY A O   1 
ATOM   989  N  N   . ALA A 1 125 ? -11.64217 15.70415  -0.56673  1.000 22.66498 ? 125 ALA A N   1 
ATOM   990  C  CA  . ALA A 1 125 ? -10.83774 15.93211  -1.76072  1.000 20.26203 ? 125 ALA A CA  1 
ATOM   991  C  C   . ALA A 1 125 ? -9.40785  16.31535  -1.40740  1.000 20.66460 ? 125 ALA A C   1 
ATOM   992  O  O   . ALA A 1 125 ? -8.46521  15.88771  -2.08441  1.000 21.69965 ? 125 ALA A O   1 
ATOM   993  C  CB  . ALA A 1 125 ? -11.47590 17.02161  -2.62157  1.000 22.05060 ? 125 ALA A CB  1 
ATOM   994  N  N   . ASP A 1 126 ? -9.22586  17.16219  -0.38772  1.000 19.31272 ? 126 ASP A N   1 
ATOM   995  C  CA  . ASP A 1 126 ? -7.87175  17.57783  -0.04612  1.000 19.09540 ? 126 ASP A CA  1 
ATOM   996  C  C   . ASP A 1 126 ? -7.08023  16.40907  0.51961   1.000 19.97536 ? 126 ASP A C   1 
ATOM   997  O  O   . ASP A 1 126 ? -5.90681  16.22068  0.17071   1.000 20.36285 ? 126 ASP A O   1 
ATOM   998  C  CB  . ASP A 1 126 ? -7.89423  18.73844  0.94575   1.000 20.86116 ? 126 ASP A CB  1 
ATOM   999  C  CG  . ASP A 1 126 ? -8.46993  20.00817  0.33485   1.000 21.75761 ? 126 ASP A CG  1 
ATOM   1000 O  OD1 . ASP A 1 126 ? -8.57126  20.07280  -0.90772  1.000 27.71965 ? 126 ASP A OD1 1 
ATOM   1001 O  OD2 . ASP A 1 126 ? -8.79874  20.93227  1.10023   1.000 26.15522 ? 126 ASP A OD2 1 
ATOM   1002 N  N   . ALA A 1 127 ? -7.70347  15.61790  1.39360   1.000 17.17714 ? 127 ALA A N   1 
ATOM   1003 C  CA  . ALA A 1 127 ? -6.99184  14.46817  1.96596   1.000 17.61939 ? 127 ALA A CA  1 
ATOM   1004 C  C   . ALA A 1 127 ? -6.69016  13.40547  0.91192   1.000 21.37611 ? 127 ALA A C   1 
ATOM   1005 O  O   . ALA A 1 127 ? -5.62900  12.76316  0.96283   1.000 19.59644 ? 127 ALA A O   1 
ATOM   1006 C  CB  . ALA A 1 127 ? -7.80113  13.86536  3.10955   1.000 20.23662 ? 127 ALA A CB  1 
ATOM   1007 N  N   . GLN A 1 128 ? -7.61491  13.17325  -0.02634  1.000 21.04495 ? 128 GLN A N   1 
ATOM   1008 C  CA  . GLN A 1 128 ? -7.34797  12.21173  -1.10248  1.000 21.36724 ? 128 GLN A CA  1 
ATOM   1009 C  C   . GLN A 1 128 ? -6.22074  12.68180  -2.00346  1.000 20.65897 ? 128 GLN A C   1 
ATOM   1010 O  O   . GLN A 1 128 ? -5.37334  11.88656  -2.41761  1.000 21.90088 ? 128 GLN A O   1 
ATOM   1011 C  CB  . GLN A 1 128 ? -8.59705  11.95456  -1.94112  1.000 22.09927 ? 128 GLN A CB  1 
ATOM   1012 C  CG  . GLN A 1 128 ? -9.77679  11.45661  -1.15906  1.000 24.32894 ? 128 GLN A CG  1 
ATOM   1013 C  CD  . GLN A 1 128 ? -11.05557 11.49998  -1.97257  1.000 37.33039 ? 128 GLN A CD  1 
ATOM   1014 O  OE1 . GLN A 1 128 ? -11.02631 11.36682  -3.19803  1.000 42.13546 ? 128 GLN A OE1 1 
ATOM   1015 N  NE2 . GLN A 1 128 ? -12.17907 11.71517  -1.29950  1.000 34.02236 ? 128 GLN A NE2 1 
ATOM   1016 N  N   . GLY A 1 129 ? -6.20229  13.96557  -2.34322  1.000 19.85408 ? 129 GLY A N   1 
ATOM   1017 C  CA  . GLY A 1 129 ? -5.09253  14.47027  -3.12739  1.000 22.31475 ? 129 GLY A CA  1 
ATOM   1018 C  C   . GLY A 1 129 ? -3.77207  14.32047  -2.40187  1.000 18.46322 ? 129 GLY A C   1 
ATOM   1019 O  O   . GLY A 1 129 ? -2.76594  13.93864  -3.00196  1.000 20.12216 ? 129 GLY A O   1 
ATOM   1020 N  N   . ALA A 1 130 ? -3.75895  14.62101  -1.10153  1.000 18.23432 ? 130 ALA A N   1 
ATOM   1021 C  CA  . ALA A 1 130 ? -2.54538  14.45063  -0.30602  1.000 18.72609 ? 130 ALA A CA  1 
ATOM   1022 C  C   . ALA A 1 130 ? -2.08810  12.99778  -0.29019  1.000 17.31504 ? 130 ALA A C   1 
ATOM   1023 O  O   . ALA A 1 130 ? -0.89522  12.72033  -0.45938  1.000 17.90125 ? 130 ALA A O   1 
ATOM   1024 C  CB  . ALA A 1 130 ? -2.77575  14.94339  1.11980   1.000 19.88627 ? 130 ALA A CB  1 
ATOM   1025 N  N   . MET A 1 131 ? -3.01859  12.05791  -0.07591  1.000 18.43010 ? 131 MET A N   1 
ATOM   1026 C  CA  . MET A 1 131 ? -2.63681  10.64405  -0.01670  1.000 17.66561 ? 131 MET A CA  1 
ATOM   1027 C  C   . MET A 1 131 ? -2.16111  10.17461  -1.38548  1.000 17.97280 ? 131 MET A C   1 
ATOM   1028 O  O   . MET A 1 131 ? -1.19194  9.40698   -1.48413  1.000 20.10112 ? 131 MET A O   1 
ATOM   1029 C  CB  . MET A 1 131 ? -3.80741  9.76785   0.47843   1.000 18.32434 ? 131 MET A CB  1 
ATOM   1030 C  CG  . MET A 1 131 ? -3.42863  8.27936   0.54316   1.000 18.63781 ? 131 MET A CG  1 
ATOM   1031 S  SD  . MET A 1 131 ? -2.22679  7.96212   1.87182   1.000 21.51982 ? 131 MET A SD  1 
ATOM   1032 C  CE  . MET A 1 131 ? -3.12488  8.30617   3.36787   1.000 20.18070 ? 131 MET A CE  1 
ATOM   1033 N  N   A ASN A 1 132 ? -2.82287  10.62608  -2.45502  0.560 17.84567 ? 132 ASN A N   1 
ATOM   1034 N  N   B ASN A 1 132 ? -2.83788  10.61505  -2.45427  0.440 17.91908 ? 132 ASN A N   1 
ATOM   1035 C  CA  A ASN A 1 132 ? -2.38892  10.26022  -3.79867  0.560 19.34426 ? 132 ASN A CA  1 
ATOM   1036 C  CA  B ASN A 1 132 ? -2.39606  10.27966  -3.80554  0.440 19.38245 ? 132 ASN A CA  1 
ATOM   1037 C  C   A ASN A 1 132 ? -0.95639  10.72166  -4.05209  0.560 21.27234 ? 132 ASN A C   1 
ATOM   1038 C  C   B ASN A 1 132 ? -0.94931  10.71055  -4.01683  0.440 21.28429 ? 132 ASN A C   1 
ATOM   1039 O  O   A ASN A 1 132 ? -0.13119  9.95345   -4.56569  0.560 20.94634 ? 132 ASN A O   1 
ATOM   1040 O  O   B ASN A 1 132 ? -0.11054  9.91802   -4.46438  0.440 20.87505 ? 132 ASN A O   1 
ATOM   1041 C  CB  A ASN A 1 132 ? -3.35391  10.84660  -4.83384  0.560 21.82308 ? 132 ASN A CB  1 
ATOM   1042 C  CB  B ASN A 1 132 ? -3.31395  10.94292  -4.84292  0.440 21.85566 ? 132 ASN A CB  1 
ATOM   1043 C  CG  A ASN A 1 132 ? -2.85366  10.67780  -6.24344  0.560 25.11453 ? 132 ASN A CG  1 
ATOM   1044 C  CG  B ASN A 1 132 ? -4.39775  10.01418  -5.34819  0.440 29.41271 ? 132 ASN A CG  1 
ATOM   1045 O  OD1 A ASN A 1 132 ? -2.54936  9.56728   -6.67571  0.560 25.32467 ? 132 ASN A OD1 1 
ATOM   1046 O  OD1 B ASN A 1 132 ? -5.54854  10.07623  -4.90927  0.440 31.57515 ? 132 ASN A OD1 1 
ATOM   1047 N  ND2 A ASN A 1 132 ? -2.76379  11.78662  -6.97841  0.560 27.60732 ? 132 ASN A ND2 1 
ATOM   1048 N  ND2 B ASN A 1 132 ? -4.02585  9.11753   -6.25526  0.440 32.61967 ? 132 ASN A ND2 1 
ATOM   1049 N  N   . LYS A 1 133 ? -0.63275  11.96102  -3.66201  1.000 21.25207 ? 133 LYS A N   1 
ATOM   1050 C  CA  . LYS A 1 133 ? 0.74015   12.45194  -3.79378  1.000 19.40027 ? 133 LYS A CA  1 
ATOM   1051 C  C   . LYS A 1 133 ? 1.71345   11.64015  -2.95185  1.000 21.30338 ? 133 LYS A C   1 
ATOM   1052 O  O   . LYS A 1 133 ? 2.81542   11.31516  -3.41136  1.000 22.23968 ? 133 LYS A O   1 
ATOM   1053 C  CB  . LYS A 1 133 ? 0.82210   13.93349  -3.40380  1.000 21.37103 ? 133 LYS A CB  1 
ATOM   1054 C  CG  . LYS A 1 133 ? 0.04984   14.85154  -4.33356  1.000 23.48515 ? 133 LYS A CG  1 
ATOM   1055 C  CD  . LYS A 1 133 ? 0.63790   16.26214  -4.29793  1.000 27.41172 ? 133 LYS A CD  1 
ATOM   1056 C  CE  . LYS A 1 133 ? -0.35177  17.28467  -3.80475  1.000 43.92221 ? 133 LYS A CE  1 
ATOM   1057 N  NZ  . LYS A 1 133 ? 0.35842   18.55504  -3.44628  1.000 34.56461 ? 133 LYS A NZ  1 
ATOM   1058 N  N   . ALA A 1 134 ? 1.33946   11.31559  -1.71063  1.000 17.90006 ? 134 ALA A N   1 
ATOM   1059 C  CA  . ALA A 1 134 ? 2.25720   10.57704  -0.84268  1.000 19.03219 ? 134 ALA A CA  1 
ATOM   1060 C  C   . ALA A 1 134 ? 2.54710   9.18382   -1.38901  1.000 19.66202 ? 134 ALA A C   1 
ATOM   1061 O  O   . ALA A 1 134 ? 3.70113   8.72419   -1.36492  1.000 21.01793 ? 134 ALA A O   1 
ATOM   1062 C  CB  . ALA A 1 134 ? 1.68842   10.50528  0.57028   1.000 20.15127 ? 134 ALA A CB  1 
ATOM   1063 N  N   . LEU A 1 135 ? 1.52210   8.49122   -1.88967  1.000 18.21973 ? 135 LEU A N   1 
ATOM   1064 C  CA  . LEU A 1 135 ? 1.77144   7.15011   -2.40178  1.000 19.22672 ? 135 LEU A CA  1 
ATOM   1065 C  C   . LEU A 1 135 ? 2.50970   7.21017   -3.73081  1.000 21.32521 ? 135 LEU A C   1 
ATOM   1066 O  O   . LEU A 1 135 ? 3.31315   6.32162   -4.03506  1.000 20.75680 ? 135 LEU A O   1 
ATOM   1067 C  CB  . LEU A 1 135 ? 0.45246   6.39612   -2.54121  1.000 17.96998 ? 135 LEU A CB  1 
ATOM   1068 C  CG  . LEU A 1 135 ? -0.35383  6.27218   -1.24963  1.000 18.78487 ? 135 LEU A CG  1 
ATOM   1069 C  CD1 . LEU A 1 135 ? -1.65860  5.49909   -1.53575  1.000 21.18914 ? 135 LEU A CD1 1 
ATOM   1070 C  CD2 . LEU A 1 135 ? 0.43903   5.57778   -0.13963  1.000 19.01619 ? 135 LEU A CD2 1 
ATOM   1071 N  N   . GLU A 1 136 ? 2.28020   8.26237   -4.52099  1.000 20.56016 ? 136 GLU A N   1 
ATOM   1072 C  CA  . GLU A 1 136 ? 3.02050   8.38974   -5.76946  1.000 21.92654 ? 136 GLU A CA  1 
ATOM   1073 C  C   . GLU A 1 136 ? 4.49413   8.65513   -5.49050  1.000 24.54982 ? 136 GLU A C   1 
ATOM   1074 O  O   . GLU A 1 136 ? 5.36764   8.06128   -6.13341  1.000 23.64128 ? 136 GLU A O   1 
ATOM   1075 C  CB  . GLU A 1 136 ? 2.43014   9.49619   -6.64673  1.000 23.41910 ? 136 GLU A CB  1 
ATOM   1076 C  CG  . GLU A 1 136 ? 3.12733   9.55659   -8.00189  1.000 30.13250 ? 136 GLU A CG  1 
ATOM   1077 C  CD  . GLU A 1 136 ? 2.50768   10.55883  -8.94801  1.000 35.36361 ? 136 GLU A CD  1 
ATOM   1078 O  OE1 . GLU A 1 136 ? 1.26610   10.58655  -9.04000  1.000 35.08746 ? 136 GLU A OE1 1 
ATOM   1079 O  OE2 . GLU A 1 136 ? 3.26494   11.31699  -9.59629  1.000 45.56103 ? 136 GLU A OE2 1 
ATOM   1080 N  N   . LEU A 1 137 ? 4.78589   9.51589   -4.51215  1.000 20.18538 ? 137 LEU A N   1 
ATOM   1081 C  CA  . LEU A 1 137 ? 6.16551   9.73695   -4.09163  1.000 23.84672 ? 137 LEU A CA  1 
ATOM   1082 C  C   . LEU A 1 137 ? 6.81355   8.43100   -3.66091  1.000 23.50148 ? 137 LEU A C   1 
ATOM   1083 O  O   . LEU A 1 137 ? 7.94350   8.12180   -4.05681  1.000 24.66399 ? 137 LEU A O   1 
ATOM   1084 C  CB  . LEU A 1 137 ? 6.21214   10.75211  -2.94807  1.000 23.49434 ? 137 LEU A CB  1 
ATOM   1085 C  CG  . LEU A 1 137 ? 7.58037   10.92367  -2.28134  1.000 29.25203 ? 137 LEU A CG  1 
ATOM   1086 C  CD1 . LEU A 1 137 ? 8.59979   11.48470  -3.27671  1.000 30.09675 ? 137 LEU A CD1 1 
ATOM   1087 C  CD2 . LEU A 1 137 ? 7.52055   11.78819  -0.99832  1.000 26.65305 ? 137 LEU A CD2 1 
ATOM   1088 N  N   . PHE A 1 138 ? 6.09882   7.64620   -2.84858  1.000 20.61785 ? 138 PHE A N   1 
ATOM   1089 C  CA  . PHE A 1 138 ? 6.61402   6.35410   -2.39700  1.000 21.09914 ? 138 PHE A CA  1 
ATOM   1090 C  C   . PHE A 1 138 ? 6.93652   5.45151   -3.58512  1.000 22.12534 ? 138 PHE A C   1 
ATOM   1091 O  O   . PHE A 1 138 ? 8.01546   4.84169   -3.64781  1.000 22.62228 ? 138 PHE A O   1 
ATOM   1092 C  CB  . PHE A 1 138 ? 5.57663   5.71035   -1.48187  1.000 23.07777 ? 138 PHE A CB  1 
ATOM   1093 C  CG  . PHE A 1 138 ? 6.05664   4.49260   -0.74153  1.000 29.01594 ? 138 PHE A CG  1 
ATOM   1094 C  CD1 . PHE A 1 138 ? 7.38607   4.31148   -0.44560  1.000 30.87957 ? 138 PHE A CD1 1 
ATOM   1095 C  CD2 . PHE A 1 138 ? 5.15784   3.49528   -0.40692  1.000 31.79056 ? 138 PHE A CD2 1 
ATOM   1096 C  CE1 . PHE A 1 138 ? 7.80171   3.16996   0.22414   1.000 33.88275 ? 138 PHE A CE1 1 
ATOM   1097 C  CE2 . PHE A 1 138 ? 5.57058   2.34320   0.25124   1.000 32.91521 ? 138 PHE A CE2 1 
ATOM   1098 C  CZ  . PHE A 1 138 ? 6.88354   2.18864   0.57027   1.000 31.32837 ? 138 PHE A CZ  1 
ATOM   1099 N  N   . ARG A 1 139 ? 6.00328   5.35070   -4.53475  1.000 22.62231 ? 139 ARG A N   1 
ATOM   1100 C  CA  . ARG A 1 139 ? 6.20289   4.48297   -5.68992  1.000 22.37650 ? 139 ARG A CA  1 
ATOM   1101 C  C   . ARG A 1 139 ? 7.37629   4.93971   -6.53609  1.000 29.19170 ? 139 ARG A C   1 
ATOM   1102 O  O   . ARG A 1 139 ? 8.14155   4.11067   -7.04408  1.000 25.45438 ? 139 ARG A O   1 
ATOM   1103 C  CB  . ARG A 1 139 ? 4.94427   4.44323   -6.53845  1.000 24.66718 ? 139 ARG A CB  1 
ATOM   1104 C  CG  . ARG A 1 139 ? 3.81735   3.68695   -5.91390  1.000 22.11173 ? 139 ARG A CG  1 
ATOM   1105 C  CD  . ARG A 1 139 ? 2.66308   3.45406   -6.92139  1.000 21.66895 ? 139 ARG A CD  1 
ATOM   1106 N  NE  . ARG A 1 139 ? 2.33456   4.60699   -7.76566  1.000 23.67881 ? 139 ARG A NE  1 
ATOM   1107 C  CZ  . ARG A 1 139 ? 1.39134   5.49772   -7.48512  1.000 23.82508 ? 139 ARG A CZ  1 
ATOM   1108 N  NH1 . ARG A 1 139 ? 0.68674   5.42882   -6.36929  1.000 23.35899 ? 139 ARG A NH1 1 
ATOM   1109 N  NH2 . ARG A 1 139 ? 1.16082   6.49706   -8.33652  1.000 27.41749 ? 139 ARG A NH2 1 
ATOM   1110 N  N   . LYS A 1 140 ? 7.52458   6.25560   -6.71482  1.000 26.68452 ? 140 LYS A N   1 
ATOM   1111 C  CA  . LYS A 1 140 ? 8.63616   6.77073   -7.50439  1.000 28.97645 ? 140 LYS A CA  1 
ATOM   1112 C  C   . LYS A 1 140 ? 9.96526   6.47893   -6.82457  1.000 30.42376 ? 140 LYS A C   1 
ATOM   1113 O  O   . LYS A 1 140 ? 10.94556  6.12264   -7.49079  1.000 29.29377 ? 140 LYS A O   1 
ATOM   1114 C  CB  . LYS A 1 140 ? 8.44817   8.27694   -7.73994  1.000 28.84275 ? 140 LYS A CB  1 
ATOM   1115 C  CG  . LYS A 1 140 ? 7.44158   8.60135   -8.84614  1.000 35.62301 ? 140 LYS A CG  1 
ATOM   1116 C  CD  . LYS A 1 140 ? 7.60782   10.03375  -9.35395  1.000 50.01004 ? 140 LYS A CD  1 
ATOM   1117 C  CE  . LYS A 1 140 ? 6.58679   10.36346  -10.43713 1.000 52.36668 ? 140 LYS A CE  1 
ATOM   1118 N  NZ  . LYS A 1 140 ? 7.22693   10.67187  -11.75030 1.000 55.76254 ? 140 LYS A NZ  1 
ATOM   1119 N  N   . ASP A 1 141 ? 10.01196  6.58924   -5.49251  1.000 28.32022 ? 141 ASP A N   1 
ATOM   1120 C  CA  . ASP A 1 141 ? 11.25382  6.31944   -4.77746  1.000 28.09505 ? 141 ASP A CA  1 
ATOM   1121 C  C   . ASP A 1 141 ? 11.57978  4.83243   -4.76093  1.000 29.34050 ? 141 ASP A C   1 
ATOM   1122 O  O   . ASP A 1 141 ? 12.75969  4.45810   -4.78131  1.000 29.58387 ? 141 ASP A O   1 
ATOM   1123 C  CB  . ASP A 1 141 ? 11.17495  6.88202   -3.35966  1.000 26.42836 ? 141 ASP A CB  1 
ATOM   1124 C  CG  . ASP A 1 141 ? 11.31570  8.40675   -3.33435  1.000 30.85333 ? 141 ASP A CG  1 
ATOM   1125 O  OD1 . ASP A 1 141 ? 11.43312  9.00170   -4.42230  1.000 33.82007 ? 141 ASP A OD1 1 
ATOM   1126 O  OD2 . ASP A 1 141 ? 11.32255  9.01166   -2.23936  1.000 32.00859 ? 141 ASP A OD2 1 
ATOM   1127 N  N   . ILE A 1 142 ? 10.55974  3.97017   -4.73200  1.000 24.32309 ? 142 ILE A N   1 
ATOM   1128 C  CA  . ILE A 1 142 ? 10.82279  2.53577   -4.84110  1.000 24.69757 ? 142 ILE A CA  1 
ATOM   1129 C  C   . ILE A 1 142 ? 11.35577  2.20340   -6.22615  1.000 29.26433 ? 142 ILE A C   1 
ATOM   1130 O  O   . ILE A 1 142 ? 12.31710  1.44019   -6.36952  1.000 28.77789 ? 142 ILE A O   1 
ATOM   1131 C  CB  . ILE A 1 142 ? 9.55529   1.72918   -4.52035  1.000 24.35446 ? 142 ILE A CB  1 
ATOM   1132 C  CG1 . ILE A 1 142 ? 9.21268   1.85966   -3.04193  1.000 26.48626 ? 142 ILE A CG1 1 
ATOM   1133 C  CG2 . ILE A 1 142 ? 9.74711   0.26219   -4.90280  1.000 29.01907 ? 142 ILE A CG2 1 
ATOM   1134 C  CD1 . ILE A 1 142 ? 7.78136   1.51827   -2.74825  1.000 33.04981 ? 142 ILE A CD1 1 
ATOM   1135 N  N   . ALA A 1 143 ? 10.74750  2.77559   -7.26652  1.000 28.24495 ? 143 ALA A N   1 
ATOM   1136 C  CA  . ALA A 1 143 ? 11.24980  2.55554   -8.61820  1.000 32.56944 ? 143 ALA A CA  1 
ATOM   1137 C  C   . ALA A 1 143 ? 12.69101  3.03099   -8.76018  1.000 37.67997 ? 143 ALA A C   1 
ATOM   1138 O  O   . ALA A 1 143 ? 13.47192  2.43399   -9.51136  1.000 38.18747 ? 143 ALA A O   1 
ATOM   1139 C  CB  . ALA A 1 143 ? 10.34763  3.25429   -9.63588  1.000 32.47024 ? 143 ALA A CB  1 
ATOM   1140 N  N   . ALA A 1 144 ? 13.06467  4.09085   -8.04005  1.000 31.49393 ? 144 ALA A N   1 
ATOM   1141 C  CA  . ALA A 1 144 ? 14.43244  4.59152   -8.10921  1.000 35.10926 ? 144 ALA A CA  1 
ATOM   1142 C  C   . ALA A 1 144 ? 15.42172  3.56202   -7.58356  1.000 41.24891 ? 144 ALA A C   1 
ATOM   1143 O  O   . ALA A 1 144 ? 16.49348  3.36356   -8.16989  1.000 41.95708 ? 144 ALA A O   1 
ATOM   1144 C  CB  . ALA A 1 144 ? 14.55682  5.89942   -7.32491  1.000 36.51686 ? 144 ALA A CB  1 
ATOM   1145 N  N   . LYS A 1 145 ? 15.08306  2.89741   -6.47541  1.000 34.32558 ? 145 LYS A N   1 
ATOM   1146 C  CA  . LYS A 1 145 ? 15.96946  1.86870   -5.94090  1.000 39.02906 ? 145 LYS A CA  1 
ATOM   1147 C  C   . LYS A 1 145 ? 15.99292  0.63193   -6.83608  1.000 39.85088 ? 145 LYS A C   1 
ATOM   1148 O  O   . LYS A 1 145 ? 17.04379  -0.00158  -6.99466  1.000 42.37053 ? 145 LYS A O   1 
ATOM   1149 C  CB  . LYS A 1 145 ? 15.55639  1.50971   -4.51425  1.000 33.86790 ? 145 LYS A CB  1 
ATOM   1150 C  CG  . LYS A 1 145 ? 15.61888  2.67770   -3.53294  1.000 39.56534 ? 145 LYS A CG  1 
ATOM   1151 C  CD  . LYS A 1 145 ? 17.05460  3.09961   -3.22530  1.000 44.86508 ? 145 LYS A CD  1 
ATOM   1152 C  CE  . LYS A 1 145 ? 17.08926  4.37303   -2.38500  1.000 45.80569 ? 145 LYS A CE  1 
ATOM   1153 N  NZ  . LYS A 1 145 ? 18.46736  4.90636   -2.19690  1.000 45.81336 ? 145 LYS A NZ  1 
ATOM   1154 N  N   . TYR A 1 146 ? 14.85050  0.26925   -7.42526  1.000 36.22871 ? 146 TYR A N   1 
ATOM   1155 C  CA  . TYR A 1 146 ? 14.82692  -0.81213  -8.41016  1.000 39.09662 ? 146 TYR A CA  1 
ATOM   1156 C  C   . TYR A 1 146 ? 15.78178  -0.52583  -9.56152  1.000 47.26041 ? 146 TYR A C   1 
ATOM   1157 O  O   . TYR A 1 146 ? 16.60309  -1.37391  -9.93487  1.000 44.58500 ? 146 TYR A O   1 
ATOM   1158 C  CB  . TYR A 1 146 ? 13.41911  -0.98793  -8.96319  1.000 41.46726 ? 146 TYR A CB  1 
ATOM   1159 C  CG  . TYR A 1 146 ? 12.51955  -1.95575  -8.23896  1.000 34.10357 ? 146 TYR A CG  1 
ATOM   1160 C  CD1 . TYR A 1 146 ? 12.23384  -1.80497  -6.88763  1.000 25.99520 ? 146 TYR A CD1 1 
ATOM   1161 C  CD2 . TYR A 1 146 ? 11.90539  -2.98442  -8.92705  1.000 37.80987 ? 146 TYR A CD2 1 
ATOM   1162 C  CE1 . TYR A 1 146 ? 11.38655  -2.68106  -6.23951  1.000 24.72244 ? 146 TYR A CE1 1 
ATOM   1163 C  CE2 . TYR A 1 146 ? 11.05512  -3.85710  -8.29402  1.000 38.36372 ? 146 TYR A CE2 1 
ATOM   1164 C  CZ  . TYR A 1 146 ? 10.79251  -3.69728  -6.95686  1.000 34.33006 ? 146 TYR A CZ  1 
ATOM   1165 O  OH  . TYR A 1 146 ? 9.94143   -4.57143  -6.34013  1.000 35.88881 ? 146 TYR A OH  1 
ATOM   1166 N  N   . LYS A 1 147 ? 15.66896  0.67038   -10.14841 1.000 43.75127 ? 147 LYS A N   1 
ATOM   1167 C  CA  . LYS A 1 147 ? 16.46175  1.02189   -11.32249 1.000 46.94488 ? 147 LYS A CA  1 
ATOM   1168 C  C   . LYS A 1 147 ? 17.94621  1.07241   -11.00925 1.000 45.08982 ? 147 LYS A C   1 
ATOM   1169 O  O   . LYS A 1 147 ? 18.77303  0.82544   -11.89592 1.000 50.69625 ? 147 LYS A O   1 
ATOM   1170 C  CB  . LYS A 1 147 ? 16.01777  2.37593   -11.87680 1.000 42.50663 ? 147 LYS A CB  1 
ATOM   1171 C  CG  . LYS A 1 147 ? 14.77246  2.33470   -12.72512 1.000 47.12825 ? 147 LYS A CG  1 
ATOM   1172 C  CD  . LYS A 1 147 ? 14.08049  3.67825   -12.70283 1.000 47.76772 ? 147 LYS A CD  1 
ATOM   1173 C  CE  . LYS A 1 147 ? 12.57963  3.52503   -12.83648 1.000 46.63637 ? 147 LYS A CE  1 
ATOM   1174 N  NZ  . LYS A 1 147 ? 12.05473  4.38376   -13.91899 1.000 43.26204 ? 147 LYS A NZ  1 
ATOM   1175 N  N   . GLU A 1 148 ? 18.30374  1.42287   -9.77179  1.000 47.44855 ? 148 GLU A N   1 
ATOM   1176 C  CA  . GLU A 1 148 ? 19.70847  1.43760   -9.38332  1.000 37.59782 ? 148 GLU A CA  1 
ATOM   1177 C  C   . GLU A 1 148 ? 20.35487  0.08411   -9.64269  1.000 48.95678 ? 148 GLU A C   1 
ATOM   1178 O  O   . GLU A 1 148 ? 21.41179  -0.00307  -10.27797 1.000 51.65568 ? 148 GLU A O   1 
ATOM   1179 C  CB  . GLU A 1 148 ? 19.84592  1.82820   -7.91160  1.000 45.67883 ? 148 GLU A CB  1 
ATOM   1180 C  CG  . GLU A 1 148 ? 21.27947  2.12555   -7.48318  1.000 56.67937 ? 148 GLU A CG  1 
ATOM   1181 C  CD  . GLU A 1 148 ? 21.47333  2.05383   -5.97669  1.000 60.78325 ? 148 GLU A CD  1 
ATOM   1182 O  OE1 . GLU A 1 148 ? 20.45838  2.02007   -5.24725  1.000 58.29357 ? 148 GLU A OE1 1 
ATOM   1183 O  OE2 . GLU A 1 148 ? 22.64038  2.02829   -5.52271  1.000 58.97313 ? 148 GLU A OE2 1 
ATOM   1184 N  N   . LEU A 1 149 ? 19.71852  -0.98649  -9.16835  1.000 47.11137 ? 149 LEU A N   1 
ATOM   1185 C  CA  . LEU A 1 149 ? 20.22223  -2.34072  -9.35808  1.000 45.76660 ? 149 LEU A CA  1 
ATOM   1186 C  C   . LEU A 1 149 ? 19.83344  -2.94335  -10.70058 1.000 47.09752 ? 149 LEU A C   1 
ATOM   1187 O  O   . LEU A 1 149 ? 20.31254  -4.03547  -11.02890 1.000 45.89211 ? 149 LEU A O   1 
ATOM   1188 C  CB  . LEU A 1 149 ? 19.72377  -3.24705  -8.23131  1.000 44.68443 ? 149 LEU A CB  1 
ATOM   1189 C  CG  . LEU A 1 149 ? 20.37549  -3.08886  -6.86108  1.000 47.56269 ? 149 LEU A CG  1 
ATOM   1190 C  CD1 . LEU A 1 149 ? 19.63589  -3.92558  -5.82703  1.000 47.51176 ? 149 LEU A CD1 1 
ATOM   1191 C  CD2 . LEU A 1 149 ? 21.81740  -3.52695  -6.94562  1.000 43.97811 ? 149 LEU A CD2 1 
ATOM   1192 N  N   . GLY A 1 150 ? 18.97137  -2.27893  -11.46993 1.000 52.50468 ? 150 GLY A N   1 
ATOM   1193 C  CA  . GLY A 1 150 ? 18.60036  -2.72568  -12.79366 1.000 48.29544 ? 150 GLY A CA  1 
ATOM   1194 C  C   . GLY A 1 150 ? 17.28771  -3.46756  -12.87714 1.000 53.49497 ? 150 GLY A C   1 
ATOM   1195 O  O   . GLY A 1 150 ? 16.84904  -3.79177  -13.98806 1.000 59.09939 ? 150 GLY A O   1 
ATOM   1196 N  N   . TYR A 1 151 ? 16.64495  -3.73289  -11.74570 1.000 52.97265 ? 151 TYR A N   1 
ATOM   1197 C  CA  . TYR A 1 151 ? 15.42361  -4.52045  -11.73054 1.000 53.82434 ? 151 TYR A CA  1 
ATOM   1198 C  C   . TYR A 1 151 ? 14.24675  -3.68577  -12.21130 1.000 55.25684 ? 151 TYR A C   1 
ATOM   1199 O  O   . TYR A 1 151 ? 14.16310  -2.48620  -11.92985 1.000 60.92241 ? 151 TYR A O   1 
ATOM   1200 C  CB  . TYR A 1 151 ? 15.16847  -5.05771  -10.32561 1.000 49.40405 ? 151 TYR A CB  1 
ATOM   1201 C  CG  . TYR A 1 151 ? 16.25096  -6.01371  -9.89557  1.000 50.12804 ? 151 TYR A CG  1 
ATOM   1202 C  CD1 . TYR A 1 151 ? 16.36168  -7.26066  -10.49035 1.000 47.71840 ? 151 TYR A CD1 1 
ATOM   1203 C  CD2 . TYR A 1 151 ? 17.18087  -5.66521  -8.91904  1.000 46.31936 ? 151 TYR A CD2 1 
ATOM   1204 C  CE1 . TYR A 1 151 ? 17.35031  -8.13888  -10.12351 1.000 37.53797 ? 151 TYR A CE1 1 
ATOM   1205 C  CE2 . TYR A 1 151 ? 18.18540  -6.55065  -8.53997  1.000 42.48245 ? 151 TYR A CE2 1 
ATOM   1206 C  CZ  . TYR A 1 151 ? 18.25763  -7.78721  -9.14953  1.000 39.91301 ? 151 TYR A CZ  1 
ATOM   1207 O  OH  . TYR A 1 151 ? 19.23527  -8.69196  -8.79971  1.000 39.95884 ? 151 TYR A OH  1 
ATOM   1208 N  N   . GLN A 1 152 ? 13.34085  -4.32845  -12.94945 1.000 59.41089 ? 152 GLN A N   1 
ATOM   1209 C  CA  . GLN A 1 152 ? 12.21212  -3.63850  -13.57108 1.000 62.78934 ? 152 GLN A CA  1 
ATOM   1210 C  C   . GLN A 1 152 ? 12.68759  -2.46873  -14.42964 1.000 67.05198 ? 152 GLN A C   1 
ATOM   1211 O  O   . GLN A 1 152 ? 12.07647  -1.39730  -14.46174 1.000 66.22099 ? 152 GLN A O   1 
ATOM   1212 C  CB  . GLN A 1 152 ? 11.20010  -3.18141  -12.51817 1.000 57.34054 ? 152 GLN A CB  1 
ATOM   1213 C  CG  . GLN A 1 152 ? 10.23239  -4.27283  -12.07519 1.000 52.82032 ? 152 GLN A CG  1 
ATOM   1214 C  CD  . GLN A 1 152 ? 9.25902   -4.68187  -13.17045 1.000 52.58736 ? 152 GLN A CD  1 
ATOM   1215 O  OE1 . GLN A 1 152 ? 9.65138   -4.99545  -14.29598 1.000 54.12900 ? 152 GLN A OE1 1 
ATOM   1216 N  NE2 . GLN A 1 152 ? 7.97622   -4.69231  -12.83566 1.000 44.42892 ? 152 GLN A NE2 1 
ATOM   1217 N  N   . GLY A 1 153 ? 13.79708  -2.68043  -15.12940 1.000 67.94018 ? 153 GLY A N   1 
ATOM   1218 C  CA  . GLY A 1 153 ? 14.35247  -1.67881  -16.02046 1.000 65.07108 ? 153 GLY A CA  1 
ATOM   1219 C  C   . GLY A 1 153 ? 14.84263  -2.31520  -17.30617 1.000 58.55102 ? 153 GLY A C   1 
ATOM   1220 O  O   . GLY A 1 153 ? 15.01578  -3.53440  -17.36547 1.000 54.85168 ? 153 GLY A O   1 
ATOM   1221 O  OXT . GLY A 1 153 ? 15.07420  -1.64097  -18.31248 1.000 57.39584 ? 153 GLY A OXT 1 
HETATM 1222 C  C10 A KKC B 2 .   ? 3.85033   -8.85769  3.54218   0.502 32.51244 ? 201 KKC A C10 1 
HETATM 1223 C  C13 A KKC B 2 .   ? 3.07369   -6.98078  0.32316   0.502 26.02429 ? 201 KKC A C13 1 
HETATM 1224 C  C15 A KKC B 2 .   ? 1.16306   -6.21447  -0.99453  0.502 29.53117 ? 201 KKC A C15 1 
HETATM 1225 C  C17 A KKC B 2 .   ? 2.04585   -5.68350  -1.91214  0.502 28.28946 ? 201 KKC A C17 1 
HETATM 1226 C  C20 A KKC B 2 .   ? 7.16167   -9.19366  -0.84068  0.502 30.53276 ? 201 KKC A C20 1 
HETATM 1227 C  C21 A KKC B 2 .   ? 7.32805   -10.50897 -1.26580  0.502 30.94643 ? 201 KKC A C21 1 
HETATM 1228 C  C22 A KKC B 2 .   ? 6.24725   -11.22096 -1.74536  0.502 29.70421 ? 201 KKC A C22 1 
HETATM 1229 C  C24 A KKC B 2 .   ? 4.91872   -9.30760  -1.36469  0.502 28.28940 ? 201 KKC A C24 1 
HETATM 1230 C  C11 A KKC B 2 .   ? 5.22535   -8.82304  3.47459   0.502 28.74162 ? 201 KKC A C11 1 
HETATM 1231 C  C12 A KKC B 2 .   ? 5.81102   -8.19279  2.38729   0.502 30.66200 ? 201 KKC A C12 1 
HETATM 1232 C  C14 A KKC B 2 .   ? 1.70523   -6.85036  0.10063   0.502 27.20759 ? 201 KKC A C14 1 
HETATM 1233 C  C16 A KKC B 2 .   ? 6.99758   -3.57910  -2.96019  0.502 26.45551 ? 201 KKC A C16 1 
HETATM 1234 C  C18 A KKC B 2 .   ? 3.41032   -5.76928  -1.76654  0.502 28.76337 ? 201 KKC A C18 1 
HETATM 1235 C  C19 A KKC B 2 .   ? 3.95487   -6.42361  -0.64441  0.502 26.25175 ? 201 KKC A C19 1 
HETATM 1236 C  C23 A KKC B 2 .   ? 5.01358   -10.62987 -1.79027  0.502 29.56259 ? 201 KKC A C23 1 
HETATM 1237 C  C25 A KKC B 2 .   ? 8.20305   -8.38132  -0.33143  0.502 29.26827 ? 201 KKC A C25 1 
HETATM 1238 C  C02 A KKC B 2 .   ? 2.75216   -11.48391 0.05632   0.502 28.42983 ? 201 KKC A C02 1 
HETATM 1239 C  C03 A KKC B 2 .   ? 2.10332   -12.64722 0.81836   0.502 30.86841 ? 201 KKC A C03 1 
HETATM 1240 C  C04 A KKC B 2 .   ? 2.79250   -13.92269 0.31949   0.502 29.02640 ? 201 KKC A C04 1 
HETATM 1241 C  C05 A KKC B 2 .   ? 6.60130   -4.32200  -1.84509  0.502 29.12307 ? 201 KKC A C05 1 
HETATM 1242 C  C06 A KKC B 2 .   ? 5.56503   -4.33186  1.71465   0.502 27.98700 ? 201 KKC A C06 1 
HETATM 1243 C  C07 A KKC B 2 .   ? 5.90077   -4.77446  0.44485   0.502 29.78773 ? 201 KKC A C07 1 
HETATM 1244 C  C08 A KKC B 2 .   ? 3.71665   -7.64880  1.46246   0.502 29.35128 ? 201 KKC A C08 1 
HETATM 1245 C  C09 A KKC B 2 .   ? 3.09242   -8.27842  2.54924   0.502 26.90303 ? 201 KKC A C09 1 
HETATM 1246 C  C26 A KKC B 2 .   ? 9.52531   -8.83555  -0.20649  0.502 31.70691 ? 201 KKC A C26 1 
HETATM 1247 C  C27 A KKC B 2 .   ? 7.28308   -4.20317  -4.15171  0.502 28.36639 ? 201 KKC A C27 1 
HETATM 1248 C  C28 A KKC B 2 .   ? 10.47045  -7.98256  0.29854   0.502 33.69371 ? 201 KKC A C28 1 
HETATM 1249 C  C29 A KKC B 2 .   ? 10.11017  -6.69881  0.67126   0.502 32.62225 ? 201 KKC A C29 1 
HETATM 1250 C  C30 A KKC B 2 .   ? 8.81887   -6.32891  0.51892   0.502 30.02043 ? 201 KKC A C30 1 
HETATM 1251 C  C31 A KKC B 2 .   ? 7.17450   -5.58932  -4.22325  0.502 31.29538 ? 201 KKC A C31 1 
HETATM 1252 C  C32 A KKC B 2 .   ? 6.77859   -6.27532  -3.10288  0.502 29.05251 ? 201 KKC A C32 1 
HETATM 1253 C  C33 A KKC B 2 .   ? 6.26647   -3.79508  -0.52007  0.502 26.97929 ? 201 KKC A C33 1 
HETATM 1254 C  C34 A KKC B 2 .   ? 6.28631   -2.44788  -0.16289  0.502 29.86292 ? 201 KKC A C34 1 
HETATM 1255 C  C35 A KKC B 2 .   ? 5.95691   -2.00928  1.10424   0.502 27.88504 ? 201 KKC A C35 1 
HETATM 1256 C  C36 A KKC B 2 .   ? 5.60714   -2.98619  1.99170   0.502 30.43446 ? 201 KKC A C36 1 
HETATM 1257 C  C37 A KKC B 2 .   ? 3.21674   -13.63396 -1.12711  0.502 31.00248 ? 201 KKC A C37 1 
HETATM 1258 C  C41 A KKC B 2 .   ? 3.79819   -11.41026 -2.33535  0.502 29.79225 ? 201 KKC A C41 1 
HETATM 1259 F  F01 A KKC B 2 .   ? 0.81148   -7.34957  0.98071   0.502 25.86962 ? 201 KKC A F01 1 
HETATM 1260 F  F02 A KKC B 2 .   ? 1.51491   -5.05755  -2.99648  0.502 27.79452 ? 201 KKC A F02 1 
HETATM 1261 F  F03 A KKC B 2 .   ? 6.64109   -1.49659  -1.05818  0.502 32.23259 ? 201 KKC A F03 1 
HETATM 1262 F  F04 A KKC B 2 .   ? 5.27313   -2.60874  3.23420   0.502 33.63698 ? 201 KKC A F04 1 
HETATM 1263 N  N01 A KKC B 2 .   ? 3.01835   -12.14955 -1.26397  0.502 30.36046 ? 201 KKC A N01 1 
HETATM 1264 N  N37 A KKC B 2 .   ? 6.49637   -5.68830  -1.91766  0.502 26.69398 ? 201 KKC A N37 1 
HETATM 1265 N  N38 A KKC B 2 .   ? 5.07449   -7.62117  1.41400   0.502 27.37626 ? 201 KKC A N38 1 
HETATM 1266 N  N39 A KKC B 2 .   ? 5.97609   -8.59904  -0.90124  0.502 26.42473 ? 201 KKC A N39 1 
HETATM 1267 N  N40 A KKC B 2 .   ? 7.86750   -7.16880  0.03550   0.502 24.86506 ? 201 KKC A N40 1 
HETATM 1268 O  O01 A KKC B 2 .   ? 3.42886   -14.58060 -2.17610  0.502 36.14222 ? 201 KKC A O01 1 
HETATM 1269 O  O02 A KKC B 2 .   ? 2.46675   -10.10440 0.25213   0.502 31.09882 ? 201 KKC A O02 1 
HETATM 1270 IR IR2 A KKC B 2 .   ? 5.89461   -6.67043  -0.21425  0.502 31.55856 ? 201 KKC A IR2 1 
HETATM 1271 C  C01 B IRQ C 3 .   ? 4.93398   -9.40329  -1.75719  0.498 27.60600 ? 202 IRQ A C01 1 
HETATM 1272 C  C02 B IRQ C 3 .   ? 5.00311   -10.77919 -1.83926  0.498 29.49447 ? 202 IRQ A C02 1 
HETATM 1273 C  C03 B IRQ C 3 .   ? 6.19756   -11.41187 -1.55039  0.498 29.72153 ? 202 IRQ A C03 1 
HETATM 1274 C  C04 B IRQ C 3 .   ? 7.28924   -10.65212 -1.17406  0.498 31.11134 ? 202 IRQ A C04 1 
HETATM 1275 C  C05 B IRQ C 3 .   ? 7.16043   -9.28350  -1.09815  0.498 30.31854 ? 202 IRQ A C05 1 
HETATM 1276 C  C06 B IRQ C 3 .   ? 8.27673   -8.39393  -0.70068  0.498 29.68265 ? 202 IRQ A C06 1 
HETATM 1277 C  C07 B IRQ C 3 .   ? 9.53756   -8.84246  -0.37507  0.498 31.71135 ? 202 IRQ A C07 1 
HETATM 1278 C  C08 B IRQ C 3 .   ? 10.50540  -7.93057  -0.01814  0.498 33.93759 ? 202 IRQ A C08 1 
HETATM 1279 C  C09 B IRQ C 3 .   ? 10.20382  -6.58265  0.00966   0.498 32.57970 ? 202 IRQ A C09 1 
HETATM 1280 C  C10 B IRQ C 3 .   ? 8.93929   -6.19360  -0.32536  0.498 28.37079 ? 202 IRQ A C10 1 
HETATM 1281 C  C11 B IRQ C 3 .   ? 7.42604   -6.27311  -3.85732  0.498 31.02484 ? 202 IRQ A C11 1 
HETATM 1282 C  C12 B IRQ C 3 .   ? 7.55090   -6.06351  -5.21020  0.498 30.89802 ? 202 IRQ A C12 1 
HETATM 1283 C  C13 B IRQ C 3 .   ? 6.41823   -5.80532  -5.94888  0.498 31.53452 ? 202 IRQ A C13 1 
HETATM 1284 C  C14 B IRQ C 3 .   ? 5.20102   -5.76166  -5.30170  0.498 30.76957 ? 202 IRQ A C14 1 
HETATM 1285 C  C15 B IRQ C 3 .   ? 5.10492   -5.97991  -3.93338  0.498 30.64482 ? 202 IRQ A C15 1 
HETATM 1286 C  C16 B IRQ C 3 .   ? 3.87030   -5.95556  -3.11449  0.498 27.21978 ? 202 IRQ A C16 1 
HETATM 1287 C  C17 B IRQ C 3 .   ? 2.58237   -5.72058  -3.62418  0.498 29.64133 ? 202 IRQ A C17 1 
HETATM 1288 C  C18 B IRQ C 3 .   ? 1.49789   -5.72851  -2.77156  0.498 27.99722 ? 202 IRQ A C18 1 
HETATM 1289 C  C19 B IRQ C 3 .   ? 1.68808   -5.97528  -1.42605  0.498 29.18480 ? 202 IRQ A C19 1 
HETATM 1290 C  C20 B IRQ C 3 .   ? 2.95216   -6.21545  -0.91505  0.498 29.98398 ? 202 IRQ A C20 1 
HETATM 1291 C  C21 B IRQ C 3 .   ? 4.07269   -6.20556  -1.74794  0.498 29.38160 ? 202 IRQ A C21 1 
HETATM 1292 C  C22 B IRQ C 3 .   ? 5.34798   -7.44010  1.60203   0.498 29.45777 ? 202 IRQ A C22 1 
HETATM 1293 C  C23 B IRQ C 3 .   ? 5.12526   -7.28780  2.93586   0.498 30.41715 ? 202 IRQ A C23 1 
HETATM 1294 C  C24 B IRQ C 3 .   ? 5.21332   -6.03174  3.49994   0.498 29.29985 ? 202 IRQ A C24 1 
HETATM 1295 C  C25 B IRQ C 3 .   ? 5.53341   -4.94409  2.71141   0.498 29.30450 ? 202 IRQ A C25 1 
HETATM 1296 C  C26 B IRQ C 3 .   ? 5.75098   -5.13280  1.35843   0.498 30.03304 ? 202 IRQ A C26 1 
HETATM 1297 C  C27 B IRQ C 3 .   ? 6.09893   -4.08118  0.37847   0.498 28.06592 ? 202 IRQ A C27 1 
HETATM 1298 C  C28 B IRQ C 3 .   ? 6.24595   -2.72703  0.68648   0.498 30.09509 ? 202 IRQ A C28 1 
HETATM 1299 C  C29 B IRQ C 3 .   ? 6.57506   -1.83282  -0.32532  0.498 30.03171 ? 202 IRQ A C29 1 
HETATM 1300 C  C30 B IRQ C 3 .   ? 6.73987   -2.29376  -1.61973  0.498 31.19659 ? 202 IRQ A C30 1 
HETATM 1301 C  C31 B IRQ C 3 .   ? 6.59273   -3.62944  -1.91983  0.498 28.07060 ? 202 IRQ A C31 1 
HETATM 1302 C  C32 B IRQ C 3 .   ? 6.26165   -4.56291  -0.94036  0.498 28.25047 ? 202 IRQ A C32 1 
HETATM 1303 C  C33 B IRQ C 3 .   ? 3.78105   -11.61305 -2.26088  0.498 29.95430 ? 202 IRQ A C33 1 
HETATM 1304 C  C34 B IRQ C 3 .   ? 3.31879   -13.47865 -0.56771  0.498 31.87047 ? 202 IRQ A C34 1 
HETATM 1305 C  C35 B IRQ C 3 .   ? 2.66823   -13.49501 0.82065   0.498 28.09055 ? 202 IRQ A C35 1 
HETATM 1306 C  C36 B IRQ C 3 .   ? 2.40996   -12.03897 1.23261   0.498 31.54788 ? 202 IRQ A C36 1 
HETATM 1307 C  C37 B IRQ C 3 .   ? 2.75185   -11.14210 0.03665   0.498 27.77961 ? 202 IRQ A C37 1 
HETATM 1308 F  F01 B IRQ C 3 .   ? 7.05987   -1.44396  -2.61456  0.498 34.40015 ? 202 IRQ A F01 1 
HETATM 1309 F  F02 B IRQ C 3 .   ? 6.08208   -2.26140  1.94380   0.498 33.71984 ? 202 IRQ A F02 1 
HETATM 1310 F  F03 B IRQ C 3 .   ? 0.62742   -5.99054  -0.59668  0.498 30.81031 ? 202 IRQ A F03 1 
HETATM 1311 F  F04 B IRQ C 3 .   ? 2.37234   -5.47960  -4.93526  0.498 29.01192 ? 202 IRQ A F04 1 
HETATM 1312 N  N01 B IRQ C 3 .   ? 2.95712   -12.11262 -1.09387  0.498 30.22148 ? 202 IRQ A N01 1 
HETATM 1313 N  N02 B IRQ C 3 .   ? 5.99286   -8.65506  -1.38196  0.498 26.47237 ? 202 IRQ A N02 1 
HETATM 1314 N  N03 B IRQ C 3 .   ? 7.99191   -7.08066  -0.68502  0.498 26.00401 ? 202 IRQ A N03 1 
HETATM 1315 N  N04 B IRQ C 3 .   ? 6.23832   -6.25100  -3.21907  0.498 26.96365 ? 202 IRQ A N04 1 
HETATM 1316 N  N05 B IRQ C 3 .   ? 5.66321   -6.38259  0.81040   0.498 25.66829 ? 202 IRQ A N05 1 
HETATM 1317 O  O01 B IRQ C 3 .   ? 4.00491   -14.54906 -1.22617  0.498 33.73566 ? 202 IRQ A O01 1 
HETATM 1318 O  O02 B IRQ C 3 .   ? 2.56820   -9.72850  -0.05161  0.498 32.18783 ? 202 IRQ A O02 1 
HETATM 1319 IR IR1 B IRQ C 3 .   ? 5.99850   -6.53578  -1.19717  0.498 23.81961 ? 202 IRQ A IR1 1 
HETATM 1320 S  S   . SO4 D 4 .   ? -2.04422  -18.66591 -17.29090 1.000 54.30878 ? 203 SO4 A S   1 
HETATM 1321 O  O1  . SO4 D 4 .   ? -1.15532  -19.75830 -16.90077 1.000 57.09989 ? 203 SO4 A O1  1 
HETATM 1322 O  O2  . SO4 D 4 .   ? -3.39389  -19.19789 -17.47460 1.000 48.22471 ? 203 SO4 A O2  1 
HETATM 1323 O  O3  . SO4 D 4 .   ? -1.59650  -18.06656 -18.54797 1.000 50.47694 ? 203 SO4 A O3  1 
HETATM 1324 O  O4  . SO4 D 4 .   ? -2.05191  -17.64755 -16.24259 1.000 53.02902 ? 203 SO4 A O4  1 
HETATM 1325 O  O   . HOH E 5 .   ? 20.34386  -4.50044  -2.74263  1.000 46.68277 ? 301 HOH A O   1 
HETATM 1326 O  O   . HOH E 5 .   ? 19.10466  0.07661   -4.95690  1.000 43.88379 ? 302 HOH A O   1 
HETATM 1327 O  O   . HOH E 5 .   ? -9.48482  10.38275  -4.73291  1.000 37.88901 ? 303 HOH A O   1 
HETATM 1328 O  O   . HOH E 5 .   ? 6.74749   18.65587  5.94159   1.000 32.39856 ? 304 HOH A O   1 
HETATM 1329 O  O   . HOH E 5 .   ? 4.87924   -14.28025 -4.15785  1.000 37.63173 ? 305 HOH A O   1 
HETATM 1330 O  O   . HOH E 5 .   ? 22.31357  1.11308   3.63016   1.000 31.65614 ? 306 HOH A O   1 
HETATM 1331 O  O   . HOH E 5 .   ? -12.75880 -7.13086  3.68738   1.000 35.57858 ? 307 HOH A O   1 
HETATM 1332 O  O   . HOH E 5 .   ? 4.93406   1.24583   -8.97246  1.000 35.17916 ? 308 HOH A O   1 
HETATM 1333 O  O   . HOH E 5 .   ? 11.67108  7.02297   -9.78048  1.000 37.26809 ? 309 HOH A O   1 
HETATM 1334 O  O   . HOH E 5 .   ? -4.35242  18.16301  -1.27518  1.000 24.70755 ? 310 HOH A O   1 
HETATM 1335 O  O   . HOH E 5 .   ? -15.65762 -19.75934 -1.75321  1.000 35.97557 ? 311 HOH A O   1 
HETATM 1336 O  O   . HOH E 5 .   ? -2.08454  15.12855  11.54231  1.000 34.64960 ? 312 HOH A O   1 
HETATM 1337 O  O   . HOH E 5 .   ? -0.65879  7.48844   14.31197  1.000 38.74459 ? 313 HOH A O   1 
HETATM 1338 O  O   . HOH E 5 .   ? -15.42942 -15.78204 4.40905   1.000 28.98303 ? 314 HOH A O   1 
HETATM 1339 O  O   . HOH E 5 .   ? 20.80421  2.35655   -2.69650  1.000 51.86029 ? 315 HOH A O   1 
HETATM 1340 O  O   . HOH E 5 .   ? -13.73601 -4.83788  -2.47997  1.000 27.61730 ? 316 HOH A O   1 
HETATM 1341 O  O   . HOH E 5 .   ? 11.06178  4.84749   10.92445  1.000 40.42847 ? 317 HOH A O   1 
HETATM 1342 O  O   . HOH E 5 .   ? -8.51818  -22.78100 -0.18535  1.000 39.12471 ? 318 HOH A O   1 
HETATM 1343 O  O   . HOH E 5 .   ? -1.23787  -21.32034 4.22206   1.000 24.35588 ? 319 HOH A O   1 
HETATM 1344 O  O   . HOH E 5 .   ? 2.70012   3.01879   -12.03577 1.000 48.24495 ? 320 HOH A O   1 
HETATM 1345 O  O   . HOH E 5 .   ? -1.29268  7.46543   -5.67628  1.000 28.33929 ? 321 HOH A O   1 
HETATM 1346 O  O   . HOH E 5 .   ? 7.28515   9.34533   3.53242   1.000 26.39159 ? 322 HOH A O   1 
HETATM 1347 O  O   . HOH E 5 .   ? -1.50164  22.88863  2.79918   1.000 31.39336 ? 323 HOH A O   1 
HETATM 1348 O  O   . HOH E 5 .   ? -13.44411 -9.09845  -9.58547  1.000 40.72899 ? 324 HOH A O   1 
HETATM 1349 O  O   . HOH E 5 .   ? -9.81889  -8.08341  10.80897  1.000 37.64895 ? 325 HOH A O   1 
HETATM 1350 O  O   . HOH E 5 .   ? -3.68331  19.72607  7.53534   1.000 33.41252 ? 326 HOH A O   1 
HETATM 1351 O  O   . HOH E 5 .   ? 8.01792   -5.44213  -16.36376 1.000 36.27916 ? 327 HOH A O   1 
HETATM 1352 O  O   . HOH E 5 .   ? 1.25767   -15.70353 6.54556   1.000 41.40148 ? 328 HOH A O   1 
HETATM 1353 O  O   . HOH E 5 .   ? 3.62624   -11.04715 6.53040   1.000 44.80972 ? 329 HOH A O   1 
HETATM 1354 O  O   . HOH E 5 .   ? -8.44096  -12.20922 5.62313   1.000 21.38873 ? 330 HOH A O   1 
HETATM 1355 O  O   . HOH E 5 .   ? -4.95308  -7.23289  6.95993   1.000 23.44424 ? 331 HOH A O   1 
HETATM 1356 O  O   . HOH E 5 .   ? 5.75443   -3.41484  -13.76562 1.000 36.67590 ? 332 HOH A O   1 
HETATM 1357 O  O   . HOH E 5 .   ? -7.36922  13.58260  6.98531   1.000 28.18931 ? 333 HOH A O   1 
HETATM 1358 O  O   . HOH E 5 .   ? -12.69142 -4.36085  -0.01141  1.000 26.52937 ? 334 HOH A O   1 
HETATM 1359 O  O   . HOH E 5 .   ? -12.00086 15.44426  4.56418   1.000 33.43790 ? 335 HOH A O   1 
HETATM 1360 O  O   . HOH E 5 .   ? 0.52332   -8.89786  -14.68961 1.000 50.99019 ? 336 HOH A O   1 
HETATM 1361 O  O   . HOH E 5 .   ? 9.58535   -7.00838  -7.92358  1.000 38.03631 ? 337 HOH A O   1 
HETATM 1362 O  O   . HOH E 5 .   ? -1.73790  -16.96937 -5.85963  1.000 30.58773 ? 338 HOH A O   1 
HETATM 1363 O  O   . HOH E 5 .   ? -0.70557  8.65693   -8.49262  1.000 34.21073 ? 339 HOH A O   1 
HETATM 1364 O  O   . HOH E 5 .   ? 8.80710   17.34528  10.53170  1.000 46.65639 ? 340 HOH A O   1 
HETATM 1365 O  O   . HOH E 5 .   ? 8.41820   5.96533   11.08789  1.000 28.52408 ? 341 HOH A O   1 
HETATM 1366 O  O   . HOH E 5 .   ? -5.19298  -1.78814  14.73809  1.000 34.11538 ? 342 HOH A O   1 
HETATM 1367 O  O   . HOH E 5 .   ? -17.66915 7.19541   1.67393   1.000 35.67415 ? 343 HOH A O   1 
HETATM 1368 O  O   . HOH E 5 .   ? -4.77300  -17.83897 -5.94083  1.000 33.10593 ? 344 HOH A O   1 
HETATM 1369 O  O   . HOH E 5 .   ? 8.77366   16.72738  5.34289   1.000 32.90671 ? 345 HOH A O   1 
HETATM 1370 O  O   . HOH E 5 .   ? -4.21801  -17.26066 -14.49823 1.000 30.45735 ? 346 HOH A O   1 
HETATM 1371 O  O   . HOH E 5 .   ? 11.72935  11.30498  -0.73693  1.000 42.37260 ? 347 HOH A O   1 
HETATM 1372 O  O   . HOH E 5 .   ? 14.66327  6.25689   -3.86866  1.000 38.45708 ? 348 HOH A O   1 
HETATM 1373 O  O   . HOH E 5 .   ? 1.24683   2.15569   10.75319  1.000 39.47569 ? 349 HOH A O   1 
HETATM 1374 O  O   . HOH E 5 .   ? -13.01124 -11.15691 7.35280   1.000 42.11030 ? 350 HOH A O   1 
HETATM 1375 O  O   . HOH E 5 .   ? -11.13639 -5.76462  11.72108  1.000 37.76144 ? 351 HOH A O   1 
HETATM 1376 O  O   . HOH E 5 .   ? 18.93445  2.08070   5.55934   1.000 39.63929 ? 352 HOH A O   1 
HETATM 1377 O  O   . HOH E 5 .   ? -7.10923  -1.27012  -7.21940  1.000 31.42189 ? 353 HOH A O   1 
HETATM 1378 O  O   . HOH E 5 .   ? 4.49867   -18.69050 -0.03609  1.000 40.47009 ? 354 HOH A O   1 
HETATM 1379 O  O   . HOH E 5 .   ? 10.46238  13.87746  8.73538   1.000 39.04322 ? 355 HOH A O   1 
HETATM 1380 O  O   . HOH E 5 .   ? 14.37268  7.12075   -1.02097  1.000 35.39533 ? 356 HOH A O   1 
HETATM 1381 O  O   . HOH E 5 .   ? -9.89098  -19.07583 3.69934   1.000 29.43437 ? 357 HOH A O   1 
HETATM 1382 O  O   . HOH E 5 .   ? 3.66427   1.47684   11.27734  1.000 39.35785 ? 358 HOH A O   1 
HETATM 1383 O  O   . HOH E 5 .   ? 0.11814   21.59865  -2.06407  1.000 36.61432 ? 359 HOH A O   1 
HETATM 1384 O  O   . HOH E 5 .   ? -8.41265  15.25573  -4.84068  1.000 41.66774 ? 360 HOH A O   1 
HETATM 1385 O  O   . HOH E 5 .   ? -13.27410 -16.68208 -7.76420  1.000 47.81575 ? 361 HOH A O   1 
HETATM 1386 O  O   . HOH E 5 .   ? 15.86437  8.26443   6.39873   1.000 39.78067 ? 362 HOH A O   1 
HETATM 1387 O  O   . HOH E 5 .   ? -7.20601  0.02882   -9.62394  1.000 41.01749 ? 363 HOH A O   1 
HETATM 1388 O  O   . HOH E 5 .   ? -9.02010  4.67644   -6.06651  1.000 35.00505 ? 364 HOH A O   1 
HETATM 1389 O  O   . HOH E 5 .   ? 5.22570   12.11828  11.74692  1.000 41.74543 ? 365 HOH A O   1 
HETATM 1390 O  O   . HOH E 5 .   ? -5.63195  -16.26688 -9.95035  1.000 36.96882 ? 366 HOH A O   1 
HETATM 1391 O  O   . HOH E 5 .   ? -10.82666 2.83430   12.12953  1.000 41.51543 ? 367 HOH A O   1 
HETATM 1392 O  O   . HOH E 5 .   ? -11.69714 -13.29902 -6.25636  1.000 52.59340 ? 368 HOH A O   1 
HETATM 1393 O  O   . HOH E 5 .   ? -0.47486  8.85655   11.93179  1.000 33.10403 ? 369 HOH A O   1 
HETATM 1394 O  O   . HOH E 5 .   ? -9.41784  0.10759   -6.33132  1.000 37.27438 ? 370 HOH A O   1 
HETATM 1395 O  O   . HOH E 5 .   ? 17.30916  4.92920   -10.44509 1.000 50.02171 ? 371 HOH A O   1 
HETATM 1396 O  O   . HOH E 5 .   ? -14.95097 -2.44296  -3.13566  1.000 32.83352 ? 372 HOH A O   1 
HETATM 1397 O  O   . HOH E 5 .   ? -7.59383  8.92012   -6.58319  1.000 45.68687 ? 373 HOH A O   1 
HETATM 1398 O  O   . HOH E 5 .   ? 3.03021   -5.27764  12.37469  1.000 40.83808 ? 374 HOH A O   1 
HETATM 1399 O  O   . HOH E 5 .   ? -10.29091 -2.37826  -12.27383 1.000 25.67541 ? 375 HOH A O   1 
HETATM 1400 O  O   . HOH E 5 .   ? 1.05171   -13.74319 5.16070   1.000 30.55988 ? 376 HOH A O   1 
HETATM 1401 O  O   . HOH E 5 .   ? 2.77740   7.56552   15.58071  1.000 51.39799 ? 377 HOH A O   1 
HETATM 1402 O  O   . HOH E 5 .   ? -14.92147 15.26893  4.30582   1.000 34.92298 ? 378 HOH A O   1 
HETATM 1403 O  O   . HOH E 5 .   ? 3.99150   4.94918   -10.15898 1.000 38.49510 ? 379 HOH A O   1 
HETATM 1404 O  O   . HOH E 5 .   ? 17.44206  -5.34652  1.58502   1.000 39.95328 ? 380 HOH A O   1 
HETATM 1405 O  O   . HOH E 5 .   ? -2.90203  14.53402  -5.88457  1.000 33.51723 ? 381 HOH A O   1 
HETATM 1406 O  O   . HOH E 5 .   ? -9.75429  -12.28721 -7.31297  1.000 37.40196 ? 382 HOH A O   1 
HETATM 1407 O  O   . HOH E 5 .   ? 4.39093   3.42295   12.35378  1.000 39.02403 ? 383 HOH A O   1 
HETATM 1408 O  O   . HOH E 5 .   ? -8.04275  -14.00018 -9.62710  1.000 32.91255 ? 384 HOH A O   1 
HETATM 1409 O  O   . HOH E 5 .   ? 10.44707  18.37200  3.67808   1.000 35.92200 ? 385 HOH A O   1 
HETATM 1410 O  O   . HOH E 5 .   ? 1.57273   23.73073  5.06069   1.000 31.01275 ? 386 HOH A O   1 
HETATM 1411 O  O   . HOH E 5 .   ? 6.90934   16.53158  0.71275   1.000 35.06522 ? 387 HOH A O   1 
HETATM 1412 O  O   . HOH E 5 .   ? -16.36704 9.72332   8.56505   1.000 38.64084 ? 388 HOH A O   1 
HETATM 1413 O  O   . HOH E 5 .   ? -4.00746  6.13684   -6.92680  1.000 41.74206 ? 389 HOH A O   1 
HETATM 1414 O  O   . HOH E 5 .   ? -13.08615 -5.44481  7.36105   1.000 47.36692 ? 390 HOH A O   1 
HETATM 1415 O  O   . HOH E 5 .   ? -2.96753  -21.27976 -19.70929 1.000 45.98971 ? 391 HOH A O   1 
HETATM 1416 O  O   . HOH E 5 .   ? 6.08024   8.68521   0.65465   1.000 34.34480 ? 392 HOH A O   1 
HETATM 1417 O  O   . HOH E 5 .   ? 2.79103   19.78101  -5.70959  1.000 52.64434 ? 393 HOH A O   1 
HETATM 1418 O  O   . HOH E 5 .   ? -10.32200 2.14838   -7.55630  1.000 40.34984 ? 394 HOH A O   1 
HETATM 1419 O  O   . HOH E 5 .   ? -15.75251 13.37133  1.59605   1.000 48.45032 ? 395 HOH A O   1 
HETATM 1420 O  O   . HOH E 5 .   ? -17.48011 -12.85848 1.40308   1.000 37.81821 ? 396 HOH A O   1 
HETATM 1421 O  O   . HOH E 5 .   ? -1.34652  -6.42887  -14.72676 1.000 42.61283 ? 397 HOH A O   1 
HETATM 1422 O  O   . HOH E 5 .   ? -13.18156 1.98411   10.48366  1.000 44.28905 ? 398 HOH A O   1 
HETATM 1423 O  O   . HOH E 5 .   ? -13.95229 -0.73412  2.70659   1.000 39.75017 ? 399 HOH A O   1 
HETATM 1424 O  O   . HOH E 5 .   ? -0.31069  -18.64491 -7.09766  1.000 45.26647 ? 400 HOH A O   1 
HETATM 1425 O  O   . HOH E 5 .   ? -7.54227  -11.86978 -14.39807 1.000 34.48620 ? 401 HOH A O   1 
HETATM 1426 O  O   . HOH E 5 .   ? -6.80449  12.97096  -6.05474  1.000 39.91817 ? 402 HOH A O   1 
HETATM 1427 O  O   . HOH E 5 .   ? -11.30568 14.11623  13.48287  1.000 49.95220 ? 403 HOH A O   1 
HETATM 1428 O  O   . HOH E 5 .   ? -5.51759  21.61329  1.66089   1.000 39.22090 ? 404 HOH A O   1 
HETATM 1429 O  O   . HOH E 5 .   ? -14.31814 -19.38948 2.71663   1.000 29.09047 ? 405 HOH A O   1 
HETATM 1430 O  O   . HOH E 5 .   ? -3.90106  -17.15537 -8.34405  1.000 41.49297 ? 406 HOH A O   1 
HETATM 1431 O  O   . HOH E 5 .   ? 7.14130   21.27957  9.39951   1.000 43.64157 ? 407 HOH A O   1 
HETATM 1432 O  O   . HOH E 5 .   ? -13.81089 9.73918   9.28944   1.000 43.21285 ? 408 HOH A O   1 
HETATM 1433 O  O   . HOH E 5 .   ? -12.54515 -21.81171 -5.23813  1.000 46.09959 ? 409 HOH A O   1 
HETATM 1434 O  O   . HOH E 5 .   ? 25.78082  2.68782   -3.97212  1.000 40.42770 ? 410 HOH A O   1 
HETATM 1435 O  O   . HOH E 5 .   ? -12.20324 -11.49190 -8.10450  1.000 41.54205 ? 411 HOH A O   1 
HETATM 1436 O  O   . HOH E 5 .   ? -14.02897 -6.20392  1.37287   1.000 42.23813 ? 412 HOH A O   1 
HETATM 1437 O  O   . HOH E 5 .   ? -13.80961 -1.82387  -0.01100  1.000 33.69207 ? 413 HOH A O   1 
HETATM 1438 O  O   . HOH E 5 .   ? -3.67697  21.20402  3.59456   1.000 35.70177 ? 414 HOH A O   1 
HETATM 1439 O  O   . HOH E 5 .   ? -14.94135 -14.71406 7.07469   1.000 41.91626 ? 415 HOH A O   1 
HETATM 1440 O  O   . HOH E 5 .   ? -3.03710  -10.52747 11.40405  1.000 37.04196 ? 416 HOH A O   1 
HETATM 1441 O  O   . HOH E 5 .   ? 18.52325  8.76127   6.09484   1.000 47.07758 ? 417 HOH A O   1 
HETATM 1442 O  O   . HOH E 5 .   ? -15.05124 -21.94619 -3.69773  1.000 49.04335 ? 418 HOH A O   1 
HETATM 1443 O  O   . HOH E 5 .   ? -17.45046 -1.82910  -3.67596  1.000 43.97187 ? 419 HOH A O   1 
HETATM 1444 O  O   . HOH E 5 .   ? -16.03218 -18.35841 4.53750   1.000 30.80590 ? 420 HOH A O   1 
HETATM 1445 O  O   . HOH E 5 .   ? -18.77499 -14.17153 -0.85137  1.000 42.99025 ? 421 HOH A O   1 
HETATM 1446 O  O   . HOH E 5 .   ? -7.75164  17.37304  9.93494   1.000 35.26445 ? 422 HOH A O   1 
HETATM 1447 O  O   . HOH E 5 .   ? 9.91177   16.41447  8.31076   1.000 38.24792 ? 423 HOH A O   1 
HETATM 1448 O  O   . HOH E 5 .   ? -5.02446  18.19444  9.59050   1.000 44.74732 ? 424 HOH A O   1 
HETATM 1449 O  O   . HOH E 5 .   ? -10.95281 15.26154  15.32420  1.000 51.08981 ? 425 HOH A O   1 
HETATM 1450 O  O   . HOH E 5 .   ? 1.27451   18.93815  -7.49716  1.000 50.70284 ? 426 HOH A O   1 
HETATM 1451 O  O   . HOH E 5 .   ? -0.96922  -23.63376 -18.55309 1.000 50.20493 ? 427 HOH A O   1 
HETATM 1452 O  O   . HOH E 5 .   ? 16.45657  -13.57404 -0.69209  1.000 42.63827 ? 428 HOH A O   1 
HETATM 1453 O  O   . HOH E 5 .   ? 16.45016  17.84035  4.74955   1.000 46.13516 ? 429 HOH A O   1 
HETATM 1454 O  O   . HOH E 5 .   ? -1.32510  23.90374  -0.82502  1.000 43.93364 ? 430 HOH A O   1 
HETATM 1455 O  O   . HOH E 5 .   ? -4.11962  -2.87781  -16.35819 1.000 42.80831 ? 431 HOH A O   1 
HETATM 1456 O  O   . HOH E 5 .   ? -17.58424 -14.25600 3.59472   1.000 40.99575 ? 432 HOH A O   1 
HETATM 1457 O  O   . HOH E 5 .   ? 8.54378   8.17897   12.89806  1.000 41.68989 ? 433 HOH A O   1 
HETATM 1458 O  O   . HOH E 5 .   ? -2.78078  24.31259  1.27073   1.000 35.74123 ? 434 HOH A O   1 
HETATM 1459 O  O   . HOH E 5 .   ? -2.19922  -12.05683 -17.17114 1.000 49.08318 ? 435 HOH A O   1 
HETATM 1460 O  O   . HOH E 5 .   ? 1.92848   10.26227  12.87709  1.000 44.77674 ? 436 HOH A O   1 
HETATM 1461 O  O   . HOH E 5 .   ? -12.30973 -12.95001 -10.70035 1.000 40.68904 ? 437 HOH A O   1 
# 
loop_
_pdbx_poly_seq_scheme.asym_id 
_pdbx_poly_seq_scheme.entity_id 
_pdbx_poly_seq_scheme.seq_id 
_pdbx_poly_seq_scheme.mon_id 
_pdbx_poly_seq_scheme.ndb_seq_num 
_pdbx_poly_seq_scheme.pdb_seq_num 
_pdbx_poly_seq_scheme.auth_seq_num 
_pdbx_poly_seq_scheme.pdb_mon_id 
_pdbx_poly_seq_scheme.auth_mon_id 
_pdbx_poly_seq_scheme.pdb_strand_id 
_pdbx_poly_seq_scheme.pdb_ins_code 
_pdbx_poly_seq_scheme.hetero 
A 1 1   VAL 1   1   1   VAL VAL A . n 
A 1 2   LEU 2   2   2   LEU LEU A . n 
A 1 3   SER 3   3   3   SER SER A . n 
A 1 4   GLU 4   4   4   GLU GLU A . n 
A 1 5   GLY 5   5   5   GLY GLY A . n 
A 1 6   GLU 6   6   6   GLU GLU A . n 
A 1 7   TRP 7   7   7   TRP TRP A . n 
A 1 8   GLN 8   8   8   GLN GLN A . n 
A 1 9   LEU 9   9   9   LEU LEU A . n 
A 1 10  VAL 10  10  10  VAL VAL A . n 
A 1 11  LEU 11  11  11  LEU LEU A . n 
A 1 12  HIS 12  12  12  HIS HIS A . n 
A 1 13  VAL 13  13  13  VAL VAL A . n 
A 1 14  TRP 14  14  14  TRP TRP A . n 
A 1 15  ALA 15  15  15  ALA ALA A . n 
A 1 16  LYS 16  16  16  LYS LYS A . n 
A 1 17  VAL 17  17  17  VAL VAL A . n 
A 1 18  GLU 18  18  18  GLU GLU A . n 
A 1 19  ALA 19  19  19  ALA ALA A . n 
A 1 20  ASP 20  20  20  ASP ASP A . n 
A 1 21  VAL 21  21  21  VAL VAL A . n 
A 1 22  ALA 22  22  22  ALA ALA A . n 
A 1 23  GLY 23  23  23  GLY GLY A . n 
A 1 24  HIS 24  24  24  HIS HIS A . n 
A 1 25  GLY 25  25  25  GLY GLY A . n 
A 1 26  GLN 26  26  26  GLN GLN A . n 
A 1 27  ASP 27  27  27  ASP ASP A . n 
A 1 28  ILE 28  28  28  ILE ILE A . n 
A 1 29  LEU 29  29  29  LEU LEU A . n 
A 1 30  ILE 30  30  30  ILE ILE A . n 
A 1 31  ARG 31  31  31  ARG ARG A . n 
A 1 32  LEU 32  32  32  LEU LEU A . n 
A 1 33  PHE 33  33  33  PHE PHE A . n 
A 1 34  LYS 34  34  34  LYS LYS A . n 
A 1 35  SER 35  35  35  SER SER A . n 
A 1 36  HIS 36  36  36  HIS HIS A . n 
A 1 37  PRO 37  37  37  PRO PRO A . n 
A 1 38  GLU 38  38  38  GLU GLU A . n 
A 1 39  THR 39  39  39  THR THR A . n 
A 1 40  LEU 40  40  40  LEU LEU A . n 
A 1 41  GLU 41  41  41  GLU GLU A . n 
A 1 42  LYS 42  42  42  LYS LYS A . n 
A 1 43  PHE 43  43  43  PHE PHE A . n 
A 1 44  ASP 44  44  44  ASP ASP A . n 
A 1 45  CYS 45  45  45  CYS CYS A . n 
A 1 46  PHE 46  46  46  PHE PHE A . n 
A 1 47  LYS 47  47  47  LYS LYS A . n 
A 1 48  HIS 48  48  48  HIS HIS A . n 
A 1 49  LEU 49  49  49  LEU LEU A . n 
A 1 50  LYS 50  50  50  LYS LYS A . n 
A 1 51  THR 51  51  51  THR THR A . n 
A 1 52  GLU 52  52  52  GLU GLU A . n 
A 1 53  ALA 53  53  53  ALA ALA A . n 
A 1 54  GLU 54  54  54  GLU GLU A . n 
A 1 55  MET 55  55  55  MET MET A . n 
A 1 56  LYS 56  56  56  LYS LYS A . n 
A 1 57  ALA 57  57  57  ALA ALA A . n 
A 1 58  SER 58  58  58  SER SER A . n 
A 1 59  GLU 59  59  59  GLU GLU A . n 
A 1 60  ASP 60  60  60  ASP ASP A . n 
A 1 61  LEU 61  61  61  LEU LEU A . n 
A 1 62  LYS 62  62  62  LYS LYS A . n 
A 1 63  LYS 63  63  63  LYS LYS A . n 
A 1 64  ALA 64  64  64  ALA ALA A . n 
A 1 65  GLY 65  65  65  GLY GLY A . n 
A 1 66  VAL 66  66  66  VAL VAL A . n 
A 1 67  THR 67  67  67  THR THR A . n 
A 1 68  BP5 68  68  68  BP5 BP5 A . n 
A 1 69  LEU 69  69  69  LEU LEU A . n 
A 1 70  THR 70  70  70  THR THR A . n 
A 1 71  ALA 71  71  71  ALA ALA A . n 
A 1 72  LEU 72  72  72  LEU LEU A . n 
A 1 73  GLY 73  73  73  GLY GLY A . n 
A 1 74  ALA 74  74  74  ALA ALA A . n 
A 1 75  ILE 75  75  75  ILE ILE A . n 
A 1 76  LEU 76  76  76  LEU LEU A . n 
A 1 77  LYS 77  77  77  LYS LYS A . n 
A 1 78  LYS 78  78  78  LYS LYS A . n 
A 1 79  LYS 79  79  79  LYS LYS A . n 
A 1 80  GLY 80  80  80  GLY GLY A . n 
A 1 81  HIS 81  81  81  HIS HIS A . n 
A 1 82  HIS 82  82  82  HIS HIS A . n 
A 1 83  GLU 83  83  83  GLU GLU A . n 
A 1 84  ALA 84  84  84  ALA ALA A . n 
A 1 85  GLU 85  85  85  GLU GLU A . n 
A 1 86  LEU 86  86  86  LEU LEU A . n 
A 1 87  LYS 87  87  87  LYS LYS A . n 
A 1 88  PRO 88  88  88  PRO PRO A . n 
A 1 89  LEU 89  89  89  LEU LEU A . n 
A 1 90  ALA 90  90  90  ALA ALA A . n 
A 1 91  GLN 91  91  91  GLN GLN A . n 
A 1 92  SER 92  92  92  SER SER A . n 
A 1 93  ALA 93  93  93  ALA ALA A . n 
A 1 94  ALA 94  94  94  ALA ALA A . n 
A 1 95  THR 95  95  95  THR THR A . n 
A 1 96  LYS 96  96  96  LYS LYS A . n 
A 1 97  ALA 97  97  97  ALA ALA A . n 
A 1 98  LYS 98  98  98  LYS LYS A . n 
A 1 99  ILE 99  99  99  ILE ILE A . n 
A 1 100 PRO 100 100 100 PRO PRO A . n 
A 1 101 ILE 101 101 101 ILE ILE A . n 
A 1 102 LYS 102 102 102 LYS LYS A . n 
A 1 103 TYR 103 103 103 TYR TYR A . n 
A 1 104 LEU 104 104 104 LEU LEU A . n 
A 1 105 GLU 105 105 105 GLU GLU A . n 
A 1 106 PHE 106 106 106 PHE PHE A . n 
A 1 107 ILE 107 107 107 ILE ILE A . n 
A 1 108 SER 108 108 108 SER SER A . n 
A 1 109 GLU 109 109 109 GLU GLU A . n 
A 1 110 ALA 110 110 110 ALA ALA A . n 
A 1 111 ILE 111 111 111 ILE ILE A . n 
A 1 112 ILE 112 112 112 ILE ILE A . n 
A 1 113 HIS 113 113 113 HIS HIS A . n 
A 1 114 VAL 114 114 114 VAL VAL A . n 
A 1 115 LEU 115 115 115 LEU LEU A . n 
A 1 116 HIS 116 116 116 HIS HIS A . n 
A 1 117 SER 117 117 117 SER SER A . n 
A 1 118 ARG 118 118 118 ARG ARG A . n 
A 1 119 HIS 119 119 119 HIS HIS A . n 
A 1 120 PRO 120 120 120 PRO PRO A . n 
A 1 121 GLY 121 121 121 GLY GLY A . n 
A 1 122 ASP 122 122 122 ASP ASP A . n 
A 1 123 PHE 123 123 123 PHE PHE A . n 
A 1 124 GLY 124 124 124 GLY GLY A . n 
A 1 125 ALA 125 125 125 ALA ALA A . n 
A 1 126 ASP 126 126 126 ASP ASP A . n 
A 1 127 ALA 127 127 127 ALA ALA A . n 
A 1 128 GLN 128 128 128 GLN GLN A . n 
A 1 129 GLY 129 129 129 GLY GLY A . n 
A 1 130 ALA 130 130 130 ALA ALA A . n 
A 1 131 MET 131 131 131 MET MET A . n 
A 1 132 ASN 132 132 132 ASN ASN A . n 
A 1 133 LYS 133 133 133 LYS LYS A . n 
A 1 134 ALA 134 134 134 ALA ALA A . n 
A 1 135 LEU 135 135 135 LEU LEU A . n 
A 1 136 GLU 136 136 136 GLU GLU A . n 
A 1 137 LEU 137 137 137 LEU LEU A . n 
A 1 138 PHE 138 138 138 PHE PHE A . n 
A 1 139 ARG 139 139 139 ARG ARG A . n 
A 1 140 LYS 140 140 140 LYS LYS A . n 
A 1 141 ASP 141 141 141 ASP ASP A . n 
A 1 142 ILE 142 142 142 ILE ILE A . n 
A 1 143 ALA 143 143 143 ALA ALA A . n 
A 1 144 ALA 144 144 144 ALA ALA A . n 
A 1 145 LYS 145 145 145 LYS LYS A . n 
A 1 146 TYR 146 146 146 TYR TYR A . n 
A 1 147 LYS 147 147 147 LYS LYS A . n 
A 1 148 GLU 148 148 148 GLU GLU A . n 
A 1 149 LEU 149 149 149 LEU LEU A . n 
A 1 150 GLY 150 150 150 GLY GLY A . n 
A 1 151 TYR 151 151 151 TYR TYR A . n 
A 1 152 GLN 152 152 152 GLN GLN A . n 
A 1 153 GLY 153 153 153 GLY GLY A . n 
# 
_pdbx_contact_author.id                 2 
_pdbx_contact_author.email              woonjusong@snu.ac.kr 
_pdbx_contact_author.name_first         'Woon Ju' 
_pdbx_contact_author.name_last          Song 
_pdbx_contact_author.name_mi            ? 
_pdbx_contact_author.role               'principal investigator/group leader' 
_pdbx_contact_author.identifier_ORCID   0000-0003-0434-2684 
# 
loop_
_pdbx_nonpoly_scheme.asym_id 
_pdbx_nonpoly_scheme.entity_id 
_pdbx_nonpoly_scheme.mon_id 
_pdbx_nonpoly_scheme.ndb_seq_num 
_pdbx_nonpoly_scheme.pdb_seq_num 
_pdbx_nonpoly_scheme.auth_seq_num 
_pdbx_nonpoly_scheme.pdb_mon_id 
_pdbx_nonpoly_scheme.auth_mon_id 
_pdbx_nonpoly_scheme.pdb_strand_id 
_pdbx_nonpoly_scheme.pdb_ins_code 
B 2 KKC 1   201 206 KKC IRX A . 
C 3 IRQ 1   202 206 IRQ IRQ A . 
D 4 SO4 1   203 1   SO4 SO4 A . 
E 5 HOH 1   301 94  HOH HOH A . 
E 5 HOH 2   302 85  HOH HOH A . 
E 5 HOH 3   303 29  HOH HOH A . 
E 5 HOH 4   304 19  HOH HOH A . 
E 5 HOH 5   305 39  HOH HOH A . 
E 5 HOH 6   306 32  HOH HOH A . 
E 5 HOH 7   307 75  HOH HOH A . 
E 5 HOH 8   308 38  HOH HOH A . 
E 5 HOH 9   309 59  HOH HOH A . 
E 5 HOH 10  310 15  HOH HOH A . 
E 5 HOH 11  311 20  HOH HOH A . 
E 5 HOH 12  312 40  HOH HOH A . 
E 5 HOH 13  313 36  HOH HOH A . 
E 5 HOH 14  314 7   HOH HOH A . 
E 5 HOH 15  315 132 HOH HOH A . 
E 5 HOH 16  316 5   HOH HOH A . 
E 5 HOH 17  317 112 HOH HOH A . 
E 5 HOH 18  318 49  HOH HOH A . 
E 5 HOH 19  319 4   HOH HOH A . 
E 5 HOH 20  320 77  HOH HOH A . 
E 5 HOH 21  321 8   HOH HOH A . 
E 5 HOH 22  322 6   HOH HOH A . 
E 5 HOH 23  323 27  HOH HOH A . 
E 5 HOH 24  324 137 HOH HOH A . 
E 5 HOH 25  325 42  HOH HOH A . 
E 5 HOH 26  326 25  HOH HOH A . 
E 5 HOH 27  327 53  HOH HOH A . 
E 5 HOH 28  328 62  HOH HOH A . 
E 5 HOH 29  329 74  HOH HOH A . 
E 5 HOH 30  330 1   HOH HOH A . 
E 5 HOH 31  331 3   HOH HOH A . 
E 5 HOH 32  332 28  HOH HOH A . 
E 5 HOH 33  333 14  HOH HOH A . 
E 5 HOH 34  334 10  HOH HOH A . 
E 5 HOH 35  335 21  HOH HOH A . 
E 5 HOH 36  336 87  HOH HOH A . 
E 5 HOH 37  337 143 HOH HOH A . 
E 5 HOH 38  338 2   HOH HOH A . 
E 5 HOH 39  339 46  HOH HOH A . 
E 5 HOH 40  340 41  HOH HOH A . 
E 5 HOH 41  341 9   HOH HOH A . 
E 5 HOH 42  342 79  HOH HOH A . 
E 5 HOH 43  343 71  HOH HOH A . 
E 5 HOH 44  344 57  HOH HOH A . 
E 5 HOH 45  345 26  HOH HOH A . 
E 5 HOH 46  346 16  HOH HOH A . 
E 5 HOH 47  347 73  HOH HOH A . 
E 5 HOH 48  348 44  HOH HOH A . 
E 5 HOH 49  349 101 HOH HOH A . 
E 5 HOH 50  350 83  HOH HOH A . 
E 5 HOH 51  351 33  HOH HOH A . 
E 5 HOH 52  352 123 HOH HOH A . 
E 5 HOH 53  353 24  HOH HOH A . 
E 5 HOH 54  354 76  HOH HOH A . 
E 5 HOH 55  355 45  HOH HOH A . 
E 5 HOH 56  356 47  HOH HOH A . 
E 5 HOH 57  357 17  HOH HOH A . 
E 5 HOH 58  358 100 HOH HOH A . 
E 5 HOH 59  359 86  HOH HOH A . 
E 5 HOH 60  360 84  HOH HOH A . 
E 5 HOH 61  361 110 HOH HOH A . 
E 5 HOH 62  362 118 HOH HOH A . 
E 5 HOH 63  363 104 HOH HOH A . 
E 5 HOH 64  364 23  HOH HOH A . 
E 5 HOH 65  365 97  HOH HOH A . 
E 5 HOH 66  366 50  HOH HOH A . 
E 5 HOH 67  367 106 HOH HOH A . 
E 5 HOH 68  368 116 HOH HOH A . 
E 5 HOH 69  369 43  HOH HOH A . 
E 5 HOH 70  370 12  HOH HOH A . 
E 5 HOH 71  371 99  HOH HOH A . 
E 5 HOH 72  372 95  HOH HOH A . 
E 5 HOH 73  373 140 HOH HOH A . 
E 5 HOH 74  374 124 HOH HOH A . 
E 5 HOH 75  375 11  HOH HOH A . 
E 5 HOH 76  376 13  HOH HOH A . 
E 5 HOH 77  377 120 HOH HOH A . 
E 5 HOH 78  378 63  HOH HOH A . 
E 5 HOH 79  379 108 HOH HOH A . 
E 5 HOH 80  380 65  HOH HOH A . 
E 5 HOH 81  381 89  HOH HOH A . 
E 5 HOH 82  382 18  HOH HOH A . 
E 5 HOH 83  383 37  HOH HOH A . 
E 5 HOH 84  384 98  HOH HOH A . 
E 5 HOH 85  385 34  HOH HOH A . 
E 5 HOH 86  386 22  HOH HOH A . 
E 5 HOH 87  387 31  HOH HOH A . 
E 5 HOH 88  388 60  HOH HOH A . 
E 5 HOH 89  389 139 HOH HOH A . 
E 5 HOH 90  390 109 HOH HOH A . 
E 5 HOH 91  391 117 HOH HOH A . 
E 5 HOH 92  392 92  HOH HOH A . 
E 5 HOH 93  393 127 HOH HOH A . 
E 5 HOH 94  394 80  HOH HOH A . 
E 5 HOH 95  395 107 HOH HOH A . 
E 5 HOH 96  396 72  HOH HOH A . 
E 5 HOH 97  397 105 HOH HOH A . 
E 5 HOH 98  398 64  HOH HOH A . 
E 5 HOH 99  399 135 HOH HOH A . 
E 5 HOH 100 400 90  HOH HOH A . 
E 5 HOH 101 401 55  HOH HOH A . 
E 5 HOH 102 402 81  HOH HOH A . 
E 5 HOH 103 403 141 HOH HOH A . 
E 5 HOH 104 404 131 HOH HOH A . 
E 5 HOH 105 405 51  HOH HOH A . 
E 5 HOH 106 406 69  HOH HOH A . 
E 5 HOH 107 407 138 HOH HOH A . 
E 5 HOH 108 408 35  HOH HOH A . 
E 5 HOH 109 409 122 HOH HOH A . 
E 5 HOH 110 410 91  HOH HOH A . 
E 5 HOH 111 411 67  HOH HOH A . 
E 5 HOH 112 412 128 HOH HOH A . 
E 5 HOH 113 413 30  HOH HOH A . 
E 5 HOH 114 414 102 HOH HOH A . 
E 5 HOH 115 415 111 HOH HOH A . 
E 5 HOH 116 416 58  HOH HOH A . 
E 5 HOH 117 417 134 HOH HOH A . 
E 5 HOH 118 418 126 HOH HOH A . 
E 5 HOH 119 419 96  HOH HOH A . 
E 5 HOH 120 420 52  HOH HOH A . 
E 5 HOH 121 421 88  HOH HOH A . 
E 5 HOH 122 422 133 HOH HOH A . 
E 5 HOH 123 423 68  HOH HOH A . 
E 5 HOH 124 424 70  HOH HOH A . 
E 5 HOH 125 425 119 HOH HOH A . 
E 5 HOH 126 426 130 HOH HOH A . 
E 5 HOH 127 427 115 HOH HOH A . 
E 5 HOH 128 428 54  HOH HOH A . 
E 5 HOH 129 429 113 HOH HOH A . 
E 5 HOH 130 430 66  HOH HOH A . 
E 5 HOH 131 431 136 HOH HOH A . 
E 5 HOH 132 432 82  HOH HOH A . 
E 5 HOH 133 433 103 HOH HOH A . 
E 5 HOH 134 434 61  HOH HOH A . 
E 5 HOH 135 435 129 HOH HOH A . 
E 5 HOH 136 436 48  HOH HOH A . 
E 5 HOH 137 437 56  HOH HOH A . 
# 
_pdbx_struct_assembly.id                   1 
_pdbx_struct_assembly.details              author_defined_assembly 
_pdbx_struct_assembly.method_details       ? 
_pdbx_struct_assembly.oligomeric_details   monomeric 
_pdbx_struct_assembly.oligomeric_count     1 
# 
_pdbx_struct_assembly_gen.assembly_id       1 
_pdbx_struct_assembly_gen.oper_expression   1 
_pdbx_struct_assembly_gen.asym_id_list      A,B,C,D,E 
# 
loop_
_pdbx_struct_assembly_prop.biol_id 
_pdbx_struct_assembly_prop.type 
_pdbx_struct_assembly_prop.value 
_pdbx_struct_assembly_prop.details 
1 'ABSA (A^2)' 580  ? 
1 MORE         4    ? 
1 'SSA (A^2)'  7950 ? 
# 
_pdbx_struct_oper_list.id                   1 
_pdbx_struct_oper_list.type                 'identity operation' 
_pdbx_struct_oper_list.name                 1_555 
_pdbx_struct_oper_list.symmetry_operation   x,y,z 
_pdbx_struct_oper_list.matrix[1][1]         1.0000000000 
_pdbx_struct_oper_list.matrix[1][2]         0.0000000000 
_pdbx_struct_oper_list.matrix[1][3]         0.0000000000 
_pdbx_struct_oper_list.vector[1]            0.0000000000 
_pdbx_struct_oper_list.matrix[2][1]         0.0000000000 
_pdbx_struct_oper_list.matrix[2][2]         1.0000000000 
_pdbx_struct_oper_list.matrix[2][3]         0.0000000000 
_pdbx_struct_oper_list.vector[2]            0.0000000000 
_pdbx_struct_oper_list.matrix[3][1]         0.0000000000 
_pdbx_struct_oper_list.matrix[3][2]         0.0000000000 
_pdbx_struct_oper_list.matrix[3][3]         1.0000000000 
_pdbx_struct_oper_list.vector[3]            0.0000000000 
# 
loop_
_pdbx_audit_revision_history.ordinal 
_pdbx_audit_revision_history.data_content_type 
_pdbx_audit_revision_history.major_revision 
_pdbx_audit_revision_history.minor_revision 
_pdbx_audit_revision_history.revision_date 
1 'Structure model' 1 0 2023-03-15 
2 'Structure model' 1 1 2023-03-22 
3 'Structure model' 2 0 2023-11-15 
4 'Structure model' 2 1 2023-11-29 
# 
_pdbx_audit_revision_details.ordinal             1 
_pdbx_audit_revision_details.revision_ordinal    1 
_pdbx_audit_revision_details.data_content_type   'Structure model' 
_pdbx_audit_revision_details.provider            repository 
_pdbx_audit_revision_details.type                'Initial release' 
_pdbx_audit_revision_details.description         ? 
_pdbx_audit_revision_details.details             ? 
# 
loop_
_pdbx_audit_revision_group.ordinal 
_pdbx_audit_revision_group.revision_ordinal 
_pdbx_audit_revision_group.data_content_type 
_pdbx_audit_revision_group.group 
1 2 'Structure model' 'Database references'    
2 3 'Structure model' 'Atomic model'           
3 3 'Structure model' 'Data collection'        
4 3 'Structure model' 'Derived calculations'   
5 4 'Structure model' 'Refinement description' 
# 
loop_
_pdbx_audit_revision_category.ordinal 
_pdbx_audit_revision_category.revision_ordinal 
_pdbx_audit_revision_category.data_content_type 
_pdbx_audit_revision_category.category 
1 2 'Structure model' citation                      
2 2 'Structure model' citation_author               
3 3 'Structure model' atom_site                     
4 3 'Structure model' chem_comp_atom                
5 3 'Structure model' chem_comp_bond                
6 3 'Structure model' pdbx_validate_rmsd_angle      
7 3 'Structure model' struct_conn                   
8 4 'Structure model' pdbx_initial_refinement_model 
# 
loop_
_pdbx_audit_revision_item.ordinal 
_pdbx_audit_revision_item.revision_ordinal 
_pdbx_audit_revision_item.data_content_type 
_pdbx_audit_revision_item.item 
1 2 'Structure model' '_citation.journal_volume'            
2 2 'Structure model' '_citation.page_first'                
3 2 'Structure model' '_citation.page_last'                 
4 2 'Structure model' '_citation_author.identifier_ORCID'   
5 3 'Structure model' '_atom_site.auth_atom_id'             
6 3 'Structure model' '_atom_site.label_atom_id'            
7 3 'Structure model' '_struct_conn.pdbx_leaving_atom_flag' 
8 3 'Structure model' '_struct_conn.ptnr1_label_atom_id'    
# 
loop_
_space_group_symop.id 
_space_group_symop.operation_xyz 
1 x,y,z           
2 x+1/2,-y+1/2,-z 
3 -x,y+1/2,-z+1/2 
4 -x+1/2,-y,z+1/2 
# 
loop_
_software.citation_id 
_software.classification 
_software.compiler_name 
_software.compiler_version 
_software.contact_author 
_software.contact_author_email 
_software.date 
_software.description 
_software.dependencies 
_software.hardware 
_software.language 
_software.location 
_software.mods 
_software.name 
_software.os 
_software.os_version 
_software.type 
_software.version 
_software.pdbx_ordinal 
? refinement       ? ? ? ? ? ? ? ? ? ? ? REFMAC   ? ? ? 5.8.0267    1 
? refinement       ? ? ? ? ? ? ? ? ? ? ? PHENIX   ? ? ? 1.19.2_4158 2 
? 'data reduction' ? ? ? ? ? ? ? ? ? ? ? HKL-2000 ? ? ? .           3 
? phasing          ? ? ? ? ? ? ? ? ? ? ? MOLREP   ? ? ? .           4 
? 'model building' ? ? ? ? ? ? ? ? ? ? ? Coot     ? ? ? .           5 
? 'data scaling'   ? ? ? ? ? ? ? ? ? ? ? HKL-2000 ? ? ? .           6 
# 
_pdbx_entry_details.entry_id                 7YLK 
_pdbx_entry_details.nonpolymer_details       'IRQ and KKC are in alternate conformations of each other.' 
_pdbx_entry_details.sequence_details         ? 
_pdbx_entry_details.compound_details         ? 
_pdbx_entry_details.source_details           ? 
_pdbx_entry_details.has_ligand_of_interest   Y 
# 
_pdbx_validate_rmsd_angle.id                         1 
_pdbx_validate_rmsd_angle.PDB_model_num              1 
_pdbx_validate_rmsd_angle.auth_atom_id_1             O 
_pdbx_validate_rmsd_angle.auth_asym_id_1             A 
_pdbx_validate_rmsd_angle.auth_comp_id_1             BP5 
_pdbx_validate_rmsd_angle.auth_seq_id_1              68 
_pdbx_validate_rmsd_angle.PDB_ins_code_1             ? 
_pdbx_validate_rmsd_angle.label_alt_id_1             ? 
_pdbx_validate_rmsd_angle.auth_atom_id_2             C 
_pdbx_validate_rmsd_angle.auth_asym_id_2             A 
_pdbx_validate_rmsd_angle.auth_comp_id_2             BP5 
_pdbx_validate_rmsd_angle.auth_seq_id_2              68 
_pdbx_validate_rmsd_angle.PDB_ins_code_2             ? 
_pdbx_validate_rmsd_angle.label_alt_id_2             ? 
_pdbx_validate_rmsd_angle.auth_atom_id_3             N 
_pdbx_validate_rmsd_angle.auth_asym_id_3             A 
_pdbx_validate_rmsd_angle.auth_comp_id_3             LEU 
_pdbx_validate_rmsd_angle.auth_seq_id_3              69 
_pdbx_validate_rmsd_angle.PDB_ins_code_3             ? 
_pdbx_validate_rmsd_angle.label_alt_id_3             ? 
_pdbx_validate_rmsd_angle.angle_value                109.81 
_pdbx_validate_rmsd_angle.angle_target_value         122.70 
_pdbx_validate_rmsd_angle.angle_deviation            -12.89 
_pdbx_validate_rmsd_angle.angle_standard_deviation   1.60 
_pdbx_validate_rmsd_angle.linker_flag                Y 
# 
loop_
_pdbx_validate_torsion.id 
_pdbx_validate_torsion.PDB_model_num 
_pdbx_validate_torsion.auth_comp_id 
_pdbx_validate_torsion.auth_asym_id 
_pdbx_validate_torsion.auth_seq_id 
_pdbx_validate_torsion.PDB_ins_code 
_pdbx_validate_torsion.label_alt_id 
_pdbx_validate_torsion.phi 
_pdbx_validate_torsion.psi 
1 1 ASP A 20  ? ? -159.33 68.06 
2 1 LYS A 98  ? ? 46.23   27.16 
3 1 PHE A 123 ? ? -142.12 54.67 
# 
loop_
_chem_comp_atom.comp_id 
_chem_comp_atom.atom_id 
_chem_comp_atom.type_symbol 
_chem_comp_atom.pdbx_aromatic_flag 
_chem_comp_atom.pdbx_stereo_config 
_chem_comp_atom.pdbx_ordinal 
ALA N    N  N N 1   
ALA CA   C  N S 2   
ALA C    C  N N 3   
ALA O    O  N N 4   
ALA CB   C  N N 5   
ALA OXT  O  N N 6   
ALA H    H  N N 7   
ALA H2   H  N N 8   
ALA HA   H  N N 9   
ALA HB1  H  N N 10  
ALA HB2  H  N N 11  
ALA HB3  H  N N 12  
ALA HXT  H  N N 13  
ARG N    N  N N 14  
ARG CA   C  N S 15  
ARG C    C  N N 16  
ARG O    O  N N 17  
ARG CB   C  N N 18  
ARG CG   C  N N 19  
ARG CD   C  N N 20  
ARG NE   N  N N 21  
ARG CZ   C  N N 22  
ARG NH1  N  N N 23  
ARG NH2  N  N N 24  
ARG OXT  O  N N 25  
ARG H    H  N N 26  
ARG H2   H  N N 27  
ARG HA   H  N N 28  
ARG HB2  H  N N 29  
ARG HB3  H  N N 30  
ARG HG2  H  N N 31  
ARG HG3  H  N N 32  
ARG HD2  H  N N 33  
ARG HD3  H  N N 34  
ARG HE   H  N N 35  
ARG HH11 H  N N 36  
ARG HH12 H  N N 37  
ARG HH21 H  N N 38  
ARG HH22 H  N N 39  
ARG HXT  H  N N 40  
ASN N    N  N N 41  
ASN CA   C  N S 42  
ASN C    C  N N 43  
ASN O    O  N N 44  
ASN CB   C  N N 45  
ASN CG   C  N N 46  
ASN OD1  O  N N 47  
ASN ND2  N  N N 48  
ASN OXT  O  N N 49  
ASN H    H  N N 50  
ASN H2   H  N N 51  
ASN HA   H  N N 52  
ASN HB2  H  N N 53  
ASN HB3  H  N N 54  
ASN HD21 H  N N 55  
ASN HD22 H  N N 56  
ASN HXT  H  N N 57  
ASP N    N  N N 58  
ASP CA   C  N S 59  
ASP C    C  N N 60  
ASP O    O  N N 61  
ASP CB   C  N N 62  
ASP CG   C  N N 63  
ASP OD1  O  N N 64  
ASP OD2  O  N N 65  
ASP OXT  O  N N 66  
ASP H    H  N N 67  
ASP H2   H  N N 68  
ASP HA   H  N N 69  
ASP HB2  H  N N 70  
ASP HB3  H  N N 71  
ASP HD2  H  N N 72  
ASP HXT  H  N N 73  
BP5 C9   C  Y N 74  
BP5 C8   C  Y N 75  
BP5 C7   C  Y N 76  
BP5 C6   C  Y N 77  
BP5 C5   C  Y N 78  
BP5 C4   C  Y N 79  
BP5 C3   C  Y N 80  
BP5 C2   C  Y N 81  
BP5 C1   C  Y N 82  
BP5 C12  C  N N 83  
BP5 C11  C  Y N 84  
BP5 N1   N  Y N 85  
BP5 N2   N  Y N 86  
BP5 CA   C  N S 87  
BP5 C    C  N N 88  
BP5 OXT  O  N N 89  
BP5 O    O  N N 90  
BP5 N    N  N N 91  
BP5 H8   H  N N 92  
BP5 H7   H  N N 93  
BP5 H5   H  N N 94  
BP5 H4   H  N N 95  
BP5 H3   H  N N 96  
BP5 H1   H  N N 97  
BP5 H121 H  N N 98  
BP5 H122 H  N N 99  
BP5 H11  H  N N 100 
BP5 HA   H  N N 101 
BP5 HXT  H  N N 102 
BP5 H    H  N N 103 
BP5 H2   H  N N 104 
CYS N    N  N N 105 
CYS CA   C  N R 106 
CYS C    C  N N 107 
CYS O    O  N N 108 
CYS CB   C  N N 109 
CYS SG   S  N N 110 
CYS OXT  O  N N 111 
CYS H    H  N N 112 
CYS H2   H  N N 113 
CYS HA   H  N N 114 
CYS HB2  H  N N 115 
CYS HB3  H  N N 116 
CYS HG   H  N N 117 
CYS HXT  H  N N 118 
GLN N    N  N N 119 
GLN CA   C  N S 120 
GLN C    C  N N 121 
GLN O    O  N N 122 
GLN CB   C  N N 123 
GLN CG   C  N N 124 
GLN CD   C  N N 125 
GLN OE1  O  N N 126 
GLN NE2  N  N N 127 
GLN OXT  O  N N 128 
GLN H    H  N N 129 
GLN H2   H  N N 130 
GLN HA   H  N N 131 
GLN HB2  H  N N 132 
GLN HB3  H  N N 133 
GLN HG2  H  N N 134 
GLN HG3  H  N N 135 
GLN HE21 H  N N 136 
GLN HE22 H  N N 137 
GLN HXT  H  N N 138 
GLU N    N  N N 139 
GLU CA   C  N S 140 
GLU C    C  N N 141 
GLU O    O  N N 142 
GLU CB   C  N N 143 
GLU CG   C  N N 144 
GLU CD   C  N N 145 
GLU OE1  O  N N 146 
GLU OE2  O  N N 147 
GLU OXT  O  N N 148 
GLU H    H  N N 149 
GLU H2   H  N N 150 
GLU HA   H  N N 151 
GLU HB2  H  N N 152 
GLU HB3  H  N N 153 
GLU HG2  H  N N 154 
GLU HG3  H  N N 155 
GLU HE2  H  N N 156 
GLU HXT  H  N N 157 
GLY N    N  N N 158 
GLY CA   C  N N 159 
GLY C    C  N N 160 
GLY O    O  N N 161 
GLY OXT  O  N N 162 
GLY H    H  N N 163 
GLY H2   H  N N 164 
GLY HA2  H  N N 165 
GLY HA3  H  N N 166 
GLY HXT  H  N N 167 
HIS N    N  N N 168 
HIS CA   C  N S 169 
HIS C    C  N N 170 
HIS O    O  N N 171 
HIS CB   C  N N 172 
HIS CG   C  Y N 173 
HIS ND1  N  Y N 174 
HIS CD2  C  Y N 175 
HIS CE1  C  Y N 176 
HIS NE2  N  Y N 177 
HIS OXT  O  N N 178 
HIS H    H  N N 179 
HIS H2   H  N N 180 
HIS HA   H  N N 181 
HIS HB2  H  N N 182 
HIS HB3  H  N N 183 
HIS HD1  H  N N 184 
HIS HD2  H  N N 185 
HIS HE1  H  N N 186 
HIS HE2  H  N N 187 
HIS HXT  H  N N 188 
HOH O    O  N N 189 
HOH H1   H  N N 190 
HOH H2   H  N N 191 
ILE N    N  N N 192 
ILE CA   C  N S 193 
ILE C    C  N N 194 
ILE O    O  N N 195 
ILE CB   C  N S 196 
ILE CG1  C  N N 197 
ILE CG2  C  N N 198 
ILE CD1  C  N N 199 
ILE OXT  O  N N 200 
ILE H    H  N N 201 
ILE H2   H  N N 202 
ILE HA   H  N N 203 
ILE HB   H  N N 204 
ILE HG12 H  N N 205 
ILE HG13 H  N N 206 
ILE HG21 H  N N 207 
ILE HG22 H  N N 208 
ILE HG23 H  N N 209 
ILE HD11 H  N N 210 
ILE HD12 H  N N 211 
ILE HD13 H  N N 212 
ILE HXT  H  N N 213 
IRQ C01  C  Y N 214 
IRQ C02  C  Y N 215 
IRQ C03  C  Y N 216 
IRQ C04  C  Y N 217 
IRQ C05  C  Y N 218 
IRQ C06  C  Y N 219 
IRQ C07  C  Y N 220 
IRQ C08  C  Y N 221 
IRQ C09  C  Y N 222 
IRQ C10  C  Y N 223 
IRQ C11  C  Y N 224 
IRQ C12  C  Y N 225 
IRQ C13  C  Y N 226 
IRQ C14  C  Y N 227 
IRQ C15  C  Y N 228 
IRQ C16  C  Y N 229 
IRQ C17  C  Y N 230 
IRQ C18  C  Y N 231 
IRQ C19  C  Y N 232 
IRQ C20  C  Y N 233 
IRQ C21  C  Y N 234 
IRQ C22  C  Y N 235 
IRQ C23  C  Y N 236 
IRQ C24  C  Y N 237 
IRQ C25  C  Y N 238 
IRQ C26  C  Y N 239 
IRQ C27  C  Y N 240 
IRQ C28  C  Y N 241 
IRQ C29  C  Y N 242 
IRQ C30  C  Y N 243 
IRQ C31  C  Y N 244 
IRQ C32  C  Y N 245 
IRQ C33  C  N N 246 
IRQ C34  C  N N 247 
IRQ C35  C  N N 248 
IRQ C36  C  N N 249 
IRQ C37  C  N N 250 
IRQ F01  F  N N 251 
IRQ F02  F  N N 252 
IRQ F03  F  N N 253 
IRQ F04  F  N N 254 
IRQ N01  N  N N 255 
IRQ N02  N  Y N 256 
IRQ N03  N  Y N 257 
IRQ N04  N  Y N 258 
IRQ N05  N  Y N 259 
IRQ O01  O  N N 260 
IRQ O02  O  N N 261 
IRQ IR1  IR N N 262 
IRQ H1   H  N N 263 
IRQ H2   H  N N 264 
IRQ H3   H  N N 265 
IRQ H4   H  N N 266 
IRQ H5   H  N N 267 
IRQ H6   H  N N 268 
IRQ H7   H  N N 269 
IRQ H8   H  N N 270 
IRQ H9   H  N N 271 
IRQ H10  H  N N 272 
IRQ H11  H  N N 273 
IRQ H12  H  N N 274 
IRQ H13  H  N N 275 
IRQ H14  H  N N 276 
IRQ H15  H  N N 277 
IRQ H16  H  N N 278 
IRQ H17  H  N N 279 
IRQ H18  H  N N 280 
IRQ H19  H  N N 281 
IRQ H20  H  N N 282 
IRQ H21  H  N N 283 
IRQ H22  H  N N 284 
IRQ H23  H  N N 285 
IRQ H24  H  N N 286 
IRQ H25  H  N N 287 
KKC C10  C  Y N 288 
KKC C13  C  Y N 289 
KKC C15  C  Y N 290 
KKC C17  C  Y N 291 
KKC C20  C  Y N 292 
KKC C21  C  Y N 293 
KKC C22  C  Y N 294 
KKC C24  C  Y N 295 
KKC C11  C  Y N 296 
KKC C12  C  Y N 297 
KKC C14  C  Y N 298 
KKC C16  C  Y N 299 
KKC C18  C  Y N 300 
KKC C19  C  Y N 301 
KKC C23  C  Y N 302 
KKC C25  C  Y N 303 
KKC C02  C  N N 304 
KKC C03  C  N N 305 
KKC C04  C  N N 306 
KKC C05  C  Y N 307 
KKC C06  C  Y N 308 
KKC C07  C  Y N 309 
KKC C08  C  Y N 310 
KKC C09  C  Y N 311 
KKC C26  C  Y N 312 
KKC C27  C  Y N 313 
KKC C28  C  Y N 314 
KKC C29  C  Y N 315 
KKC C30  C  Y N 316 
KKC C31  C  Y N 317 
KKC C32  C  Y N 318 
KKC C33  C  Y N 319 
KKC C34  C  Y N 320 
KKC C35  C  Y N 321 
KKC C36  C  Y N 322 
KKC C37  C  N N 323 
KKC C41  C  N N 324 
KKC F01  F  N N 325 
KKC F02  F  N N 326 
KKC F03  F  N N 327 
KKC F04  F  N N 328 
KKC N01  N  N N 329 
KKC N37  N  Y N 330 
KKC N38  N  Y N 331 
KKC N39  N  Y N 332 
KKC N40  N  Y N 333 
KKC O01  O  N N 334 
KKC O02  O  N N 335 
KKC IR2  IR N N 336 
KKC H1   H  N N 337 
KKC H2   H  N N 338 
KKC H3   H  N N 339 
KKC H4   H  N N 340 
KKC H5   H  N N 341 
KKC H6   H  N N 342 
KKC H7   H  N N 343 
KKC H8   H  N N 344 
KKC H9   H  N N 345 
KKC H10  H  N N 346 
KKC H11  H  N N 347 
KKC H12  H  N N 348 
KKC H13  H  N N 349 
KKC H14  H  N N 350 
KKC H15  H  N N 351 
KKC H16  H  N N 352 
KKC H17  H  N N 353 
KKC H18  H  N N 354 
KKC H19  H  N N 355 
KKC H20  H  N N 356 
KKC H21  H  N N 357 
KKC H22  H  N N 358 
KKC H23  H  N N 359 
KKC H24  H  N N 360 
KKC H25  H  N N 361 
LEU N    N  N N 362 
LEU CA   C  N S 363 
LEU C    C  N N 364 
LEU O    O  N N 365 
LEU CB   C  N N 366 
LEU CG   C  N N 367 
LEU CD1  C  N N 368 
LEU CD2  C  N N 369 
LEU OXT  O  N N 370 
LEU H    H  N N 371 
LEU H2   H  N N 372 
LEU HA   H  N N 373 
LEU HB2  H  N N 374 
LEU HB3  H  N N 375 
LEU HG   H  N N 376 
LEU HD11 H  N N 377 
LEU HD12 H  N N 378 
LEU HD13 H  N N 379 
LEU HD21 H  N N 380 
LEU HD22 H  N N 381 
LEU HD23 H  N N 382 
LEU HXT  H  N N 383 
LYS N    N  N N 384 
LYS CA   C  N S 385 
LYS C    C  N N 386 
LYS O    O  N N 387 
LYS CB   C  N N 388 
LYS CG   C  N N 389 
LYS CD   C  N N 390 
LYS CE   C  N N 391 
LYS NZ   N  N N 392 
LYS OXT  O  N N 393 
LYS H    H  N N 394 
LYS H2   H  N N 395 
LYS HA   H  N N 396 
LYS HB2  H  N N 397 
LYS HB3  H  N N 398 
LYS HG2  H  N N 399 
LYS HG3  H  N N 400 
LYS HD2  H  N N 401 
LYS HD3  H  N N 402 
LYS HE2  H  N N 403 
LYS HE3  H  N N 404 
LYS HZ1  H  N N 405 
LYS HZ2  H  N N 406 
LYS HZ3  H  N N 407 
LYS HXT  H  N N 408 
MET N    N  N N 409 
MET CA   C  N S 410 
MET C    C  N N 411 
MET O    O  N N 412 
MET CB   C  N N 413 
MET CG   C  N N 414 
MET SD   S  N N 415 
MET CE   C  N N 416 
MET OXT  O  N N 417 
MET H    H  N N 418 
MET H2   H  N N 419 
MET HA   H  N N 420 
MET HB2  H  N N 421 
MET HB3  H  N N 422 
MET HG2  H  N N 423 
MET HG3  H  N N 424 
MET HE1  H  N N 425 
MET HE2  H  N N 426 
MET HE3  H  N N 427 
MET HXT  H  N N 428 
PHE N    N  N N 429 
PHE CA   C  N S 430 
PHE C    C  N N 431 
PHE O    O  N N 432 
PHE CB   C  N N 433 
PHE CG   C  Y N 434 
PHE CD1  C  Y N 435 
PHE CD2  C  Y N 436 
PHE CE1  C  Y N 437 
PHE CE2  C  Y N 438 
PHE CZ   C  Y N 439 
PHE OXT  O  N N 440 
PHE H    H  N N 441 
PHE H2   H  N N 442 
PHE HA   H  N N 443 
PHE HB2  H  N N 444 
PHE HB3  H  N N 445 
PHE HD1  H  N N 446 
PHE HD2  H  N N 447 
PHE HE1  H  N N 448 
PHE HE2  H  N N 449 
PHE HZ   H  N N 450 
PHE HXT  H  N N 451 
PRO N    N  N N 452 
PRO CA   C  N S 453 
PRO C    C  N N 454 
PRO O    O  N N 455 
PRO CB   C  N N 456 
PRO CG   C  N N 457 
PRO CD   C  N N 458 
PRO OXT  O  N N 459 
PRO H    H  N N 460 
PRO HA   H  N N 461 
PRO HB2  H  N N 462 
PRO HB3  H  N N 463 
PRO HG2  H  N N 464 
PRO HG3  H  N N 465 
PRO HD2  H  N N 466 
PRO HD3  H  N N 467 
PRO HXT  H  N N 468 
SER N    N  N N 469 
SER CA   C  N S 470 
SER C    C  N N 471 
SER O    O  N N 472 
SER CB   C  N N 473 
SER OG   O  N N 474 
SER OXT  O  N N 475 
SER H    H  N N 476 
SER H2   H  N N 477 
SER HA   H  N N 478 
SER HB2  H  N N 479 
SER HB3  H  N N 480 
SER HG   H  N N 481 
SER HXT  H  N N 482 
SO4 S    S  N N 483 
SO4 O1   O  N N 484 
SO4 O2   O  N N 485 
SO4 O3   O  N N 486 
SO4 O4   O  N N 487 
THR N    N  N N 488 
THR CA   C  N S 489 
THR C    C  N N 490 
THR O    O  N N 491 
THR CB   C  N R 492 
THR OG1  O  N N 493 
THR CG2  C  N N 494 
THR OXT  O  N N 495 
THR H    H  N N 496 
THR H2   H  N N 497 
THR HA   H  N N 498 
THR HB   H  N N 499 
THR HG1  H  N N 500 
THR HG21 H  N N 501 
THR HG22 H  N N 502 
THR HG23 H  N N 503 
THR HXT  H  N N 504 
TRP N    N  N N 505 
TRP CA   C  N S 506 
TRP C    C  N N 507 
TRP O    O  N N 508 
TRP CB   C  N N 509 
TRP CG   C  Y N 510 
TRP CD1  C  Y N 511 
TRP CD2  C  Y N 512 
TRP NE1  N  Y N 513 
TRP CE2  C  Y N 514 
TRP CE3  C  Y N 515 
TRP CZ2  C  Y N 516 
TRP CZ3  C  Y N 517 
TRP CH2  C  Y N 518 
TRP OXT  O  N N 519 
TRP H    H  N N 520 
TRP H2   H  N N 521 
TRP HA   H  N N 522 
TRP HB2  H  N N 523 
TRP HB3  H  N N 524 
TRP HD1  H  N N 525 
TRP HE1  H  N N 526 
TRP HE3  H  N N 527 
TRP HZ2  H  N N 528 
TRP HZ3  H  N N 529 
TRP HH2  H  N N 530 
TRP HXT  H  N N 531 
TYR N    N  N N 532 
TYR CA   C  N S 533 
TYR C    C  N N 534 
TYR O    O  N N 535 
TYR CB   C  N N 536 
TYR CG   C  Y N 537 
TYR CD1  C  Y N 538 
TYR CD2  C  Y N 539 
TYR CE1  C  Y N 540 
TYR CE2  C  Y N 541 
TYR CZ   C  Y N 542 
TYR OH   O  N N 543 
TYR OXT  O  N N 544 
TYR H    H  N N 545 
TYR H2   H  N N 546 
TYR HA   H  N N 547 
TYR HB2  H  N N 548 
TYR HB3  H  N N 549 
TYR HD1  H  N N 550 
TYR HD2  H  N N 551 
TYR HE1  H  N N 552 
TYR HE2  H  N N 553 
TYR HH   H  N N 554 
TYR HXT  H  N N 555 
VAL N    N  N N 556 
VAL CA   C  N S 557 
VAL C    C  N N 558 
VAL O    O  N N 559 
VAL CB   C  N N 560 
VAL CG1  C  N N 561 
VAL CG2  C  N N 562 
VAL OXT  O  N N 563 
VAL H    H  N N 564 
VAL H2   H  N N 565 
VAL HA   H  N N 566 
VAL HB   H  N N 567 
VAL HG11 H  N N 568 
VAL HG12 H  N N 569 
VAL HG13 H  N N 570 
VAL HG21 H  N N 571 
VAL HG22 H  N N 572 
VAL HG23 H  N N 573 
VAL HXT  H  N N 574 
# 
loop_
_chem_comp_bond.comp_id 
_chem_comp_bond.atom_id_1 
_chem_comp_bond.atom_id_2 
_chem_comp_bond.value_order 
_chem_comp_bond.pdbx_aromatic_flag 
_chem_comp_bond.pdbx_stereo_config 
_chem_comp_bond.pdbx_ordinal 
ALA N   CA   sing N N 1   
ALA N   H    sing N N 2   
ALA N   H2   sing N N 3   
ALA CA  C    sing N N 4   
ALA CA  CB   sing N N 5   
ALA CA  HA   sing N N 6   
ALA C   O    doub N N 7   
ALA C   OXT  sing N N 8   
ALA CB  HB1  sing N N 9   
ALA CB  HB2  sing N N 10  
ALA CB  HB3  sing N N 11  
ALA OXT HXT  sing N N 12  
ARG N   CA   sing N N 13  
ARG N   H    sing N N 14  
ARG N   H2   sing N N 15  
ARG CA  C    sing N N 16  
ARG CA  CB   sing N N 17  
ARG CA  HA   sing N N 18  
ARG C   O    doub N N 19  
ARG C   OXT  sing N N 20  
ARG CB  CG   sing N N 21  
ARG CB  HB2  sing N N 22  
ARG CB  HB3  sing N N 23  
ARG CG  CD   sing N N 24  
ARG CG  HG2  sing N N 25  
ARG CG  HG3  sing N N 26  
ARG CD  NE   sing N N 27  
ARG CD  HD2  sing N N 28  
ARG CD  HD3  sing N N 29  
ARG NE  CZ   sing N N 30  
ARG NE  HE   sing N N 31  
ARG CZ  NH1  sing N N 32  
ARG CZ  NH2  doub N N 33  
ARG NH1 HH11 sing N N 34  
ARG NH1 HH12 sing N N 35  
ARG NH2 HH21 sing N N 36  
ARG NH2 HH22 sing N N 37  
ARG OXT HXT  sing N N 38  
ASN N   CA   sing N N 39  
ASN N   H    sing N N 40  
ASN N   H2   sing N N 41  
ASN CA  C    sing N N 42  
ASN CA  CB   sing N N 43  
ASN CA  HA   sing N N 44  
ASN C   O    doub N N 45  
ASN C   OXT  sing N N 46  
ASN CB  CG   sing N N 47  
ASN CB  HB2  sing N N 48  
ASN CB  HB3  sing N N 49  
ASN CG  OD1  doub N N 50  
ASN CG  ND2  sing N N 51  
ASN ND2 HD21 sing N N 52  
ASN ND2 HD22 sing N N 53  
ASN OXT HXT  sing N N 54  
ASP N   CA   sing N N 55  
ASP N   H    sing N N 56  
ASP N   H2   sing N N 57  
ASP CA  C    sing N N 58  
ASP CA  CB   sing N N 59  
ASP CA  HA   sing N N 60  
ASP C   O    doub N N 61  
ASP C   OXT  sing N N 62  
ASP CB  CG   sing N N 63  
ASP CB  HB2  sing N N 64  
ASP CB  HB3  sing N N 65  
ASP CG  OD1  doub N N 66  
ASP CG  OD2  sing N N 67  
ASP OD2 HD2  sing N N 68  
ASP OXT HXT  sing N N 69  
BP5 C9  C12  sing N N 70  
BP5 C9  C8   doub Y N 71  
BP5 C9  C11  sing Y N 72  
BP5 C8  C7   sing Y N 73  
BP5 C8  H8   sing N N 74  
BP5 C7  C6   doub Y N 75  
BP5 C7  H7   sing N N 76  
BP5 C6  N2   sing Y N 77  
BP5 C6  C3   sing N N 78  
BP5 C5  C1   doub Y N 79  
BP5 C5  C4   sing Y N 80  
BP5 C5  H5   sing N N 81  
BP5 C4  N1   doub Y N 82  
BP5 C4  H4   sing N N 83  
BP5 C3  C2   doub Y N 84  
BP5 C3  N1   sing Y N 85  
BP5 C2  C1   sing Y N 86  
BP5 C2  H3   sing N N 87  
BP5 C1  H1   sing N N 88  
BP5 C12 CA   sing N N 89  
BP5 C12 H121 sing N N 90  
BP5 C12 H122 sing N N 91  
BP5 C11 N2   doub Y N 92  
BP5 C11 H11  sing N N 93  
BP5 CA  C    sing N N 94  
BP5 CA  N    sing N N 95  
BP5 CA  HA   sing N N 96  
BP5 C   O    doub N N 97  
BP5 C   OXT  sing N N 98  
BP5 OXT HXT  sing N N 99  
BP5 N   H    sing N N 100 
BP5 N   H2   sing N N 101 
CYS N   CA   sing N N 102 
CYS N   H    sing N N 103 
CYS N   H2   sing N N 104 
CYS CA  C    sing N N 105 
CYS CA  CB   sing N N 106 
CYS CA  HA   sing N N 107 
CYS C   O    doub N N 108 
CYS C   OXT  sing N N 109 
CYS CB  SG   sing N N 110 
CYS CB  HB2  sing N N 111 
CYS CB  HB3  sing N N 112 
CYS SG  HG   sing N N 113 
CYS OXT HXT  sing N N 114 
GLN N   CA   sing N N 115 
GLN N   H    sing N N 116 
GLN N   H2   sing N N 117 
GLN CA  C    sing N N 118 
GLN CA  CB   sing N N 119 
GLN CA  HA   sing N N 120 
GLN C   O    doub N N 121 
GLN C   OXT  sing N N 122 
GLN CB  CG   sing N N 123 
GLN CB  HB2  sing N N 124 
GLN CB  HB3  sing N N 125 
GLN CG  CD   sing N N 126 
GLN CG  HG2  sing N N 127 
GLN CG  HG3  sing N N 128 
GLN CD  OE1  doub N N 129 
GLN CD  NE2  sing N N 130 
GLN NE2 HE21 sing N N 131 
GLN NE2 HE22 sing N N 132 
GLN OXT HXT  sing N N 133 
GLU N   CA   sing N N 134 
GLU N   H    sing N N 135 
GLU N   H2   sing N N 136 
GLU CA  C    sing N N 137 
GLU CA  CB   sing N N 138 
GLU CA  HA   sing N N 139 
GLU C   O    doub N N 140 
GLU C   OXT  sing N N 141 
GLU CB  CG   sing N N 142 
GLU CB  HB2  sing N N 143 
GLU CB  HB3  sing N N 144 
GLU CG  CD   sing N N 145 
GLU CG  HG2  sing N N 146 
GLU CG  HG3  sing N N 147 
GLU CD  OE1  doub N N 148 
GLU CD  OE2  sing N N 149 
GLU OE2 HE2  sing N N 150 
GLU OXT HXT  sing N N 151 
GLY N   CA   sing N N 152 
GLY N   H    sing N N 153 
GLY N   H2   sing N N 154 
GLY CA  C    sing N N 155 
GLY CA  HA2  sing N N 156 
GLY CA  HA3  sing N N 157 
GLY C   O    doub N N 158 
GLY C   OXT  sing N N 159 
GLY OXT HXT  sing N N 160 
HIS N   CA   sing N N 161 
HIS N   H    sing N N 162 
HIS N   H2   sing N N 163 
HIS CA  C    sing N N 164 
HIS CA  CB   sing N N 165 
HIS CA  HA   sing N N 166 
HIS C   O    doub N N 167 
HIS C   OXT  sing N N 168 
HIS CB  CG   sing N N 169 
HIS CB  HB2  sing N N 170 
HIS CB  HB3  sing N N 171 
HIS CG  ND1  sing Y N 172 
HIS CG  CD2  doub Y N 173 
HIS ND1 CE1  doub Y N 174 
HIS ND1 HD1  sing N N 175 
HIS CD2 NE2  sing Y N 176 
HIS CD2 HD2  sing N N 177 
HIS CE1 NE2  sing Y N 178 
HIS CE1 HE1  sing N N 179 
HIS NE2 HE2  sing N N 180 
HIS OXT HXT  sing N N 181 
HOH O   H1   sing N N 182 
HOH O   H2   sing N N 183 
ILE N   CA   sing N N 184 
ILE N   H    sing N N 185 
ILE N   H2   sing N N 186 
ILE CA  C    sing N N 187 
ILE CA  CB   sing N N 188 
ILE CA  HA   sing N N 189 
ILE C   O    doub N N 190 
ILE C   OXT  sing N N 191 
ILE CB  CG1  sing N N 192 
ILE CB  CG2  sing N N 193 
ILE CB  HB   sing N N 194 
ILE CG1 CD1  sing N N 195 
ILE CG1 HG12 sing N N 196 
ILE CG1 HG13 sing N N 197 
ILE CG2 HG21 sing N N 198 
ILE CG2 HG22 sing N N 199 
ILE CG2 HG23 sing N N 200 
ILE CD1 HD11 sing N N 201 
ILE CD1 HD12 sing N N 202 
ILE CD1 HD13 sing N N 203 
ILE OXT HXT  sing N N 204 
IRQ O01 C34  doub N N 205 
IRQ C35 C34  sing N N 206 
IRQ C35 C36  sing N N 207 
IRQ C34 N01  sing N N 208 
IRQ C03 C04  doub Y N 209 
IRQ C03 C02  sing Y N 210 
IRQ C04 C05  sing Y N 211 
IRQ C36 C37  sing N N 212 
IRQ N01 C33  sing N N 213 
IRQ N01 C37  sing N N 214 
IRQ C33 C02  sing N N 215 
IRQ C07 C08  doub Y N 216 
IRQ C07 C06  sing Y N 217 
IRQ C02 C01  doub Y N 218 
IRQ C37 O02  doub N N 219 
IRQ C08 C09  sing Y N 220 
IRQ C05 C06  sing N N 221 
IRQ C05 N02  doub Y N 222 
IRQ C06 N03  doub Y N 223 
IRQ C01 N02  sing Y N 224 
IRQ N02 IR1  sing N N 225 
IRQ C09 C10  doub Y N 226 
IRQ N03 C10  sing Y N 227 
IRQ N03 IR1  sing N N 228 
IRQ C23 C22  doub Y N 229 
IRQ C23 C24  sing Y N 230 
IRQ C22 N05  sing Y N 231 
IRQ C24 C25  doub Y N 232 
IRQ N05 IR1  sing N N 233 
IRQ N05 C26  doub Y N 234 
IRQ IR1 N04  sing N N 235 
IRQ IR1 C21  sing N N 236 
IRQ IR1 C32  sing N N 237 
IRQ C11 N04  doub Y N 238 
IRQ C11 C12  sing Y N 239 
IRQ N04 C15  sing Y N 240 
IRQ C12 C13  doub Y N 241 
IRQ C25 C26  sing Y N 242 
IRQ C26 C27  sing N N 243 
IRQ C21 C20  doub Y N 244 
IRQ C21 C16  sing Y N 245 
IRQ C20 C19  sing Y N 246 
IRQ C15 C16  sing N N 247 
IRQ C15 C14  doub Y N 248 
IRQ C13 C14  sing Y N 249 
IRQ C32 C27  doub Y N 250 
IRQ C32 C31  sing Y N 251 
IRQ C16 C17  doub Y N 252 
IRQ C27 C28  sing Y N 253 
IRQ C19 F03  sing N N 254 
IRQ C19 C18  doub Y N 255 
IRQ C17 C18  sing Y N 256 
IRQ C17 F04  sing N N 257 
IRQ C31 C30  doub Y N 258 
IRQ C28 F02  sing N N 259 
IRQ C28 C29  doub Y N 260 
IRQ C30 C29  sing Y N 261 
IRQ C30 F01  sing N N 262 
IRQ C01 H1   sing N N 263 
IRQ C03 H2   sing N N 264 
IRQ C04 H3   sing N N 265 
IRQ C07 H4   sing N N 266 
IRQ C08 H5   sing N N 267 
IRQ C09 H6   sing N N 268 
IRQ C10 H7   sing N N 269 
IRQ C11 H8   sing N N 270 
IRQ C12 H9   sing N N 271 
IRQ C13 H10  sing N N 272 
IRQ C14 H11  sing N N 273 
IRQ C18 H12  sing N N 274 
IRQ C20 H13  sing N N 275 
IRQ C22 H14  sing N N 276 
IRQ C23 H15  sing N N 277 
IRQ C24 H16  sing N N 278 
IRQ C25 H17  sing N N 279 
IRQ C29 H18  sing N N 280 
IRQ C31 H19  sing N N 281 
IRQ C33 H20  sing N N 282 
IRQ C33 H21  sing N N 283 
IRQ C35 H22  sing N N 284 
IRQ C35 H23  sing N N 285 
IRQ C36 H24  sing N N 286 
IRQ C36 H25  sing N N 287 
KKC O01 C37  doub N N 288 
KKC C04 C37  sing N N 289 
KKC C04 C03  sing N N 290 
KKC C37 N01  sing N N 291 
KKC C03 C02  sing N N 292 
KKC C22 C21  doub Y N 293 
KKC C22 C23  sing Y N 294 
KKC C21 C20  sing Y N 295 
KKC N01 C02  sing N N 296 
KKC N01 C41  sing N N 297 
KKC C26 C28  doub Y N 298 
KKC C26 C25  sing Y N 299 
KKC C02 O02  doub N N 300 
KKC C41 C23  sing N N 301 
KKC C23 C24  doub Y N 302 
KKC C28 C29  sing Y N 303 
KKC C20 C25  sing N N 304 
KKC C20 N39  doub Y N 305 
KKC C11 C10  doub Y N 306 
KKC C11 C12  sing Y N 307 
KKC C25 N40  doub Y N 308 
KKC C10 C09  sing Y N 309 
KKC C12 N38  doub Y N 310 
KKC C24 N39  sing Y N 311 
KKC C29 C30  doub Y N 312 
KKC N39 IR2  sing N N 313 
KKC N40 C30  sing Y N 314 
KKC N40 IR2  sing N N 315 
KKC C09 C08  doub Y N 316 
KKC N38 C08  sing Y N 317 
KKC N38 IR2  sing N N 318 
KKC C08 C13  sing N N 319 
KKC IR2 N37  sing N N 320 
KKC IR2 C19  sing N N 321 
KKC IR2 C07  sing N N 322 
KKC C32 N37  doub Y N 323 
KKC C32 C31  sing Y N 324 
KKC C13 C19  doub Y N 325 
KKC C13 C14  sing Y N 326 
KKC N37 C05  sing Y N 327 
KKC F01 C14  sing N N 328 
KKC C19 C18  sing Y N 329 
KKC C31 C27  doub Y N 330 
KKC C14 C15  doub Y N 331 
KKC C07 C06  doub Y N 332 
KKC C07 C33  sing Y N 333 
KKC C06 C36  sing Y N 334 
KKC C18 C17  doub Y N 335 
KKC C05 C33  sing N N 336 
KKC C05 C16  doub Y N 337 
KKC C15 C17  sing Y N 338 
KKC C27 C16  sing Y N 339 
KKC C33 C34  doub Y N 340 
KKC C17 F02  sing N N 341 
KKC C36 F04  sing N N 342 
KKC C36 C35  doub Y N 343 
KKC C34 C35  sing Y N 344 
KKC C34 F03  sing N N 345 
KKC C10 H1   sing N N 346 
KKC C15 H2   sing N N 347 
KKC C21 H3   sing N N 348 
KKC C22 H4   sing N N 349 
KKC C24 H5   sing N N 350 
KKC C11 H6   sing N N 351 
KKC C12 H7   sing N N 352 
KKC C16 H8   sing N N 353 
KKC C18 H9   sing N N 354 
KKC C03 H10  sing N N 355 
KKC C03 H11  sing N N 356 
KKC C04 H12  sing N N 357 
KKC C04 H13  sing N N 358 
KKC C06 H14  sing N N 359 
KKC C09 H15  sing N N 360 
KKC C26 H16  sing N N 361 
KKC C27 H17  sing N N 362 
KKC C28 H18  sing N N 363 
KKC C29 H19  sing N N 364 
KKC C30 H20  sing N N 365 
KKC C31 H21  sing N N 366 
KKC C32 H22  sing N N 367 
KKC C35 H23  sing N N 368 
KKC C41 H24  sing N N 369 
KKC C41 H25  sing N N 370 
LEU N   CA   sing N N 371 
LEU N   H    sing N N 372 
LEU N   H2   sing N N 373 
LEU CA  C    sing N N 374 
LEU CA  CB   sing N N 375 
LEU CA  HA   sing N N 376 
LEU C   O    doub N N 377 
LEU C   OXT  sing N N 378 
LEU CB  CG   sing N N 379 
LEU CB  HB2  sing N N 380 
LEU CB  HB3  sing N N 381 
LEU CG  CD1  sing N N 382 
LEU CG  CD2  sing N N 383 
LEU CG  HG   sing N N 384 
LEU CD1 HD11 sing N N 385 
LEU CD1 HD12 sing N N 386 
LEU CD1 HD13 sing N N 387 
LEU CD2 HD21 sing N N 388 
LEU CD2 HD22 sing N N 389 
LEU CD2 HD23 sing N N 390 
LEU OXT HXT  sing N N 391 
LYS N   CA   sing N N 392 
LYS N   H    sing N N 393 
LYS N   H2   sing N N 394 
LYS CA  C    sing N N 395 
LYS CA  CB   sing N N 396 
LYS CA  HA   sing N N 397 
LYS C   O    doub N N 398 
LYS C   OXT  sing N N 399 
LYS CB  CG   sing N N 400 
LYS CB  HB2  sing N N 401 
LYS CB  HB3  sing N N 402 
LYS CG  CD   sing N N 403 
LYS CG  HG2  sing N N 404 
LYS CG  HG3  sing N N 405 
LYS CD  CE   sing N N 406 
LYS CD  HD2  sing N N 407 
LYS CD  HD3  sing N N 408 
LYS CE  NZ   sing N N 409 
LYS CE  HE2  sing N N 410 
LYS CE  HE3  sing N N 411 
LYS NZ  HZ1  sing N N 412 
LYS NZ  HZ2  sing N N 413 
LYS NZ  HZ3  sing N N 414 
LYS OXT HXT  sing N N 415 
MET N   CA   sing N N 416 
MET N   H    sing N N 417 
MET N   H2   sing N N 418 
MET CA  C    sing N N 419 
MET CA  CB   sing N N 420 
MET CA  HA   sing N N 421 
MET C   O    doub N N 422 
MET C   OXT  sing N N 423 
MET CB  CG   sing N N 424 
MET CB  HB2  sing N N 425 
MET CB  HB3  sing N N 426 
MET CG  SD   sing N N 427 
MET CG  HG2  sing N N 428 
MET CG  HG3  sing N N 429 
MET SD  CE   sing N N 430 
MET CE  HE1  sing N N 431 
MET CE  HE2  sing N N 432 
MET CE  HE3  sing N N 433 
MET OXT HXT  sing N N 434 
PHE N   CA   sing N N 435 
PHE N   H    sing N N 436 
PHE N   H2   sing N N 437 
PHE CA  C    sing N N 438 
PHE CA  CB   sing N N 439 
PHE CA  HA   sing N N 440 
PHE C   O    doub N N 441 
PHE C   OXT  sing N N 442 
PHE CB  CG   sing N N 443 
PHE CB  HB2  sing N N 444 
PHE CB  HB3  sing N N 445 
PHE CG  CD1  doub Y N 446 
PHE CG  CD2  sing Y N 447 
PHE CD1 CE1  sing Y N 448 
PHE CD1 HD1  sing N N 449 
PHE CD2 CE2  doub Y N 450 
PHE CD2 HD2  sing N N 451 
PHE CE1 CZ   doub Y N 452 
PHE CE1 HE1  sing N N 453 
PHE CE2 CZ   sing Y N 454 
PHE CE2 HE2  sing N N 455 
PHE CZ  HZ   sing N N 456 
PHE OXT HXT  sing N N 457 
PRO N   CA   sing N N 458 
PRO N   CD   sing N N 459 
PRO N   H    sing N N 460 
PRO CA  C    sing N N 461 
PRO CA  CB   sing N N 462 
PRO CA  HA   sing N N 463 
PRO C   O    doub N N 464 
PRO C   OXT  sing N N 465 
PRO CB  CG   sing N N 466 
PRO CB  HB2  sing N N 467 
PRO CB  HB3  sing N N 468 
PRO CG  CD   sing N N 469 
PRO CG  HG2  sing N N 470 
PRO CG  HG3  sing N N 471 
PRO CD  HD2  sing N N 472 
PRO CD  HD3  sing N N 473 
PRO OXT HXT  sing N N 474 
SER N   CA   sing N N 475 
SER N   H    sing N N 476 
SER N   H2   sing N N 477 
SER CA  C    sing N N 478 
SER CA  CB   sing N N 479 
SER CA  HA   sing N N 480 
SER C   O    doub N N 481 
SER C   OXT  sing N N 482 
SER CB  OG   sing N N 483 
SER CB  HB2  sing N N 484 
SER CB  HB3  sing N N 485 
SER OG  HG   sing N N 486 
SER OXT HXT  sing N N 487 
SO4 S   O1   doub N N 488 
SO4 S   O2   doub N N 489 
SO4 S   O3   sing N N 490 
SO4 S   O4   sing N N 491 
THR N   CA   sing N N 492 
THR N   H    sing N N 493 
THR N   H2   sing N N 494 
THR CA  C    sing N N 495 
THR CA  CB   sing N N 496 
THR CA  HA   sing N N 497 
THR C   O    doub N N 498 
THR C   OXT  sing N N 499 
THR CB  OG1  sing N N 500 
THR CB  CG2  sing N N 501 
THR CB  HB   sing N N 502 
THR OG1 HG1  sing N N 503 
THR CG2 HG21 sing N N 504 
THR CG2 HG22 sing N N 505 
THR CG2 HG23 sing N N 506 
THR OXT HXT  sing N N 507 
TRP N   CA   sing N N 508 
TRP N   H    sing N N 509 
TRP N   H2   sing N N 510 
TRP CA  C    sing N N 511 
TRP CA  CB   sing N N 512 
TRP CA  HA   sing N N 513 
TRP C   O    doub N N 514 
TRP C   OXT  sing N N 515 
TRP CB  CG   sing N N 516 
TRP CB  HB2  sing N N 517 
TRP CB  HB3  sing N N 518 
TRP CG  CD1  doub Y N 519 
TRP CG  CD2  sing Y N 520 
TRP CD1 NE1  sing Y N 521 
TRP CD1 HD1  sing N N 522 
TRP CD2 CE2  doub Y N 523 
TRP CD2 CE3  sing Y N 524 
TRP NE1 CE2  sing Y N 525 
TRP NE1 HE1  sing N N 526 
TRP CE2 CZ2  sing Y N 527 
TRP CE3 CZ3  doub Y N 528 
TRP CE3 HE3  sing N N 529 
TRP CZ2 CH2  doub Y N 530 
TRP CZ2 HZ2  sing N N 531 
TRP CZ3 CH2  sing Y N 532 
TRP CZ3 HZ3  sing N N 533 
TRP CH2 HH2  sing N N 534 
TRP OXT HXT  sing N N 535 
TYR N   CA   sing N N 536 
TYR N   H    sing N N 537 
TYR N   H2   sing N N 538 
TYR CA  C    sing N N 539 
TYR CA  CB   sing N N 540 
TYR CA  HA   sing N N 541 
TYR C   O    doub N N 542 
TYR C   OXT  sing N N 543 
TYR CB  CG   sing N N 544 
TYR CB  HB2  sing N N 545 
TYR CB  HB3  sing N N 546 
TYR CG  CD1  doub Y N 547 
TYR CG  CD2  sing Y N 548 
TYR CD1 CE1  sing Y N 549 
TYR CD1 HD1  sing N N 550 
TYR CD2 CE2  doub Y N 551 
TYR CD2 HD2  sing N N 552 
TYR CE1 CZ   doub Y N 553 
TYR CE1 HE1  sing N N 554 
TYR CE2 CZ   sing Y N 555 
TYR CE2 HE2  sing N N 556 
TYR CZ  OH   sing N N 557 
TYR OH  HH   sing N N 558 
TYR OXT HXT  sing N N 559 
VAL N   CA   sing N N 560 
VAL N   H    sing N N 561 
VAL N   H2   sing N N 562 
VAL CA  C    sing N N 563 
VAL CA  CB   sing N N 564 
VAL CA  HA   sing N N 565 
VAL C   O    doub N N 566 
VAL C   OXT  sing N N 567 
VAL CB  CG1  sing N N 568 
VAL CB  CG2  sing N N 569 
VAL CB  HB   sing N N 570 
VAL CG1 HG11 sing N N 571 
VAL CG1 HG12 sing N N 572 
VAL CG1 HG13 sing N N 573 
VAL CG2 HG21 sing N N 574 
VAL CG2 HG22 sing N N 575 
VAL CG2 HG23 sing N N 576 
VAL OXT HXT  sing N N 577 
# 
_pdbx_audit_support.funding_organization   'National Research Foundation (NRF, Korea)' 
_pdbx_audit_support.country                'Korea, Republic Of' 
_pdbx_audit_support.grant_number           ? 
_pdbx_audit_support.ordinal                1 
# 
loop_
_pdbx_entity_nonpoly.entity_id 
_pdbx_entity_nonpoly.name 
_pdbx_entity_nonpoly.comp_id 
2 "delta-{1-([2,2'-bipyridin]-5-ylmethyl)pyrrolidine-2,5-dione}bis[2-(2,4-difluorophenyl)pyridine)]iridium(III)"  KKC 
3 "lambda-{1-([2,2'-bipyridin]-5-ylmethyl)pyrrolidine-2,5-dione}bis[2-(2,4-difluorophenyl)pyridine)]iridium(III)" IRQ 
4 'SULFATE ION'                                                                                                   SO4 
5 water                                                                                                           HOH 
# 
_pdbx_initial_refinement_model.id               1 
_pdbx_initial_refinement_model.entity_id_list   ? 
_pdbx_initial_refinement_model.type             'experimental model' 
_pdbx_initial_refinement_model.source_name      PDB 
_pdbx_initial_refinement_model.accession_code   1VXA 
_pdbx_initial_refinement_model.details          ? 
# 
_pdbx_struct_assembly_auth_evidence.id                     1 
_pdbx_struct_assembly_auth_evidence.assembly_id            1 
_pdbx_struct_assembly_auth_evidence.experimental_support   'gel filtration' 
_pdbx_struct_assembly_auth_evidence.details                'intact mass spectrometry' 
# 
_space_group.name_H-M_alt     'P 21 21 21' 
_space_group.name_Hall        'P 2ac 2ab' 
_space_group.IT_number        19 
_space_group.crystal_system   orthorhombic 
_space_group.id               1 
# 
